data_4M02
# 
_entry.id   4M02 
# 
_audit_conform.dict_name       mmcif_pdbx.dic 
_audit_conform.dict_version    5.381 
_audit_conform.dict_location   http://mmcif.pdb.org/dictionaries/ascii/mmcif_pdbx.dic 
# 
loop_
_database_2.database_id 
_database_2.database_code 
_database_2.pdbx_database_accession 
_database_2.pdbx_DOI 
PDB   4M02         pdb_00004m02 10.2210/pdb4m02/pdb 
RCSB  RCSB081295   ?            ?                   
WWPDB D_1000081295 ?            ?                   
# 
loop_
_pdbx_database_related.db_name 
_pdbx_database_related.db_id 
_pdbx_database_related.details 
_pdbx_database_related.content_type 
PDB 4M00 . unspecified 
PDB 4M01 . unspecified 
PDB 4M03 . unspecified 
# 
_pdbx_database_status.status_code                     REL 
_pdbx_database_status.entry_id                        4M02 
_pdbx_database_status.recvd_initial_deposition_date   2013-08-01 
_pdbx_database_status.deposit_site                    RCSB 
_pdbx_database_status.process_site                    PDBJ 
_pdbx_database_status.methods_development_category    ? 
_pdbx_database_status.status_code_sf                  REL 
_pdbx_database_status.status_code_mr                  ? 
_pdbx_database_status.SG_entry                        ? 
_pdbx_database_status.status_code_cs                  ? 
_pdbx_database_status.pdb_format_compatible           Y 
_pdbx_database_status.status_code_nmr_data            ? 
# 
loop_
_audit_author.name 
_audit_author.pdbx_ordinal 
'Yang, Y.H.'  1 
'Jiang, Y.L.' 2 
'Zhang, J.'   3 
'Wang, L.'    4 
'Chen, Y.'    5 
'Zhou, C.Z.'  6 
# 
_citation.id                        primary 
_citation.title                     'Structural Insights into SraP-Mediated Staphylococcus aureus Adhesion to Host Cells' 
_citation.journal_abbrev            'Plos Pathog.' 
_citation.journal_volume            10 
_citation.page_first                e1004169 
_citation.page_last                 e1004169 
_citation.year                      2014 
_citation.journal_id_ASTM           ? 
_citation.country                   US 
_citation.journal_id_ISSN           1553-7366 
_citation.journal_id_CSD            ? 
_citation.book_publisher            ? 
_citation.pdbx_database_id_PubMed   24901708 
_citation.pdbx_database_id_DOI      10.1371/journal.ppat.1004169 
# 
loop_
_citation_author.citation_id 
_citation_author.name 
_citation_author.ordinal 
_citation_author.identifier_ORCID 
primary 'Yang, Y.H.'  1  ? 
primary 'Jiang, Y.L.' 2  ? 
primary 'Zhang, J.'   3  ? 
primary 'Wang, L.'    4  ? 
primary 'Bai, X.H.'   5  ? 
primary 'Zhang, S.J.' 6  ? 
primary 'Ren, Y.M.'   7  ? 
primary 'Li, N.'      8  ? 
primary 'Zhang, Y.H.' 9  ? 
primary 'Zhang, Z.'   10 ? 
primary 'Gong, Q.'    11 ? 
primary 'Mei, Y.'     12 ? 
primary 'Xue, T.'     13 ? 
primary 'Zhang, J.R.' 14 ? 
primary 'Chen, Y.'    15 ? 
primary 'Zhou, C.Z.'  16 ? 
# 
_cell.entry_id           4M02 
_cell.length_a           32.984 
_cell.length_b           46.461 
_cell.length_c           47.594 
_cell.angle_alpha        90.00 
_cell.angle_beta         102.64 
_cell.angle_gamma        90.00 
_cell.Z_PDB              2 
_cell.pdbx_unique_axis   ? 
_cell.length_a_esd       ? 
_cell.length_b_esd       ? 
_cell.length_c_esd       ? 
_cell.angle_alpha_esd    ? 
_cell.angle_beta_esd     ? 
_cell.angle_gamma_esd    ? 
# 
_symmetry.entry_id                         4M02 
_symmetry.space_group_name_H-M             'P 1 21 1' 
_symmetry.pdbx_full_space_group_name_H-M   ? 
_symmetry.cell_setting                     ? 
_symmetry.Int_Tables_number                4 
_symmetry.space_group_name_Hall            ? 
# 
loop_
_entity.id 
_entity.type 
_entity.src_method 
_entity.pdbx_description 
_entity.formula_weight 
_entity.pdbx_number_of_molecules 
_entity.pdbx_ec 
_entity.pdbx_mutation 
_entity.pdbx_fragment 
_entity.details 
1 polymer     man 'Serine-rich adhesin for platelets' 21468.520 1   ? ? 'Middle fragment of binding region, UNP residues 494-663' 
? 
2 non-polymer syn 'CALCIUM ION'                       40.078    1   ? ? ?                                                         
? 
3 non-polymer syn GLYCEROL                            92.094    1   ? ? ?                                                         
? 
4 water       nat water                               18.015    267 ? ? ?                                                         
? 
# 
_entity_name_com.entity_id   1 
_entity_name_com.name        'Staphylococcus aureus surface protein A' 
# 
_entity_poly.entity_id                      1 
_entity_poly.type                           'polypeptide(L)' 
_entity_poly.nstd_linkage                   no 
_entity_poly.nstd_monomer                   no 
_entity_poly.pdbx_seq_one_letter_code       
;MGSSHHHHHHSSGLVPRGSHMASMTGGQQMGRGSSAVTQVRYVDVTTGKDIIPPKTYSGNVDQVVTIDNQQSALTAKGYN
YTSVDSSYASTYNDTNKTVKMTNAGQSVTYYFTDVKAPTVTVGNQTIEVGKTMNPIVLTTTDNGTGTVTNTVTGLPSGLS
YDSATNSIIGTPTKIGQSTVTVVSTDQANNKSTTTFTINVVDTT
;
_entity_poly.pdbx_seq_one_letter_code_can   
;MGSSHHHHHHSSGLVPRGSHMASMTGGQQMGRGSSAVTQVRYVDVTTGKDIIPPKTYSGNVDQVVTIDNQQSALTAKGYN
YTSVDSSYASTYNDTNKTVKMTNAGQSVTYYFTDVKAPTVTVGNQTIEVGKTMNPIVLTTTDNGTGTVTNTVTGLPSGLS
YDSATNSIIGTPTKIGQSTVTVVSTDQANNKSTTTFTINVVDTT
;
_entity_poly.pdbx_strand_id                 A 
_entity_poly.pdbx_target_identifier         ? 
# 
loop_
_entity_poly_seq.entity_id 
_entity_poly_seq.num 
_entity_poly_seq.mon_id 
_entity_poly_seq.hetero 
1 1   MET n 
1 2   GLY n 
1 3   SER n 
1 4   SER n 
1 5   HIS n 
1 6   HIS n 
1 7   HIS n 
1 8   HIS n 
1 9   HIS n 
1 10  HIS n 
1 11  SER n 
1 12  SER n 
1 13  GLY n 
1 14  LEU n 
1 15  VAL n 
1 16  PRO n 
1 17  ARG n 
1 18  GLY n 
1 19  SER n 
1 20  HIS n 
1 21  MET n 
1 22  ALA n 
1 23  SER n 
1 24  MET n 
1 25  THR n 
1 26  GLY n 
1 27  GLY n 
1 28  GLN n 
1 29  GLN n 
1 30  MET n 
1 31  GLY n 
1 32  ARG n 
1 33  GLY n 
1 34  SER n 
1 35  SER n 
1 36  ALA n 
1 37  VAL n 
1 38  THR n 
1 39  GLN n 
1 40  VAL n 
1 41  ARG n 
1 42  TYR n 
1 43  VAL n 
1 44  ASP n 
1 45  VAL n 
1 46  THR n 
1 47  THR n 
1 48  GLY n 
1 49  LYS n 
1 50  ASP n 
1 51  ILE n 
1 52  ILE n 
1 53  PRO n 
1 54  PRO n 
1 55  LYS n 
1 56  THR n 
1 57  TYR n 
1 58  SER n 
1 59  GLY n 
1 60  ASN n 
1 61  VAL n 
1 62  ASP n 
1 63  GLN n 
1 64  VAL n 
1 65  VAL n 
1 66  THR n 
1 67  ILE n 
1 68  ASP n 
1 69  ASN n 
1 70  GLN n 
1 71  GLN n 
1 72  SER n 
1 73  ALA n 
1 74  LEU n 
1 75  THR n 
1 76  ALA n 
1 77  LYS n 
1 78  GLY n 
1 79  TYR n 
1 80  ASN n 
1 81  TYR n 
1 82  THR n 
1 83  SER n 
1 84  VAL n 
1 85  ASP n 
1 86  SER n 
1 87  SER n 
1 88  TYR n 
1 89  ALA n 
1 90  SER n 
1 91  THR n 
1 92  TYR n 
1 93  ASN n 
1 94  ASP n 
1 95  THR n 
1 96  ASN n 
1 97  LYS n 
1 98  THR n 
1 99  VAL n 
1 100 LYS n 
1 101 MET n 
1 102 THR n 
1 103 ASN n 
1 104 ALA n 
1 105 GLY n 
1 106 GLN n 
1 107 SER n 
1 108 VAL n 
1 109 THR n 
1 110 TYR n 
1 111 TYR n 
1 112 PHE n 
1 113 THR n 
1 114 ASP n 
1 115 VAL n 
1 116 LYS n 
1 117 ALA n 
1 118 PRO n 
1 119 THR n 
1 120 VAL n 
1 121 THR n 
1 122 VAL n 
1 123 GLY n 
1 124 ASN n 
1 125 GLN n 
1 126 THR n 
1 127 ILE n 
1 128 GLU n 
1 129 VAL n 
1 130 GLY n 
1 131 LYS n 
1 132 THR n 
1 133 MET n 
1 134 ASN n 
1 135 PRO n 
1 136 ILE n 
1 137 VAL n 
1 138 LEU n 
1 139 THR n 
1 140 THR n 
1 141 THR n 
1 142 ASP n 
1 143 ASN n 
1 144 GLY n 
1 145 THR n 
1 146 GLY n 
1 147 THR n 
1 148 VAL n 
1 149 THR n 
1 150 ASN n 
1 151 THR n 
1 152 VAL n 
1 153 THR n 
1 154 GLY n 
1 155 LEU n 
1 156 PRO n 
1 157 SER n 
1 158 GLY n 
1 159 LEU n 
1 160 SER n 
1 161 TYR n 
1 162 ASP n 
1 163 SER n 
1 164 ALA n 
1 165 THR n 
1 166 ASN n 
1 167 SER n 
1 168 ILE n 
1 169 ILE n 
1 170 GLY n 
1 171 THR n 
1 172 PRO n 
1 173 THR n 
1 174 LYS n 
1 175 ILE n 
1 176 GLY n 
1 177 GLN n 
1 178 SER n 
1 179 THR n 
1 180 VAL n 
1 181 THR n 
1 182 VAL n 
1 183 VAL n 
1 184 SER n 
1 185 THR n 
1 186 ASP n 
1 187 GLN n 
1 188 ALA n 
1 189 ASN n 
1 190 ASN n 
1 191 LYS n 
1 192 SER n 
1 193 THR n 
1 194 THR n 
1 195 THR n 
1 196 PHE n 
1 197 THR n 
1 198 ILE n 
1 199 ASN n 
1 200 VAL n 
1 201 VAL n 
1 202 ASP n 
1 203 THR n 
1 204 THR n 
# 
_entity_src_gen.entity_id                          1 
_entity_src_gen.pdbx_src_id                        1 
_entity_src_gen.pdbx_alt_source_flag               sample 
_entity_src_gen.pdbx_seq_type                      ? 
_entity_src_gen.pdbx_beg_seq_num                   ? 
_entity_src_gen.pdbx_end_seq_num                   ? 
_entity_src_gen.gene_src_common_name               ? 
_entity_src_gen.gene_src_genus                     ? 
_entity_src_gen.pdbx_gene_src_gene                 sraP 
_entity_src_gen.gene_src_species                   ? 
_entity_src_gen.gene_src_strain                    'NCTC 8325' 
_entity_src_gen.gene_src_tissue                    ? 
_entity_src_gen.gene_src_tissue_fraction           ? 
_entity_src_gen.gene_src_details                   ? 
_entity_src_gen.pdbx_gene_src_fragment             ? 
_entity_src_gen.pdbx_gene_src_scientific_name      'Staphylococcus aureus' 
_entity_src_gen.pdbx_gene_src_ncbi_taxonomy_id     93061 
_entity_src_gen.pdbx_gene_src_variant              ? 
_entity_src_gen.pdbx_gene_src_cell_line            ? 
_entity_src_gen.pdbx_gene_src_atcc                 ? 
_entity_src_gen.pdbx_gene_src_organ                ? 
_entity_src_gen.pdbx_gene_src_organelle            ? 
_entity_src_gen.pdbx_gene_src_cell                 ? 
_entity_src_gen.pdbx_gene_src_cellular_location    ? 
_entity_src_gen.host_org_common_name               ? 
_entity_src_gen.pdbx_host_org_scientific_name      'Escherichia coli' 
_entity_src_gen.pdbx_host_org_ncbi_taxonomy_id     562 
_entity_src_gen.host_org_genus                     ? 
_entity_src_gen.pdbx_host_org_gene                 ? 
_entity_src_gen.pdbx_host_org_organ                ? 
_entity_src_gen.host_org_species                   ? 
_entity_src_gen.pdbx_host_org_tissue               ? 
_entity_src_gen.pdbx_host_org_tissue_fraction      ? 
_entity_src_gen.pdbx_host_org_strain               BL21 
_entity_src_gen.pdbx_host_org_variant              ? 
_entity_src_gen.pdbx_host_org_cell_line            ? 
_entity_src_gen.pdbx_host_org_atcc                 ? 
_entity_src_gen.pdbx_host_org_culture_collection   ? 
_entity_src_gen.pdbx_host_org_cell                 ? 
_entity_src_gen.pdbx_host_org_organelle            ? 
_entity_src_gen.pdbx_host_org_cellular_location    ? 
_entity_src_gen.pdbx_host_org_vector_type          PLASMID 
_entity_src_gen.pdbx_host_org_vector               ? 
_entity_src_gen.host_org_details                   ? 
_entity_src_gen.expression_system_id               ? 
_entity_src_gen.plasmid_name                       pET28a 
_entity_src_gen.plasmid_details                    ? 
_entity_src_gen.pdbx_description                   ? 
# 
_struct_ref.id                         1 
_struct_ref.db_name                    UNP 
_struct_ref.db_code                    SRAP_STAA8 
_struct_ref.pdbx_db_accession          Q2FUW1 
_struct_ref.entity_id                  1 
_struct_ref.pdbx_seq_one_letter_code   
;SAVTQVRYVDVTTGKDIIPPKTYSGNVDQVVTIDNQQSALTAKGYNYTSVDSSYASTYNDTNKTVKMTNAGQSVTYYFTD
VKAPTVTVGNQTIEVGKTMNPIVLTTTDNGTGTVTNTVTGLPSGLSYDSATNSIIGTPTKIGQSTVTVVSTDQANNKSTT
TFTINVVDTT
;
_struct_ref.pdbx_align_begin           494 
_struct_ref.pdbx_db_isoform            ? 
# 
_struct_ref_seq.align_id                      1 
_struct_ref_seq.ref_id                        1 
_struct_ref_seq.pdbx_PDB_id_code              4M02 
_struct_ref_seq.pdbx_strand_id                A 
_struct_ref_seq.seq_align_beg                 35 
_struct_ref_seq.pdbx_seq_align_beg_ins_code   ? 
_struct_ref_seq.seq_align_end                 204 
_struct_ref_seq.pdbx_seq_align_end_ins_code   ? 
_struct_ref_seq.pdbx_db_accession             Q2FUW1 
_struct_ref_seq.db_align_beg                  494 
_struct_ref_seq.pdbx_db_align_beg_ins_code    ? 
_struct_ref_seq.db_align_end                  663 
_struct_ref_seq.pdbx_db_align_end_ins_code    ? 
_struct_ref_seq.pdbx_auth_seq_align_beg       494 
_struct_ref_seq.pdbx_auth_seq_align_end       663 
# 
loop_
_struct_ref_seq_dif.align_id 
_struct_ref_seq_dif.pdbx_pdb_id_code 
_struct_ref_seq_dif.mon_id 
_struct_ref_seq_dif.pdbx_pdb_strand_id 
_struct_ref_seq_dif.seq_num 
_struct_ref_seq_dif.pdbx_pdb_ins_code 
_struct_ref_seq_dif.pdbx_seq_db_name 
_struct_ref_seq_dif.pdbx_seq_db_accession_code 
_struct_ref_seq_dif.db_mon_id 
_struct_ref_seq_dif.pdbx_seq_db_seq_num 
_struct_ref_seq_dif.details 
_struct_ref_seq_dif.pdbx_auth_seq_num 
_struct_ref_seq_dif.pdbx_ordinal 
1 4M02 MET A 1  ? UNP Q2FUW1 ? ? 'expression tag' 460 1  
1 4M02 GLY A 2  ? UNP Q2FUW1 ? ? 'expression tag' 461 2  
1 4M02 SER A 3  ? UNP Q2FUW1 ? ? 'expression tag' 462 3  
1 4M02 SER A 4  ? UNP Q2FUW1 ? ? 'expression tag' 463 4  
1 4M02 HIS A 5  ? UNP Q2FUW1 ? ? 'expression tag' 464 5  
1 4M02 HIS A 6  ? UNP Q2FUW1 ? ? 'expression tag' 465 6  
1 4M02 HIS A 7  ? UNP Q2FUW1 ? ? 'expression tag' 466 7  
1 4M02 HIS A 8  ? UNP Q2FUW1 ? ? 'expression tag' 467 8  
1 4M02 HIS A 9  ? UNP Q2FUW1 ? ? 'expression tag' 468 9  
1 4M02 HIS A 10 ? UNP Q2FUW1 ? ? 'expression tag' 469 10 
1 4M02 SER A 11 ? UNP Q2FUW1 ? ? 'expression tag' 470 11 
1 4M02 SER A 12 ? UNP Q2FUW1 ? ? 'expression tag' 471 12 
1 4M02 GLY A 13 ? UNP Q2FUW1 ? ? 'expression tag' 472 13 
1 4M02 LEU A 14 ? UNP Q2FUW1 ? ? 'expression tag' 473 14 
1 4M02 VAL A 15 ? UNP Q2FUW1 ? ? 'expression tag' 474 15 
1 4M02 PRO A 16 ? UNP Q2FUW1 ? ? 'expression tag' 475 16 
1 4M02 ARG A 17 ? UNP Q2FUW1 ? ? 'expression tag' 476 17 
1 4M02 GLY A 18 ? UNP Q2FUW1 ? ? 'expression tag' 477 18 
1 4M02 SER A 19 ? UNP Q2FUW1 ? ? 'expression tag' 478 19 
1 4M02 HIS A 20 ? UNP Q2FUW1 ? ? 'expression tag' 479 20 
1 4M02 MET A 21 ? UNP Q2FUW1 ? ? 'expression tag' 480 21 
1 4M02 ALA A 22 ? UNP Q2FUW1 ? ? 'expression tag' 481 22 
1 4M02 SER A 23 ? UNP Q2FUW1 ? ? 'expression tag' 482 23 
1 4M02 MET A 24 ? UNP Q2FUW1 ? ? 'expression tag' 483 24 
1 4M02 THR A 25 ? UNP Q2FUW1 ? ? 'expression tag' 484 25 
1 4M02 GLY A 26 ? UNP Q2FUW1 ? ? 'expression tag' 485 26 
1 4M02 GLY A 27 ? UNP Q2FUW1 ? ? 'expression tag' 486 27 
1 4M02 GLN A 28 ? UNP Q2FUW1 ? ? 'expression tag' 487 28 
1 4M02 GLN A 29 ? UNP Q2FUW1 ? ? 'expression tag' 488 29 
1 4M02 MET A 30 ? UNP Q2FUW1 ? ? 'expression tag' 489 30 
1 4M02 GLY A 31 ? UNP Q2FUW1 ? ? 'expression tag' 490 31 
1 4M02 ARG A 32 ? UNP Q2FUW1 ? ? 'expression tag' 491 32 
1 4M02 GLY A 33 ? UNP Q2FUW1 ? ? 'expression tag' 492 33 
1 4M02 SER A 34 ? UNP Q2FUW1 ? ? 'expression tag' 493 34 
# 
loop_
_chem_comp.id 
_chem_comp.type 
_chem_comp.mon_nstd_flag 
_chem_comp.name 
_chem_comp.pdbx_synonyms 
_chem_comp.formula 
_chem_comp.formula_weight 
ALA 'L-peptide linking' y ALANINE         ?                               'C3 H7 N O2'     89.093  
ARG 'L-peptide linking' y ARGININE        ?                               'C6 H15 N4 O2 1' 175.209 
ASN 'L-peptide linking' y ASPARAGINE      ?                               'C4 H8 N2 O3'    132.118 
ASP 'L-peptide linking' y 'ASPARTIC ACID' ?                               'C4 H7 N O4'     133.103 
CA  non-polymer         . 'CALCIUM ION'   ?                               'Ca 2'           40.078  
GLN 'L-peptide linking' y GLUTAMINE       ?                               'C5 H10 N2 O3'   146.144 
GLU 'L-peptide linking' y 'GLUTAMIC ACID' ?                               'C5 H9 N O4'     147.129 
GLY 'peptide linking'   y GLYCINE         ?                               'C2 H5 N O2'     75.067  
GOL non-polymer         . GLYCEROL        'GLYCERIN; PROPANE-1,2,3-TRIOL' 'C3 H8 O3'       92.094  
HIS 'L-peptide linking' y HISTIDINE       ?                               'C6 H10 N3 O2 1' 156.162 
HOH non-polymer         . WATER           ?                               'H2 O'           18.015  
ILE 'L-peptide linking' y ISOLEUCINE      ?                               'C6 H13 N O2'    131.173 
LEU 'L-peptide linking' y LEUCINE         ?                               'C6 H13 N O2'    131.173 
LYS 'L-peptide linking' y LYSINE          ?                               'C6 H15 N2 O2 1' 147.195 
MET 'L-peptide linking' y METHIONINE      ?                               'C5 H11 N O2 S'  149.211 
PHE 'L-peptide linking' y PHENYLALANINE   ?                               'C9 H11 N O2'    165.189 
PRO 'L-peptide linking' y PROLINE         ?                               'C5 H9 N O2'     115.130 
SER 'L-peptide linking' y SERINE          ?                               'C3 H7 N O3'     105.093 
THR 'L-peptide linking' y THREONINE       ?                               'C4 H9 N O3'     119.119 
TYR 'L-peptide linking' y TYROSINE        ?                               'C9 H11 N O3'    181.189 
VAL 'L-peptide linking' y VALINE          ?                               'C5 H11 N O2'    117.146 
# 
_exptl.entry_id          4M02 
_exptl.method            'X-RAY DIFFRACTION' 
_exptl.crystals_number   1 
# 
_exptl_crystal.id                    1 
_exptl_crystal.density_meas          ? 
_exptl_crystal.density_Matthews      2.0 
_exptl_crystal.density_percent_sol   38.58 
_exptl_crystal.description           ? 
_exptl_crystal.F_000                 ? 
_exptl_crystal.preparation           ? 
# 
_exptl_crystal_grow.crystal_id      1 
_exptl_crystal_grow.method          'VAPOR DIFFUSION, HANGING DROP' 
_exptl_crystal_grow.temp            289 
_exptl_crystal_grow.temp_details    ? 
_exptl_crystal_grow.pH              7.0 
_exptl_crystal_grow.pdbx_details    
'0.1M Tris, 2.0M Ammonium phosphate monobasic, pH 7.0, VAPOR DIFFUSION, HANGING DROP, temperature 289K' 
_exptl_crystal_grow.pdbx_pH_range   . 
# 
_diffrn.id                     1 
_diffrn.ambient_temp           100 
_diffrn.ambient_temp_details   ? 
_diffrn.crystal_id             1 
# 
_diffrn_detector.diffrn_id              1 
_diffrn_detector.detector               CCD 
_diffrn_detector.type                   'ADSC QUANTUM 315r' 
_diffrn_detector.pdbx_collection_date   2011-10-20 
_diffrn_detector.details                ? 
# 
_diffrn_radiation.diffrn_id                        1 
_diffrn_radiation.wavelength_id                    1 
_diffrn_radiation.pdbx_monochromatic_or_laue_m_l   M 
_diffrn_radiation.monochromator                    'Si 111' 
_diffrn_radiation.pdbx_diffrn_protocol             'SINGLE WAVELENGTH' 
_diffrn_radiation.pdbx_scattering_type             x-ray 
# 
_diffrn_radiation_wavelength.id           1 
_diffrn_radiation_wavelength.wavelength   0.97919 
_diffrn_radiation_wavelength.wt           1.0 
# 
_diffrn_source.diffrn_id                   1 
_diffrn_source.source                      SYNCHROTRON 
_diffrn_source.type                        'SSRF BEAMLINE BL17U' 
_diffrn_source.pdbx_synchrotron_site       SSRF 
_diffrn_source.pdbx_synchrotron_beamline   BL17U 
_diffrn_source.pdbx_wavelength             ? 
_diffrn_source.pdbx_wavelength_list        0.97919 
# 
_reflns.entry_id                     4M02 
_reflns.observed_criterion_sigma_I   0.0 
_reflns.observed_criterion_sigma_F   -3.0 
_reflns.d_resolution_low             50.0 
_reflns.d_resolution_high            1.59 
_reflns.number_obs                   18581 
_reflns.number_all                   18581 
_reflns.percent_possible_obs         99.6 
_reflns.pdbx_Rmerge_I_obs            0.103 
_reflns.pdbx_Rsym_value              0.103 
_reflns.pdbx_netI_over_sigmaI        10.034 
_reflns.B_iso_Wilson_estimate        ? 
_reflns.pdbx_redundancy              3.0 
_reflns.R_free_details               ? 
_reflns.limit_h_max                  ? 
_reflns.limit_h_min                  ? 
_reflns.limit_k_max                  ? 
_reflns.limit_k_min                  ? 
_reflns.limit_l_max                  ? 
_reflns.limit_l_min                  ? 
_reflns.observed_criterion_F_max     ? 
_reflns.observed_criterion_F_min     ? 
_reflns.pdbx_chi_squared             ? 
_reflns.pdbx_scaling_rejects         ? 
_reflns.pdbx_ordinal                 1 
_reflns.pdbx_diffrn_id               1 
# 
_reflns_shell.d_res_high                  1.60 
_reflns_shell.d_res_low                   1.64 
_reflns_shell.percent_possible_all        99.1 
_reflns_shell.Rmerge_I_obs                0.323 
_reflns_shell.pdbx_Rsym_value             0.323 
_reflns_shell.meanI_over_sigI_obs         3.726 
_reflns_shell.pdbx_redundancy             2.6 
_reflns_shell.percent_possible_obs        ? 
_reflns_shell.number_unique_all           ? 
_reflns_shell.number_measured_all         ? 
_reflns_shell.number_measured_obs         ? 
_reflns_shell.number_unique_obs           ? 
_reflns_shell.pdbx_chi_squared            ? 
_reflns_shell.pdbx_rejects                ? 
_reflns_shell.pdbx_netI_over_sigmaI_obs   ? 
_reflns_shell.number_possible             ? 
_reflns_shell.Rmerge_F_all                ? 
_reflns_shell.Rmerge_F_obs                ? 
_reflns_shell.Rmerge_I_all                ? 
_reflns_shell.meanI_over_sigI_all         ? 
_reflns_shell.pdbx_Rrim_I_all             ? 
_reflns_shell.pdbx_Rpim_I_all             ? 
_reflns_shell.pdbx_ordinal                1 
_reflns_shell.pdbx_diffrn_id              1 
# 
_refine.entry_id                                 4M02 
_refine.ls_number_reflns_obs                     17615 
_refine.ls_number_reflns_all                     ? 
_refine.pdbx_ls_sigma_I                          ? 
_refine.pdbx_ls_sigma_F                          ? 
_refine.pdbx_data_cutoff_high_absF               ? 
_refine.pdbx_data_cutoff_low_absF                ? 
_refine.pdbx_data_cutoff_high_rms_absF           ? 
_refine.ls_d_res_low                             46.44 
_refine.ls_d_res_high                            1.59 
_refine.ls_percent_reflns_obs                    98.16 
_refine.ls_R_factor_obs                          0.16576 
_refine.ls_R_factor_all                          ? 
_refine.ls_R_factor_R_work                       0.16381 
_refine.ls_R_factor_R_free                       0.20208 
_refine.ls_R_factor_R_free_error                 ? 
_refine.ls_R_factor_R_free_error_details         ? 
_refine.ls_percent_reflns_R_free                 5.1 
_refine.ls_number_reflns_R_free                  953 
_refine.ls_number_parameters                     ? 
_refine.ls_number_restraints                     ? 
_refine.occupancy_min                            ? 
_refine.occupancy_max                            ? 
_refine.correlation_coeff_Fo_to_Fc               0.969 
_refine.correlation_coeff_Fo_to_Fc_free          0.954 
_refine.B_iso_mean                               21.015 
_refine.aniso_B[1][1]                            -1.43 
_refine.aniso_B[2][2]                            2.43 
_refine.aniso_B[3][3]                            -0.61 
_refine.aniso_B[1][2]                            0.00 
_refine.aniso_B[1][3]                            0.88 
_refine.aniso_B[2][3]                            0.00 
_refine.solvent_model_details                    MASK 
_refine.solvent_model_param_ksol                 ? 
_refine.solvent_model_param_bsol                 ? 
_refine.pdbx_solvent_vdw_probe_radii             1.20 
_refine.pdbx_solvent_ion_probe_radii             0.80 
_refine.pdbx_solvent_shrinkage_radii             0.80 
_refine.pdbx_ls_cross_valid_method               THROUGHOUT 
_refine.details                                  'HYDROGENS HAVE BEEN USED IF PRESENT IN THE INPUT' 
_refine.pdbx_starting_model                      4M01 
_refine.pdbx_method_to_determine_struct          'MOLECULAR REPLACEMENT' 
_refine.pdbx_isotropic_thermal_model             ? 
_refine.pdbx_stereochemistry_target_values       'MAXIMUM LIKELIHOOD' 
_refine.pdbx_stereochem_target_val_spec_case     ? 
_refine.pdbx_R_Free_selection_details            RANDOM 
_refine.pdbx_overall_ESU_R                       0.097 
_refine.pdbx_overall_ESU_R_Free                  0.097 
_refine.overall_SU_ML                            0.066 
_refine.pdbx_overall_phase_error                 ? 
_refine.overall_SU_B                             1.866 
_refine.overall_SU_R_Cruickshank_DPI             ? 
_refine.ls_redundancy_reflns_obs                 ? 
_refine.B_iso_min                                ? 
_refine.B_iso_max                                ? 
_refine.overall_SU_R_free                        ? 
_refine.ls_wR_factor_R_free                      ? 
_refine.ls_wR_factor_R_work                      ? 
_refine.overall_FOM_free_R_set                   ? 
_refine.overall_FOM_work_R_set                   ? 
_refine.pdbx_diffrn_id                           1 
_refine.pdbx_refine_id                           'X-RAY DIFFRACTION' 
_refine.pdbx_TLS_residual_ADP_flag               ? 
_refine.pdbx_overall_SU_R_free_Cruickshank_DPI   ? 
_refine.pdbx_overall_SU_R_Blow_DPI               ? 
_refine.pdbx_overall_SU_R_free_Blow_DPI          ? 
# 
_refine_hist.pdbx_refine_id                   'X-RAY DIFFRACTION' 
_refine_hist.cycle_id                         LAST 
_refine_hist.pdbx_number_atoms_protein        1251 
_refine_hist.pdbx_number_atoms_nucleic_acid   0 
_refine_hist.pdbx_number_atoms_ligand         7 
_refine_hist.number_atoms_solvent             267 
_refine_hist.number_atoms_total               1525 
_refine_hist.d_res_high                       1.59 
_refine_hist.d_res_low                        46.44 
# 
loop_
_refine_ls_restr.type 
_refine_ls_restr.dev_ideal 
_refine_ls_restr.dev_ideal_target 
_refine_ls_restr.weight 
_refine_ls_restr.number 
_refine_ls_restr.pdbx_restraint_function 
_refine_ls_restr.pdbx_refine_id 
r_bond_refined_d       0.008  0.020  ? 1271 ? 'X-RAY DIFFRACTION' 
r_angle_refined_deg    1.220  1.943  ? 1745 ? 'X-RAY DIFFRACTION' 
r_dihedral_angle_1_deg 6.018  5.000  ? 168  ? 'X-RAY DIFFRACTION' 
r_dihedral_angle_2_deg 33.527 27.174 ? 46   ? 'X-RAY DIFFRACTION' 
r_dihedral_angle_3_deg 9.547  15.000 ? 198  ? 'X-RAY DIFFRACTION' 
r_dihedral_angle_4_deg 34.669 15.000 ? 1    ? 'X-RAY DIFFRACTION' 
r_chiral_restr         0.080  0.200  ? 230  ? 'X-RAY DIFFRACTION' 
r_gen_planes_refined   0.005  0.021  ? 923  ? 'X-RAY DIFFRACTION' 
# 
_refine_ls_shell.pdbx_refine_id                   'X-RAY DIFFRACTION' 
_refine_ls_shell.pdbx_total_number_of_bins_used   20 
_refine_ls_shell.d_res_high                       1.593 
_refine_ls_shell.d_res_low                        1.635 
_refine_ls_shell.number_reflns_R_work             1027 
_refine_ls_shell.R_factor_R_work                  0.212 
_refine_ls_shell.percent_reflns_obs               79.93 
_refine_ls_shell.R_factor_R_free                  0.254 
_refine_ls_shell.R_factor_R_free_error            ? 
_refine_ls_shell.percent_reflns_R_free            ? 
_refine_ls_shell.number_reflns_R_free             64 
_refine_ls_shell.number_reflns_all                ? 
_refine_ls_shell.R_factor_all                     ? 
_refine_ls_shell.number_reflns_obs                ? 
_refine_ls_shell.redundancy_reflns_obs            ? 
# 
_struct.entry_id                  4M02 
_struct.title                     'Middle fragment(residues 494-663) of the binding region of SraP' 
_struct.pdbx_model_details        ? 
_struct.pdbx_CASP_flag            ? 
_struct.pdbx_model_type_details   ? 
# 
_struct_keywords.entry_id        4M02 
_struct_keywords.pdbx_keywords   'Calcium Binding protein' 
_struct_keywords.text            'All beta, Unknown Function, Calcium Binding protein' 
# 
loop_
_struct_asym.id 
_struct_asym.pdbx_blank_PDB_chainid_flag 
_struct_asym.pdbx_modified 
_struct_asym.entity_id 
_struct_asym.details 
A N N 1 ? 
B N N 2 ? 
C N N 3 ? 
D N N 4 ? 
# 
_struct_biol.id        1 
_struct_biol.details   ? 
# 
_struct_conf.conf_type_id            HELX_P 
_struct_conf.id                      HELX_P1 
_struct_conf.pdbx_PDB_helix_id       1 
_struct_conf.beg_label_comp_id       GLN 
_struct_conf.beg_label_asym_id       A 
_struct_conf.beg_label_seq_id        70 
_struct_conf.pdbx_beg_PDB_ins_code   ? 
_struct_conf.end_label_comp_id       LYS 
_struct_conf.end_label_asym_id       A 
_struct_conf.end_label_seq_id        77 
_struct_conf.pdbx_end_PDB_ins_code   ? 
_struct_conf.beg_auth_comp_id        GLN 
_struct_conf.beg_auth_asym_id        A 
_struct_conf.beg_auth_seq_id         529 
_struct_conf.end_auth_comp_id        LYS 
_struct_conf.end_auth_asym_id        A 
_struct_conf.end_auth_seq_id         536 
_struct_conf.pdbx_PDB_helix_class    1 
_struct_conf.details                 ? 
_struct_conf.pdbx_PDB_helix_length   8 
# 
_struct_conf_type.id          HELX_P 
_struct_conf_type.criteria    ? 
_struct_conf_type.reference   ? 
# 
loop_
_struct_conn.id 
_struct_conn.conn_type_id 
_struct_conn.pdbx_leaving_atom_flag 
_struct_conn.pdbx_PDB_id 
_struct_conn.ptnr1_label_asym_id 
_struct_conn.ptnr1_label_comp_id 
_struct_conn.ptnr1_label_seq_id 
_struct_conn.ptnr1_label_atom_id 
_struct_conn.pdbx_ptnr1_label_alt_id 
_struct_conn.pdbx_ptnr1_PDB_ins_code 
_struct_conn.pdbx_ptnr1_standard_comp_id 
_struct_conn.ptnr1_symmetry 
_struct_conn.ptnr2_label_asym_id 
_struct_conn.ptnr2_label_comp_id 
_struct_conn.ptnr2_label_seq_id 
_struct_conn.ptnr2_label_atom_id 
_struct_conn.pdbx_ptnr2_label_alt_id 
_struct_conn.pdbx_ptnr2_PDB_ins_code 
_struct_conn.ptnr1_auth_asym_id 
_struct_conn.ptnr1_auth_comp_id 
_struct_conn.ptnr1_auth_seq_id 
_struct_conn.ptnr2_auth_asym_id 
_struct_conn.ptnr2_auth_comp_id 
_struct_conn.ptnr2_auth_seq_id 
_struct_conn.ptnr2_symmetry 
_struct_conn.pdbx_ptnr3_label_atom_id 
_struct_conn.pdbx_ptnr3_label_seq_id 
_struct_conn.pdbx_ptnr3_label_comp_id 
_struct_conn.pdbx_ptnr3_label_asym_id 
_struct_conn.pdbx_ptnr3_label_alt_id 
_struct_conn.pdbx_ptnr3_PDB_ins_code 
_struct_conn.details 
_struct_conn.pdbx_dist_value 
_struct_conn.pdbx_value_order 
_struct_conn.pdbx_role 
metalc1 metalc ? ? A ASP 114 OD2 ? ? ? 1_555 B CA . CA ? ? A ASP 573 A CA 701 1_555 ? ? ? ? ? ? ? 2.415 ? ? 
metalc2 metalc ? ? A ASP 114 OD1 ? ? ? 1_555 B CA . CA ? ? A ASP 573 A CA 701 1_555 ? ? ? ? ? ? ? 2.559 ? ? 
metalc3 metalc ? ? A LYS 116 O   ? ? ? 1_555 B CA . CA ? ? A LYS 575 A CA 701 1_555 ? ? ? ? ? ? ? 2.321 ? ? 
metalc4 metalc ? ? A ASP 142 OD1 ? ? ? 1_555 B CA . CA ? ? A ASP 601 A CA 701 1_555 ? ? ? ? ? ? ? 2.449 ? ? 
metalc5 metalc ? ? A ASP 142 OD2 ? ? ? 1_555 B CA . CA ? ? A ASP 601 A CA 701 1_555 ? ? ? ? ? ? ? 2.492 ? ? 
metalc6 metalc ? ? A ASN 143 OD1 ? ? ? 1_555 B CA . CA ? ? A ASN 602 A CA 701 1_555 ? ? ? ? ? ? ? 2.350 ? ? 
metalc7 metalc ? ? A ASP 186 OD2 ? ? ? 1_555 B CA . CA ? ? A ASP 645 A CA 701 1_555 ? ? ? ? ? ? ? 2.340 ? ? 
# 
_struct_conn_type.id          metalc 
_struct_conn_type.criteria    ? 
_struct_conn_type.reference   ? 
# 
loop_
_struct_sheet.id 
_struct_sheet.type 
_struct_sheet.number_strands 
_struct_sheet.details 
A ? 4 ? 
B ? 2 ? 
C ? 2 ? 
D ? 4 ? 
E ? 3 ? 
# 
loop_
_struct_sheet_order.sheet_id 
_struct_sheet_order.range_id_1 
_struct_sheet_order.range_id_2 
_struct_sheet_order.offset 
_struct_sheet_order.sense 
A 1 2 ? anti-parallel 
A 2 3 ? parallel      
A 3 4 ? anti-parallel 
B 1 2 ? anti-parallel 
C 1 2 ? anti-parallel 
D 1 2 ? parallel      
D 2 3 ? anti-parallel 
D 3 4 ? anti-parallel 
E 1 2 ? anti-parallel 
E 2 3 ? anti-parallel 
# 
loop_
_struct_sheet_range.sheet_id 
_struct_sheet_range.id 
_struct_sheet_range.beg_label_comp_id 
_struct_sheet_range.beg_label_asym_id 
_struct_sheet_range.beg_label_seq_id 
_struct_sheet_range.pdbx_beg_PDB_ins_code 
_struct_sheet_range.end_label_comp_id 
_struct_sheet_range.end_label_asym_id 
_struct_sheet_range.end_label_seq_id 
_struct_sheet_range.pdbx_end_PDB_ins_code 
_struct_sheet_range.beg_auth_comp_id 
_struct_sheet_range.beg_auth_asym_id 
_struct_sheet_range.beg_auth_seq_id 
_struct_sheet_range.end_auth_comp_id 
_struct_sheet_range.end_auth_asym_id 
_struct_sheet_range.end_auth_seq_id 
A 1 LYS A 55  ? SER A 58  ? LYS A 514 SER A 517 
A 2 VAL A 37  ? ASP A 44  ? VAL A 496 ASP A 503 
A 3 GLN A 106 ? ASP A 114 ? GLN A 565 ASP A 573 
A 4 TYR A 79  ? TYR A 88  ? TYR A 538 TYR A 547 
B 1 VAL A 64  ? THR A 66  ? VAL A 523 THR A 525 
B 2 THR A 98  ? LYS A 100 ? THR A 557 LYS A 559 
C 1 THR A 119 ? THR A 121 ? THR A 578 THR A 580 
C 2 THR A 139 ? THR A 141 ? THR A 598 THR A 600 
D 1 GLN A 125 ? GLU A 128 ? GLN A 584 GLU A 587 
D 2 LYS A 191 ? VAL A 201 ? LYS A 650 VAL A 660 
D 3 GLY A 176 ? ASP A 186 ? GLY A 635 ASP A 645 
D 4 VAL A 148 ? THR A 153 ? VAL A 607 THR A 612 
E 1 ILE A 136 ? VAL A 137 ? ILE A 595 VAL A 596 
E 2 SER A 167 ? GLY A 170 ? SER A 626 GLY A 629 
E 3 LEU A 159 ? ASP A 162 ? LEU A 618 ASP A 621 
# 
loop_
_pdbx_struct_sheet_hbond.sheet_id 
_pdbx_struct_sheet_hbond.range_id_1 
_pdbx_struct_sheet_hbond.range_id_2 
_pdbx_struct_sheet_hbond.range_1_label_atom_id 
_pdbx_struct_sheet_hbond.range_1_label_comp_id 
_pdbx_struct_sheet_hbond.range_1_label_asym_id 
_pdbx_struct_sheet_hbond.range_1_label_seq_id 
_pdbx_struct_sheet_hbond.range_1_PDB_ins_code 
_pdbx_struct_sheet_hbond.range_1_auth_atom_id 
_pdbx_struct_sheet_hbond.range_1_auth_comp_id 
_pdbx_struct_sheet_hbond.range_1_auth_asym_id 
_pdbx_struct_sheet_hbond.range_1_auth_seq_id 
_pdbx_struct_sheet_hbond.range_2_label_atom_id 
_pdbx_struct_sheet_hbond.range_2_label_comp_id 
_pdbx_struct_sheet_hbond.range_2_label_asym_id 
_pdbx_struct_sheet_hbond.range_2_label_seq_id 
_pdbx_struct_sheet_hbond.range_2_PDB_ins_code 
_pdbx_struct_sheet_hbond.range_2_auth_atom_id 
_pdbx_struct_sheet_hbond.range_2_auth_comp_id 
_pdbx_struct_sheet_hbond.range_2_auth_asym_id 
_pdbx_struct_sheet_hbond.range_2_auth_seq_id 
A 1 2 O LYS A 55  ? O LYS A 514 N VAL A 40  ? N VAL A 499 
A 2 3 N VAL A 43  ? N VAL A 502 O TYR A 110 ? O TYR A 569 
A 3 4 O TYR A 111 ? O TYR A 570 N SER A 83  ? N SER A 542 
B 1 2 N VAL A 65  ? N VAL A 524 O VAL A 99  ? O VAL A 558 
C 1 2 N THR A 119 ? N THR A 578 O THR A 141 ? O THR A 600 
D 1 2 N GLN A 125 ? N GLN A 584 O ASN A 199 ? O ASN A 658 
D 2 3 O PHE A 196 ? O PHE A 655 N VAL A 180 ? N VAL A 639 
D 3 4 O VAL A 183 ? O VAL A 642 N THR A 151 ? N THR A 610 
E 1 2 N ILE A 136 ? N ILE A 595 O ILE A 168 ? O ILE A 627 
E 2 3 O SER A 167 ? O SER A 626 N ASP A 162 ? N ASP A 621 
# 
loop_
_struct_site.id 
_struct_site.pdbx_evidence_code 
_struct_site.pdbx_auth_asym_id 
_struct_site.pdbx_auth_comp_id 
_struct_site.pdbx_auth_seq_id 
_struct_site.pdbx_auth_ins_code 
_struct_site.pdbx_num_residues 
_struct_site.details 
AC1 Software A CA  701 ? 5 'BINDING SITE FOR RESIDUE CA A 701'  
AC2 Software A GOL 702 ? 3 'BINDING SITE FOR RESIDUE GOL A 702' 
# 
loop_
_struct_site_gen.id 
_struct_site_gen.site_id 
_struct_site_gen.pdbx_num_res 
_struct_site_gen.label_comp_id 
_struct_site_gen.label_asym_id 
_struct_site_gen.label_seq_id 
_struct_site_gen.pdbx_auth_ins_code 
_struct_site_gen.auth_comp_id 
_struct_site_gen.auth_asym_id 
_struct_site_gen.auth_seq_id 
_struct_site_gen.label_atom_id 
_struct_site_gen.label_alt_id 
_struct_site_gen.symmetry 
_struct_site_gen.details 
1 AC1 5 ASP A 114 ? ASP A 573 . ? 1_555 ? 
2 AC1 5 LYS A 116 ? LYS A 575 . ? 1_555 ? 
3 AC1 5 ASP A 142 ? ASP A 601 . ? 1_555 ? 
4 AC1 5 ASN A 143 ? ASN A 602 . ? 1_555 ? 
5 AC1 5 ASP A 186 ? ASP A 645 . ? 1_555 ? 
6 AC2 3 ASP A 50  ? ASP A 509 . ? 1_555 ? 
7 AC2 3 HOH D .   ? HOH A 868 . ? 1_555 ? 
8 AC2 3 HOH D .   ? HOH A 899 . ? 1_555 ? 
# 
_atom_sites.entry_id                    4M02 
_atom_sites.fract_transf_matrix[1][1]   -0.01390931 
_atom_sites.fract_transf_matrix[1][2]   -0.01326874 
_atom_sites.fract_transf_matrix[1][3]   0.02441063 
_atom_sites.fract_transf_matrix[2][1]   -0.01916145 
_atom_sites.fract_transf_matrix[2][2]   0.00281146 
_atom_sites.fract_transf_matrix[2][3]   -0.00939009 
_atom_sites.fract_transf_matrix[3][1]   -0.00035096 
_atom_sites.fract_transf_matrix[3][2]   -0.02081181 
_atom_sites.fract_transf_matrix[3][3]   -0.00551503 
_atom_sites.fract_transf_vector[1]      0.069225 
_atom_sites.fract_transf_vector[2]      0.015110 
_atom_sites.fract_transf_vector[3]      0.225967 
# 
loop_
_atom_type.symbol 
C  
CA 
N  
O  
S  
# 
loop_
_atom_site.group_PDB 
_atom_site.id 
_atom_site.type_symbol 
_atom_site.label_atom_id 
_atom_site.label_alt_id 
_atom_site.label_comp_id 
_atom_site.label_asym_id 
_atom_site.label_entity_id 
_atom_site.label_seq_id 
_atom_site.pdbx_PDB_ins_code 
_atom_site.Cartn_x 
_atom_site.Cartn_y 
_atom_site.Cartn_z 
_atom_site.occupancy 
_atom_site.B_iso_or_equiv 
_atom_site.pdbx_formal_charge 
_atom_site.auth_seq_id 
_atom_site.auth_comp_id 
_atom_site.auth_asym_id 
_atom_site.auth_atom_id 
_atom_site.pdbx_PDB_model_num 
ATOM   1    N  N   . ALA A 1 36  ? 32.646  1.292   -15.111 1.00 31.54 ? 495  ALA A N   1 
ATOM   2    C  CA  . ALA A 1 36  ? 32.264  -0.155  -15.052 1.00 31.08 ? 495  ALA A CA  1 
ATOM   3    C  C   . ALA A 1 36  ? 31.350  -0.437  -13.853 1.00 30.70 ? 495  ALA A C   1 
ATOM   4    O  O   . ALA A 1 36  ? 31.638  -1.288  -12.991 1.00 29.11 ? 495  ALA A O   1 
ATOM   5    C  CB  . ALA A 1 36  ? 33.499  -1.043  -15.046 1.00 31.07 ? 495  ALA A CB  1 
ATOM   6    N  N   . VAL A 1 37  ? 30.240  0.297   -13.825 1.00 27.82 ? 496  VAL A N   1 
ATOM   7    C  CA  . VAL A 1 37  ? 29.175  0.107   -12.824 1.00 26.20 ? 496  VAL A CA  1 
ATOM   8    C  C   . VAL A 1 37  ? 27.804  0.043   -13.494 1.00 24.06 ? 496  VAL A C   1 
ATOM   9    O  O   . VAL A 1 37  ? 27.611  0.547   -14.608 1.00 25.69 ? 496  VAL A O   1 
ATOM   10   C  CB  . VAL A 1 37  ? 29.173  1.231   -11.763 1.00 27.82 ? 496  VAL A CB  1 
ATOM   11   C  CG1 . VAL A 1 37  ? 28.734  2.560   -12.373 1.00 29.25 ? 496  VAL A CG1 1 
ATOM   12   C  CG2 . VAL A 1 37  ? 28.288  0.877   -10.576 1.00 27.84 ? 496  VAL A CG2 1 
ATOM   13   N  N   . THR A 1 38  ? 26.863  -0.606  -12.819 1.00 20.16 ? 497  THR A N   1 
ATOM   14   C  CA  . THR A 1 38  ? 25.464  -0.598  -13.251 1.00 17.43 ? 497  THR A CA  1 
ATOM   15   C  C   . THR A 1 38  ? 24.630  -0.339  -11.997 1.00 16.84 ? 497  THR A C   1 
ATOM   16   O  O   . THR A 1 38  ? 24.778  -1.050  -10.989 1.00 17.67 ? 497  THR A O   1 
ATOM   17   C  CB  . THR A 1 38  ? 25.048  -1.923  -13.932 1.00 17.24 ? 497  THR A CB  1 
ATOM   18   O  OG1 . THR A 1 38  ? 25.770  -2.066  -15.166 1.00 18.45 ? 497  THR A OG1 1 
ATOM   19   C  CG2 . THR A 1 38  ? 23.538  -1.984  -14.214 1.00 16.68 ? 497  THR A CG2 1 
ATOM   20   N  N   . GLN A 1 39  ? 23.779  0.681   -12.072 1.00 16.63 ? 498  GLN A N   1 
ATOM   21   C  CA  . GLN A 1 39  ? 22.871  1.036   -10.997 1.00 16.72 ? 498  GLN A CA  1 
ATOM   22   C  C   . GLN A 1 39  ? 21.505  0.396   -11.253 1.00 16.19 ? 498  GLN A C   1 
ATOM   23   O  O   . GLN A 1 39  ? 20.894  0.627   -12.310 1.00 17.49 ? 498  GLN A O   1 
ATOM   24   C  CB  . GLN A 1 39  ? 22.714  2.559   -10.923 1.00 17.85 ? 498  GLN A CB  1 
ATOM   25   C  CG  . GLN A 1 39  ? 21.711  3.033   -9.886  1.00 19.79 ? 498  GLN A CG  1 
ATOM   26   C  CD  . GLN A 1 39  ? 22.256  2.975   -8.484  1.00 21.16 ? 498  GLN A CD  1 
ATOM   27   O  OE1 . GLN A 1 39  ? 23.061  3.819   -8.094  1.00 22.43 ? 498  GLN A OE1 1 
ATOM   28   N  NE2 . GLN A 1 39  ? 21.816  1.984   -7.713  1.00 20.17 ? 498  GLN A NE2 1 
ATOM   29   N  N   . VAL A 1 40  ? 21.034  -0.371  -10.275 1.00 14.80 ? 499  VAL A N   1 
ATOM   30   C  CA  . VAL A 1 40  ? 19.739  -1.058  -10.350 1.00 14.68 ? 499  VAL A CA  1 
ATOM   31   C  C   . VAL A 1 40  ? 18.781  -0.432  -9.327  1.00 14.58 ? 499  VAL A C   1 
ATOM   32   O  O   . VAL A 1 40  ? 19.170  -0.111  -8.199  1.00 16.15 ? 499  VAL A O   1 
ATOM   33   C  CB  . VAL A 1 40  ? 19.902  -2.591  -10.121 1.00 14.34 ? 499  VAL A CB  1 
ATOM   34   C  CG1 . VAL A 1 40  ? 18.552  -3.298  -10.237 1.00 14.64 ? 499  VAL A CG1 1 
ATOM   35   C  CG2 . VAL A 1 40  ? 20.901  -3.167  -11.120 1.00 15.38 ? 499  VAL A CG2 1 
ATOM   36   N  N   . ARG A 1 41  ? 17.530  -0.215  -9.731  1.00 13.22 ? 500  ARG A N   1 
ATOM   37   C  CA  . ARG A 1 41  ? 16.493  0.244   -8.802  1.00 14.06 ? 500  ARG A CA  1 
ATOM   38   C  C   . ARG A 1 41  ? 15.341  -0.719  -8.838  1.00 13.35 ? 500  ARG A C   1 
ATOM   39   O  O   . ARG A 1 41  ? 15.138  -1.406  -9.848  1.00 13.67 ? 500  ARG A O   1 
ATOM   40   C  CB  . ARG A 1 41  ? 15.962  1.625   -9.192  1.00 14.05 ? 500  ARG A CB  1 
ATOM   41   C  CG  . ARG A 1 41  ? 16.933  2.762   -8.947  1.00 14.80 ? 500  ARG A CG  1 
ATOM   42   C  CD  . ARG A 1 41  ? 16.295  4.125   -9.173  1.00 15.28 ? 500  ARG A CD  1 
ATOM   43   N  NE  . ARG A 1 41  ? 15.257  4.413   -8.179  1.00 15.77 ? 500  ARG A NE  1 
ATOM   44   C  CZ  . ARG A 1 41  ? 14.141  5.098   -8.419  1.00 15.92 ? 500  ARG A CZ  1 
ATOM   45   N  NH1 . ARG A 1 41  ? 13.876  5.571   -9.636  1.00 16.23 ? 500  ARG A NH1 1 
ATOM   46   N  NH2 . ARG A 1 41  ? 13.275  5.286   -7.428  1.00 17.11 ? 500  ARG A NH2 1 
ATOM   47   N  N   . TYR A 1 42  ? 14.623  -0.784  -7.719  1.00 13.69 ? 501  TYR A N   1 
ATOM   48   C  CA  . TYR A 1 42  ? 13.433  -1.611  -7.543  1.00 13.79 ? 501  TYR A CA  1 
ATOM   49   C  C   . TYR A 1 42  ? 12.284  -0.689  -7.154  1.00 13.62 ? 501  TYR A C   1 
ATOM   50   O  O   . TYR A 1 42  ? 12.164  -0.263  -6.004  1.00 14.63 ? 501  TYR A O   1 
ATOM   51   C  CB  . TYR A 1 42  ? 13.697  -2.661  -6.448  1.00 13.70 ? 501  TYR A CB  1 
ATOM   52   C  CG  . TYR A 1 42  ? 14.981  -3.433  -6.662  1.00 14.28 ? 501  TYR A CG  1 
ATOM   53   C  CD1 . TYR A 1 42  ? 15.000  -4.613  -7.414  1.00 14.37 ? 501  TYR A CD1 1 
ATOM   54   C  CD2 . TYR A 1 42  ? 16.191  -2.958  -6.153  1.00 15.24 ? 501  TYR A CD2 1 
ATOM   55   C  CE1 . TYR A 1 42  ? 16.187  -5.311  -7.626  1.00 15.36 ? 501  TYR A CE1 1 
ATOM   56   C  CE2 . TYR A 1 42  ? 17.386  -3.647  -6.368  1.00 15.55 ? 501  TYR A CE2 1 
ATOM   57   C  CZ  . TYR A 1 42  ? 17.373  -4.825  -7.109  1.00 15.76 ? 501  TYR A CZ  1 
ATOM   58   O  OH  . TYR A 1 42  ? 18.561  -5.524  -7.325  1.00 17.01 ? 501  TYR A OH  1 
ATOM   59   N  N   . VAL A 1 43  ? 11.441  -0.361  -8.121  1.00 13.93 ? 502  VAL A N   1 
ATOM   60   C  CA  . VAL A 1 43  ? 10.594  0.820   -8.004  1.00 14.53 ? 502  VAL A CA  1 
ATOM   61   C  C   . VAL A 1 43  ? 9.100   0.506   -7.965  1.00 15.70 ? 502  VAL A C   1 
ATOM   62   O  O   . VAL A 1 43  ? 8.584   -0.303  -8.752  1.00 15.46 ? 502  VAL A O   1 
ATOM   63   C  CB  . VAL A 1 43  ? 10.918  1.783   -9.153  1.00 14.93 ? 502  VAL A CB  1 
ATOM   64   C  CG1 . VAL A 1 43  ? 10.029  3.018   -9.099  1.00 15.17 ? 502  VAL A CG1 1 
ATOM   65   C  CG2 . VAL A 1 43  ? 12.398  2.164   -9.083  1.00 14.54 ? 502  VAL A CG2 1 
ATOM   66   N  N   . ASP A 1 44  ? 8.413   1.167   -7.040  1.00 15.49 ? 503  ASP A N   1 
ATOM   67   C  CA  . ASP A 1 44  ? 6.957   1.110   -6.941  1.00 16.38 ? 503  ASP A CA  1 
ATOM   68   C  C   . ASP A 1 44  ? 6.378   1.941   -8.084  1.00 17.30 ? 503  ASP A C   1 
ATOM   69   O  O   . ASP A 1 44  ? 6.533   3.171   -8.105  1.00 18.32 ? 503  ASP A O   1 
ATOM   70   C  CB  . ASP A 1 44  ? 6.549   1.680   -5.575  1.00 16.34 ? 503  ASP A CB  1 
ATOM   71   C  CG  . ASP A 1 44  ? 5.064   1.576   -5.304  1.00 17.35 ? 503  ASP A CG  1 
ATOM   72   O  OD1 . ASP A 1 44  ? 4.272   1.645   -6.257  1.00 18.02 ? 503  ASP A OD1 1 
ATOM   73   O  OD2 . ASP A 1 44  ? 4.700   1.432   -4.116  1.00 18.79 ? 503  ASP A OD2 1 
ATOM   74   N  N   . VAL A 1 45  ? 5.722   1.295   -9.043  1.00 16.86 ? 504  VAL A N   1 
ATOM   75   C  CA  . VAL A 1 45  ? 5.234   2.016   -10.231 1.00 17.65 ? 504  VAL A CA  1 
ATOM   76   C  C   . VAL A 1 45  ? 4.238   3.135   -9.885  1.00 17.07 ? 504  VAL A C   1 
ATOM   77   O  O   . VAL A 1 45  ? 4.174   4.141   -10.582 1.00 19.93 ? 504  VAL A O   1 
ATOM   78   C  CB  . VAL A 1 45  ? 4.620   1.075   -11.282 1.00 18.55 ? 504  VAL A CB  1 
ATOM   79   C  CG1 . VAL A 1 45  ? 3.336   0.437   -10.771 1.00 19.77 ? 504  VAL A CG1 1 
ATOM   80   C  CG2 . VAL A 1 45  ? 4.365   1.811   -12.592 1.00 20.31 ? 504  VAL A CG2 1 
ATOM   81   N  N   . THR A 1 46  ? 3.494   2.957   -8.797  1.00 16.51 ? 505  THR A N   1 
ATOM   82   C  CA  . THR A 1 46  ? 2.479   3.946   -8.392  1.00 17.23 ? 505  THR A CA  1 
ATOM   83   C  C   . THR A 1 46  ? 3.094   5.288   -7.952  1.00 17.23 ? 505  THR A C   1 
ATOM   84   O  O   . THR A 1 46  ? 2.583   6.350   -8.302  1.00 17.72 ? 505  THR A O   1 
ATOM   85   C  CB  . THR A 1 46  ? 1.583   3.388   -7.257  1.00 17.61 ? 505  THR A CB  1 
ATOM   86   O  OG1 . THR A 1 46  ? 1.101   2.083   -7.609  1.00 17.99 ? 505  THR A OG1 1 
ATOM   87   C  CG2 . THR A 1 46  ? 0.384   4.330   -6.990  1.00 16.70 ? 505  THR A CG2 1 
ATOM   88   N  N   . THR A 1 47  ? 4.195   5.237   -7.205  1.00 16.91 ? 506  THR A N   1 
ATOM   89   C  CA  . THR A 1 47  ? 4.742   6.416   -6.539  1.00 17.11 ? 506  THR A CA  1 
ATOM   90   C  C   . THR A 1 47  ? 6.151   6.791   -7.004  1.00 16.53 ? 506  THR A C   1 
ATOM   91   O  O   . THR A 1 47  ? 6.661   7.860   -6.660  1.00 17.73 ? 506  THR A O   1 
ATOM   92   C  CB  . THR A 1 47  ? 4.868   6.174   -5.027  1.00 16.79 ? 506  THR A CB  1 
ATOM   93   O  OG1 . THR A 1 47  ? 5.765   5.079   -4.802  1.00 17.53 ? 506  THR A OG1 1 
ATOM   94   C  CG2 . THR A 1 47  ? 3.504   5.866   -4.396  1.00 18.18 ? 506  THR A CG2 1 
ATOM   95   N  N   . GLY A 1 48  ? 6.790   5.879   -7.723  1.00 16.73 ? 507  GLY A N   1 
ATOM   96   C  CA  . GLY A 1 48  ? 8.166   6.078   -8.171  1.00 16.09 ? 507  GLY A CA  1 
ATOM   97   C  C   . GLY A 1 48  ? 9.185   5.862   -7.068  1.00 16.84 ? 507  GLY A C   1 
ATOM   98   O  O   . GLY A 1 48  ? 10.365  6.088   -7.275  1.00 18.17 ? 507  GLY A O   1 
ATOM   99   N  N   . LYS A 1 49  ? 8.748   5.425   -5.893  1.00 16.81 ? 508  LYS A N   1 
ATOM   100  C  CA  . LYS A 1 49  ? 9.678   5.262   -4.768  1.00 17.76 ? 508  LYS A CA  1 
ATOM   101  C  C   . LYS A 1 49  ? 10.422  3.932   -4.797  1.00 17.25 ? 508  LYS A C   1 
ATOM   102  O  O   . LYS A 1 49  ? 9.923   2.937   -5.315  1.00 16.76 ? 508  LYS A O   1 
ATOM   103  C  CB  . LYS A 1 49  ? 8.933   5.395   -3.433  1.00 19.91 ? 508  LYS A CB  1 
ATOM   104  C  CG  . LYS A 1 49  ? 8.376   6.793   -3.181  1.00 22.37 ? 508  LYS A CG  1 
ATOM   105  C  CD  . LYS A 1 49  ? 7.535   6.852   -1.906  1.00 24.76 ? 508  LYS A CD  1 
ATOM   106  C  CE  . LYS A 1 49  ? 8.363   6.745   -0.625  1.00 26.05 ? 508  LYS A CE  1 
ATOM   107  N  NZ  . LYS A 1 49  ? 9.336   7.874   -0.493  1.00 27.75 ? 508  LYS A NZ  1 
ATOM   108  N  N   . ASP A 1 50  ? 11.627  3.929   -4.231  1.00 16.86 ? 509  ASP A N   1 
ATOM   109  C  CA  . ASP A 1 50  ? 12.372  2.695   -4.025  1.00 17.29 ? 509  ASP A CA  1 
ATOM   110  C  C   . ASP A 1 50  ? 11.691  1.798   -3.006  1.00 17.99 ? 509  ASP A C   1 
ATOM   111  O  O   . ASP A 1 50  ? 11.496  2.214   -1.856  1.00 20.16 ? 509  ASP A O   1 
ATOM   112  C  CB  . ASP A 1 50  ? 13.741  3.067   -3.486  1.00 16.77 ? 509  ASP A CB  1 
ATOM   113  C  CG  . ASP A 1 50  ? 14.573  3.831   -4.489  1.00 18.62 ? 509  ASP A CG  1 
ATOM   114  O  OD1 . ASP A 1 50  ? 14.627  3.409   -5.648  1.00 17.47 ? 509  ASP A OD1 1 
ATOM   115  O  OD2 . ASP A 1 50  ? 15.207  4.835   -4.102  1.00 21.38 ? 509  ASP A OD2 1 
ATOM   116  N  N   . ILE A 1 51  ? 11.354  0.565   -3.393  1.00 16.63 ? 510  ILE A N   1 
ATOM   117  C  CA  . ILE A 1 51  ? 10.663  -0.351  -2.482  1.00 17.83 ? 510  ILE A CA  1 
ATOM   118  C  C   . ILE A 1 51  ? 11.687  -0.947  -1.520  1.00 18.04 ? 510  ILE A C   1 
ATOM   119  O  O   . ILE A 1 51  ? 11.408  -1.127  -0.323  1.00 19.39 ? 510  ILE A O   1 
ATOM   120  C  CB  . ILE A 1 51  ? 9.908   -1.456  -3.243  1.00 17.86 ? 510  ILE A CB  1 
ATOM   121  C  CG1 . ILE A 1 51  ? 8.863   -0.855  -4.184  1.00 18.54 ? 510  ILE A CG1 1 
ATOM   122  C  CG2 . ILE A 1 51  ? 9.249   -2.427  -2.272  1.00 18.45 ? 510  ILE A CG2 1 
ATOM   123  C  CD1 . ILE A 1 51  ? 8.385   -1.829  -5.234  1.00 18.50 ? 510  ILE A CD1 1 
ATOM   124  N  N   . ILE A 1 52  ? 12.859  -1.271  -2.065  1.00 17.49 ? 511  ILE A N   1 
ATOM   125  C  CA  . ILE A 1 52  ? 14.051  -1.638  -1.314  1.00 17.79 ? 511  ILE A CA  1 
ATOM   126  C  C   . ILE A 1 52  ? 15.202  -0.762  -1.850  1.00 17.26 ? 511  ILE A C   1 
ATOM   127  O  O   . ILE A 1 52  ? 15.039  -0.102  -2.879  1.00 18.02 ? 511  ILE A O   1 
ATOM   128  C  CB  . ILE A 1 52  ? 14.346  -3.150  -1.442  1.00 18.32 ? 511  ILE A CB  1 
ATOM   129  C  CG1 . ILE A 1 52  ? 14.591  -3.546  -2.906  1.00 19.21 ? 511  ILE A CG1 1 
ATOM   130  C  CG2 . ILE A 1 52  ? 13.207  -3.974  -0.850  1.00 19.66 ? 511  ILE A CG2 1 
ATOM   131  C  CD1 . ILE A 1 52  ? 15.147  -4.947  -3.105  1.00 21.07 ? 511  ILE A CD1 1 
ATOM   132  N  N   . PRO A 1 53  ? 16.349  -0.706  -1.150  1.00 16.96 ? 512  PRO A N   1 
ATOM   133  C  CA  . PRO A 1 53  ? 17.417  0.207   -1.570  1.00 16.78 ? 512  PRO A CA  1 
ATOM   134  C  C   . PRO A 1 53  ? 17.978  -0.086  -2.966  1.00 15.99 ? 512  PRO A C   1 
ATOM   135  O  O   . PRO A 1 53  ? 18.100  -1.261  -3.339  1.00 17.17 ? 512  PRO A O   1 
ATOM   136  C  CB  . PRO A 1 53  ? 18.500  -0.037  -0.521  1.00 16.86 ? 512  PRO A CB  1 
ATOM   137  C  CG  . PRO A 1 53  ? 17.736  -0.476  0.693   1.00 17.49 ? 512  PRO A CG  1 
ATOM   138  C  CD  . PRO A 1 53  ? 16.671  -1.364  0.133   1.00 17.63 ? 512  PRO A CD  1 
ATOM   139  N  N   . PRO A 1 54  ? 18.288  0.969   -3.751  1.00 15.87 ? 513  PRO A N   1 
ATOM   140  C  CA  . PRO A 1 54  ? 18.981  0.726   -5.015  1.00 15.82 ? 513  PRO A CA  1 
ATOM   141  C  C   . PRO A 1 54  ? 20.262  -0.079  -4.778  1.00 16.75 ? 513  PRO A C   1 
ATOM   142  O  O   . PRO A 1 54  ? 20.839  -0.013  -3.689  1.00 16.19 ? 513  PRO A O   1 
ATOM   143  C  CB  . PRO A 1 54  ? 19.268  2.138   -5.536  1.00 16.37 ? 513  PRO A CB  1 
ATOM   144  C  CG  . PRO A 1 54  ? 18.120  2.959   -4.974  1.00 15.03 ? 513  PRO A CG  1 
ATOM   145  C  CD  . PRO A 1 54  ? 17.875  2.383   -3.604  1.00 15.78 ? 513  PRO A CD  1 
ATOM   146  N  N   . LYS A 1 55  ? 20.678  -0.847  -5.776  1.00 17.95 ? 514  LYS A N   1 
ATOM   147  C  CA  . LYS A 1 55  ? 21.899  -1.651  -5.668  1.00 18.24 ? 514  LYS A CA  1 
ATOM   148  C  C   . LYS A 1 55  ? 22.815  -1.351  -6.831  1.00 17.88 ? 514  LYS A C   1 
ATOM   149  O  O   . LYS A 1 55  ? 22.358  -1.276  -7.977  1.00 16.82 ? 514  LYS A O   1 
ATOM   150  C  CB  . LYS A 1 55  ? 21.569  -3.144  -5.617  1.00 21.22 ? 514  LYS A CB  1 
ATOM   151  C  CG  . LYS A 1 55  ? 22.780  -4.021  -5.345  1.00 24.48 ? 514  LYS A CG  1 
ATOM   152  C  CD  . LYS A 1 55  ? 22.385  -5.463  -5.095  1.00 28.78 ? 514  LYS A CD  1 
ATOM   153  C  CE  . LYS A 1 55  ? 23.513  -6.202  -4.381  1.00 32.20 ? 514  LYS A CE  1 
ATOM   154  N  NZ  . LYS A 1 55  ? 24.755  -6.231  -5.203  1.00 36.60 ? 514  LYS A NZ  1 
ATOM   155  N  N   . THR A 1 56  ? 24.099  -1.187  -6.548  1.00 18.11 ? 515  THR A N   1 
ATOM   156  C  CA  . THR A 1 56  ? 25.066  -1.054  -7.636  1.00 19.62 ? 515  THR A CA  1 
ATOM   157  C  C   . THR A 1 56  ? 25.801  -2.373  -7.867  1.00 19.63 ? 515  THR A C   1 
ATOM   158  O  O   . THR A 1 56  ? 26.099  -3.118  -6.923  1.00 21.20 ? 515  THR A O   1 
ATOM   159  C  CB  . THR A 1 56  ? 26.055  0.099   -7.399  1.00 21.84 ? 515  THR A CB  1 
ATOM   160  O  OG1 . THR A 1 56  ? 26.833  -0.186  -6.239  1.00 25.70 ? 515  THR A OG1 1 
ATOM   161  C  CG2 . THR A 1 56  ? 25.308  1.396   -7.178  1.00 20.48 ? 515  THR A CG2 1 
ATOM   162  N  N   . TYR A 1 57  ? 26.072  -2.652  -9.138  1.00 18.12 ? 516  TYR A N   1 
ATOM   163  C  CA  . TYR A 1 57  ? 26.893  -3.787  -9.527  1.00 18.61 ? 516  TYR A CA  1 
ATOM   164  C  C   . TYR A 1 57  ? 28.138  -3.276  -10.226 1.00 18.52 ? 516  TYR A C   1 
ATOM   165  O  O   . TYR A 1 57  ? 28.102  -2.237  -10.902 1.00 18.54 ? 516  TYR A O   1 
ATOM   166  C  CB  . TYR A 1 57  ? 26.112  -4.719  -10.460 1.00 17.41 ? 516  TYR A CB  1 
ATOM   167  C  CG  . TYR A 1 57  ? 24.990  -5.463  -9.781  1.00 18.59 ? 516  TYR A CG  1 
ATOM   168  C  CD1 . TYR A 1 57  ? 23.721  -4.894  -9.669  1.00 18.47 ? 516  TYR A CD1 1 
ATOM   169  C  CD2 . TYR A 1 57  ? 25.189  -6.743  -9.258  1.00 18.06 ? 516  TYR A CD2 1 
ATOM   170  C  CE1 . TYR A 1 57  ? 22.687  -5.578  -9.050  1.00 18.44 ? 516  TYR A CE1 1 
ATOM   171  C  CE2 . TYR A 1 57  ? 24.159  -7.435  -8.638  1.00 19.33 ? 516  TYR A CE2 1 
ATOM   172  C  CZ  . TYR A 1 57  ? 22.910  -6.840  -8.545  1.00 19.16 ? 516  TYR A CZ  1 
ATOM   173  O  OH  . TYR A 1 57  ? 21.868  -7.502  -7.944  1.00 19.93 ? 516  TYR A OH  1 
ATOM   174  N  N   . SER A 1 58  ? 29.255  -3.984  -10.052 1.00 19.93 ? 517  SER A N   1 
ATOM   175  C  CA  . SER A 1 58  ? 30.494  -3.578  -10.713 1.00 20.06 ? 517  SER A CA  1 
ATOM   176  C  C   . SER A 1 58  ? 31.227  -4.790  -11.278 1.00 18.52 ? 517  SER A C   1 
ATOM   177  O  O   . SER A 1 58  ? 30.930  -5.927  -10.934 1.00 18.70 ? 517  SER A O   1 
ATOM   178  C  CB  . SER A 1 58  ? 31.405  -2.827  -9.744  1.00 21.89 ? 517  SER A CB  1 
ATOM   179  O  OG  . SER A 1 58  ? 31.716  -3.663  -8.651  1.00 25.89 ? 517  SER A OG  1 
ATOM   180  N  N   . GLY A 1 59  ? 32.174  -4.527  -12.161 1.00 17.64 ? 518  GLY A N   1 
ATOM   181  C  CA  . GLY A 1 59  ? 33.019  -5.583  -12.736 1.00 17.27 ? 518  GLY A CA  1 
ATOM   182  C  C   . GLY A 1 59  ? 34.111  -4.975  -13.594 1.00 17.20 ? 518  GLY A C   1 
ATOM   183  O  O   . GLY A 1 59  ? 34.163  -3.755  -13.762 1.00 19.05 ? 518  GLY A O   1 
ATOM   184  N  N   . ASN A 1 60  ? 34.989  -5.816  -14.144 1.00 17.21 ? 519  ASN A N   1 
ATOM   185  C  CA  . ASN A 1 60  ? 35.933  -5.343  -15.152 1.00 17.62 ? 519  ASN A CA  1 
ATOM   186  C  C   . ASN A 1 60  ? 35.213  -4.969  -16.428 1.00 17.39 ? 519  ASN A C   1 
ATOM   187  O  O   . ASN A 1 60  ? 34.109  -5.443  -16.700 1.00 16.46 ? 519  ASN A O   1 
ATOM   188  C  CB  . ASN A 1 60  ? 36.974  -6.425  -15.490 1.00 18.69 ? 519  ASN A CB  1 
ATOM   189  C  CG  . ASN A 1 60  ? 37.925  -6.700  -14.346 1.00 20.17 ? 519  ASN A CG  1 
ATOM   190  O  OD1 . ASN A 1 60  ? 37.522  -6.760  -13.194 1.00 21.44 ? 519  ASN A OD1 1 
ATOM   191  N  ND2 . ASN A 1 60  ? 39.199  -6.887  -14.670 1.00 21.88 ? 519  ASN A ND2 1 
ATOM   192  N  N   . VAL A 1 61  ? 35.860  -4.159  -17.245 1.00 17.61 ? 520  VAL A N   1 
ATOM   193  C  CA  . VAL A 1 61  ? 35.288  -3.823  -18.548 1.00 18.05 ? 520  VAL A CA  1 
ATOM   194  C  C   . VAL A 1 61  ? 35.142  -5.135  -19.326 1.00 17.84 ? 520  VAL A C   1 
ATOM   195  O  O   . VAL A 1 61  ? 36.058  -5.961  -19.323 1.00 20.03 ? 520  VAL A O   1 
ATOM   196  C  CB  . VAL A 1 61  ? 36.147  -2.767  -19.284 1.00 19.47 ? 520  VAL A CB  1 
ATOM   197  C  CG1 . VAL A 1 61  ? 35.689  -2.589  -20.727 1.00 21.11 ? 520  VAL A CG1 1 
ATOM   198  C  CG2 . VAL A 1 61  ? 36.065  -1.440  -18.544 1.00 20.66 ? 520  VAL A CG2 1 
ATOM   199  N  N   . ASP A 1 62  ? 33.967  -5.324  -19.935 1.00 16.94 ? 521  ASP A N   1 
ATOM   200  C  CA  . ASP A 1 62  ? 33.574  -6.501  -20.726 1.00 17.02 ? 521  ASP A CA  1 
ATOM   201  C  C   . ASP A 1 62  ? 33.029  -7.657  -19.898 1.00 15.75 ? 521  ASP A C   1 
ATOM   202  O  O   . ASP A 1 62  ? 32.521  -8.632  -20.451 1.00 16.56 ? 521  ASP A O   1 
ATOM   203  C  CB  . ASP A 1 62  ? 34.702  -6.992  -21.653 1.00 17.88 ? 521  ASP A CB  1 
ATOM   204  C  CG  . ASP A 1 62  ? 35.062  -5.980  -22.725 1.00 19.18 ? 521  ASP A CG  1 
ATOM   205  O  OD1 . ASP A 1 62  ? 34.150  -5.278  -23.236 1.00 20.70 ? 521  ASP A OD1 1 
ATOM   206  O  OD2 . ASP A 1 62  ? 36.253  -5.896  -23.072 1.00 20.83 ? 521  ASP A OD2 1 
ATOM   207  N  N   . GLN A 1 63  ? 33.155  -7.566  -18.578 1.00 14.79 ? 522  GLN A N   1 
ATOM   208  C  CA  . GLN A 1 63  ? 32.707  -8.658  -17.715 1.00 14.95 ? 522  GLN A CA  1 
ATOM   209  C  C   . GLN A 1 63  ? 31.185  -8.700  -17.680 1.00 14.92 ? 522  GLN A C   1 
ATOM   210  O  O   . GLN A 1 63  ? 30.527  -7.682  -17.445 1.00 15.41 ? 522  GLN A O   1 
ATOM   211  C  CB  . GLN A 1 63  ? 33.278  -8.490  -16.303 1.00 15.21 ? 522  GLN A CB  1 
ATOM   212  C  CG  . GLN A 1 63  ? 32.960  -9.653  -15.369 1.00 16.27 ? 522  GLN A CG  1 
ATOM   213  C  CD  . GLN A 1 63  ? 33.577  -9.472  -13.990 1.00 15.99 ? 522  GLN A CD  1 
ATOM   214  O  OE1 . GLN A 1 63  ? 34.375  -8.551  -13.772 1.00 16.48 ? 522  GLN A OE1 1 
ATOM   215  N  NE2 . GLN A 1 63  ? 33.216  -10.346 -13.053 1.00 16.36 ? 522  GLN A NE2 1 
ATOM   216  N  N   . VAL A 1 64  ? 30.647  -9.900  -17.877 1.00 14.30 ? 523  VAL A N   1 
ATOM   217  C  CA  . VAL A 1 64  ? 29.209  -10.137 -17.828 1.00 15.39 ? 523  VAL A CA  1 
ATOM   218  C  C   . VAL A 1 64  ? 28.802  -10.470 -16.396 1.00 15.85 ? 523  VAL A C   1 
ATOM   219  O  O   . VAL A 1 64  ? 29.339  -11.412 -15.793 1.00 17.92 ? 523  VAL A O   1 
ATOM   220  C  CB  . VAL A 1 64  ? 28.801  -11.258 -18.805 1.00 15.07 ? 523  VAL A CB  1 
ATOM   221  C  CG1 . VAL A 1 64  ? 27.301  -11.508 -18.720 1.00 15.73 ? 523  VAL A CG1 1 
ATOM   222  C  CG2 . VAL A 1 64  ? 29.207  -10.882 -20.215 1.00 15.74 ? 523  VAL A CG2 1 
ATOM   223  N  N   . VAL A 1 65  ? 27.898  -9.666  -15.839 1.00 15.82 ? 524  VAL A N   1 
ATOM   224  C  CA  . VAL A 1 65  ? 27.533  -9.746  -14.429 1.00 16.48 ? 524  VAL A CA  1 
ATOM   225  C  C   . VAL A 1 65  ? 26.029  -9.980  -14.325 1.00 17.24 ? 524  VAL A C   1 
ATOM   226  O  O   . VAL A 1 65  ? 25.248  -9.326  -15.013 1.00 18.29 ? 524  VAL A O   1 
ATOM   227  C  CB  . VAL A 1 65  ? 27.895  -8.438  -13.683 1.00 17.45 ? 524  VAL A CB  1 
ATOM   228  C  CG1 . VAL A 1 65  ? 27.459  -8.489  -12.225 1.00 18.29 ? 524  VAL A CG1 1 
ATOM   229  C  CG2 . VAL A 1 65  ? 29.394  -8.177  -13.753 1.00 17.81 ? 524  VAL A CG2 1 
ATOM   230  N  N   . THR A 1 66  ? 25.644  -10.912 -13.462 1.00 18.70 ? 525  THR A N   1 
ATOM   231  C  CA  . THR A 1 66  ? 24.243  -11.216 -13.229 1.00 19.14 ? 525  THR A CA  1 
ATOM   232  C  C   . THR A 1 66  ? 23.647  -10.275 -12.193 1.00 19.42 ? 525  THR A C   1 
ATOM   233  O  O   . THR A 1 66  ? 24.213  -10.076 -11.111 1.00 20.76 ? 525  THR A O   1 
ATOM   234  C  CB  . THR A 1 66  ? 24.041  -12.696 -12.824 1.00 20.71 ? 525  THR A CB  1 
ATOM   235  O  OG1 . THR A 1 66  ? 24.539  -13.532 -13.879 1.00 22.09 ? 525  THR A OG1 1 
ATOM   236  C  CG2 . THR A 1 66  ? 22.538  -13.014 -12.607 1.00 22.15 ? 525  THR A CG2 1 
ATOM   237  N  N   . ILE A 1 67  ? 22.508  -9.679  -12.536 1.00 17.63 ? 526  ILE A N   1 
ATOM   238  C  CA  . ILE A 1 67  ? 21.827  -8.779  -11.602 1.00 17.93 ? 526  ILE A CA  1 
ATOM   239  C  C   . ILE A 1 67  ? 20.538  -9.446  -11.134 1.00 18.55 ? 526  ILE A C   1 
ATOM   240  O  O   . ILE A 1 67  ? 20.000  -10.288 -11.831 1.00 20.29 ? 526  ILE A O   1 
ATOM   241  C  CB  . ILE A 1 67  ? 21.582  -7.383  -12.202 1.00 17.74 ? 526  ILE A CB  1 
ATOM   242  C  CG1 . ILE A 1 67  ? 20.677  -7.438  -13.431 1.00 18.70 ? 526  ILE A CG1 1 
ATOM   243  C  CG2 . ILE A 1 67  ? 22.905  -6.748  -12.593 1.00 16.19 ? 526  ILE A CG2 1 
ATOM   244  C  CD1 . ILE A 1 67  ? 20.354  -6.072  -13.998 1.00 19.69 ? 526  ILE A CD1 1 
ATOM   245  N  N   . ASP A 1 68  ? 20.067  -9.068  -9.955  1.00 18.67 ? 527  ASP A N   1 
ATOM   246  C  CA  . ASP A 1 68  ? 18.965  -9.770  -9.292  1.00 19.23 ? 527  ASP A CA  1 
ATOM   247  C  C   . ASP A 1 68  ? 17.756  -8.855  -9.339  1.00 18.04 ? 527  ASP A C   1 
ATOM   248  O  O   . ASP A 1 68  ? 17.840  -7.719  -8.865  1.00 17.59 ? 527  ASP A O   1 
ATOM   249  C  CB  . ASP A 1 68  ? 19.356  -10.022 -7.834  1.00 21.78 ? 527  ASP A CB  1 
ATOM   250  C  CG  . ASP A 1 68  ? 18.352  -10.868 -7.063  1.00 24.72 ? 527  ASP A CG  1 
ATOM   251  O  OD1 . ASP A 1 68  ? 17.250  -11.151 -7.572  1.00 25.52 ? 527  ASP A OD1 1 
ATOM   252  O  OD2 . ASP A 1 68  ? 18.690  -11.255 -5.914  1.00 26.67 ? 527  ASP A OD2 1 
ATOM   253  N  N   . ASN A 1 69  ? 16.635  -9.319  -9.893  1.00 18.13 ? 528  ASN A N   1 
ATOM   254  C  CA  . ASN A 1 69  ? 15.444  -8.471  -9.881  1.00 18.88 ? 528  ASN A CA  1 
ATOM   255  C  C   . ASN A 1 69  ? 14.652  -8.544  -8.580  1.00 18.48 ? 528  ASN A C   1 
ATOM   256  O  O   . ASN A 1 69  ? 13.669  -7.835  -8.429  1.00 18.44 ? 528  ASN A O   1 
ATOM   257  C  CB  . ASN A 1 69  ? 14.530  -8.697  -11.112 1.00 19.19 ? 528  ASN A CB  1 
ATOM   258  C  CG  . ASN A 1 69  ? 13.589  -9.884  -10.951 1.00 20.24 ? 528  ASN A CG  1 
ATOM   259  O  OD1 . ASN A 1 69  ? 13.801  -10.764 -10.121 1.00 20.00 ? 528  ASN A OD1 1 
ATOM   260  N  ND2 . ASN A 1 69  ? 12.520  -9.901  -11.755 1.00 21.48 ? 528  ASN A ND2 1 
ATOM   261  N  N   . GLN A 1 70  ? 15.091  -9.387  -7.642  1.00 17.78 ? 529  GLN A N   1 
ATOM   262  C  CA  . GLN A 1 70  ? 14.503  -9.452  -6.293  1.00 18.22 ? 529  GLN A CA  1 
ATOM   263  C  C   . GLN A 1 70  ? 13.006  -9.789  -6.304  1.00 18.44 ? 529  GLN A C   1 
ATOM   264  O  O   . GLN A 1 70  ? 12.268  -9.374  -5.401  1.00 18.63 ? 529  GLN A O   1 
ATOM   265  C  CB  . GLN A 1 70  ? 14.745  -8.132  -5.541  1.00 19.23 ? 529  GLN A CB  1 
ATOM   266  C  CG  . GLN A 1 70  ? 16.209  -7.852  -5.195  1.00 20.92 ? 529  GLN A CG  1 
ATOM   267  C  CD  . GLN A 1 70  ? 16.704  -8.718  -4.060  1.00 24.76 ? 529  GLN A CD  1 
ATOM   268  O  OE1 . GLN A 1 70  ? 15.910  -9.352  -3.351  1.00 27.10 ? 529  GLN A OE1 1 
ATOM   269  N  NE2 . GLN A 1 70  ? 18.017  -8.761  -3.878  1.00 27.19 ? 529  GLN A NE2 1 
ATOM   270  N  N   . GLN A 1 71  ? 12.561  -10.550 -7.310  1.00 17.70 ? 530  GLN A N   1 
ATOM   271  C  CA  . GLN A 1 71  ? 11.120  -10.833 -7.469  1.00 19.37 ? 530  GLN A CA  1 
ATOM   272  C  C   . GLN A 1 71  ? 10.532  -11.519 -6.234  1.00 20.42 ? 530  GLN A C   1 
ATOM   273  O  O   . GLN A 1 71  ? 9.426   -11.177 -5.802  1.00 19.84 ? 530  GLN A O   1 
ATOM   274  C  CB  . GLN A 1 71  ? 10.876  -11.642 -8.755  1.00 20.86 ? 530  GLN A CB  1 
ATOM   275  C  CG  . GLN A 1 71  ? 9.415   -11.943 -9.093  1.00 21.70 ? 530  GLN A CG  1 
ATOM   276  C  CD  . GLN A 1 71  ? 9.211   -12.273 -10.567 1.00 22.94 ? 530  GLN A CD  1 
ATOM   277  O  OE1 . GLN A 1 71  ? 10.188  -12.383 -11.319 1.00 23.64 ? 530  GLN A OE1 1 
ATOM   278  N  NE2 . GLN A 1 71  ? 7.937   -12.420 -10.998 1.00 21.17 ? 530  GLN A NE2 1 
ATOM   279  N  N   . SER A 1 72  ? 11.286  -12.453 -5.649  1.00 20.49 ? 531  SER A N   1 
ATOM   280  C  CA  . SER A 1 72  ? 10.788  -13.221 -4.491  1.00 22.35 ? 531  SER A CA  1 
ATOM   281  C  C   . SER A 1 72  ? 10.545  -12.330 -3.280  1.00 20.89 ? 531  SER A C   1 
ATOM   282  O  O   . SER A 1 72  ? 9.493   -12.401 -2.666  1.00 21.80 ? 531  SER A O   1 
ATOM   283  C  CB  . SER A 1 72  ? 11.749  -14.358 -4.126  1.00 24.50 ? 531  SER A CB  1 
ATOM   284  O  OG  . SER A 1 72  ? 11.834  -15.288 -5.193  1.00 29.94 ? 531  SER A OG  1 
ATOM   285  N  N   . ALA A 1 73  ? 11.521  -11.486 -2.942  1.00 20.32 ? 532  ALA A N   1 
ATOM   286  C  CA  . ALA A 1 73  ? 11.395  -10.560 -1.820  1.00 19.89 ? 532  ALA A CA  1 
ATOM   287  C  C   . ALA A 1 73  ? 10.231  -9.574  -2.020  1.00 19.55 ? 532  ALA A C   1 
ATOM   288  O  O   . ALA A 1 73  ? 9.507   -9.236  -1.064  1.00 18.64 ? 532  ALA A O   1 
ATOM   289  C  CB  . ALA A 1 73  ? 12.700  -9.794  -1.628  1.00 20.37 ? 532  ALA A CB  1 
ATOM   290  N  N   . LEU A 1 74  ? 10.060  -9.117  -3.262  1.00 18.52 ? 533  LEU A N   1 
ATOM   291  C  CA  . LEU A 1 74  ? 9.025   -8.137  -3.573  1.00 18.40 ? 533  LEU A CA  1 
ATOM   292  C  C   . LEU A 1 74  ? 7.631   -8.758  -3.586  1.00 17.11 ? 533  LEU A C   1 
ATOM   293  O  O   . LEU A 1 74  ? 6.659   -8.107  -3.208  1.00 16.17 ? 533  LEU A O   1 
ATOM   294  C  CB  . LEU A 1 74  ? 9.330   -7.406  -4.887  1.00 19.81 ? 533  LEU A CB  1 
ATOM   295  C  CG  . LEU A 1 74  ? 10.258  -6.195  -4.835  1.00 21.94 ? 533  LEU A CG  1 
ATOM   296  C  CD1 . LEU A 1 74  ? 9.437   -4.988  -4.429  1.00 23.55 ? 533  LEU A CD1 1 
ATOM   297  C  CD2 . LEU A 1 74  ? 11.412  -6.402  -3.871  1.00 24.03 ? 533  LEU A CD2 1 
ATOM   298  N  N   . THR A 1 75  ? 7.540   -10.032 -3.970  1.00 16.82 ? 534  THR A N   1 
ATOM   299  C  CA  . THR A 1 75  ? 6.266   -10.754 -3.893  1.00 17.63 ? 534  THR A CA  1 
ATOM   300  C  C   . THR A 1 75  ? 5.777   -10.815 -2.443  1.00 17.44 ? 534  THR A C   1 
ATOM   301  O  O   . THR A 1 75  ? 4.590   -10.614 -2.163  1.00 19.15 ? 534  THR A O   1 
ATOM   302  C  CB  . THR A 1 75  ? 6.414   -12.172 -4.486  1.00 18.14 ? 534  THR A CB  1 
ATOM   303  O  OG1 . THR A 1 75  ? 6.630   -12.053 -5.893  1.00 19.03 ? 534  THR A OG1 1 
ATOM   304  C  CG2 . THR A 1 75  ? 5.156   -13.045 -4.225  1.00 18.90 ? 534  THR A CG2 1 
ATOM   305  N  N   . ALA A 1 76  ? 6.704   -11.070 -1.528  1.00 17.78 ? 535  ALA A N   1 
ATOM   306  C  CA  . ALA A 1 76  ? 6.402   -11.122 -0.101  1.00 17.27 ? 535  ALA A CA  1 
ATOM   307  C  C   . ALA A 1 76  ? 5.929   -9.773  0.419   1.00 17.50 ? 535  ALA A C   1 
ATOM   308  O  O   . ALA A 1 76  ? 5.187   -9.696  1.393   1.00 17.73 ? 535  ALA A O   1 
ATOM   309  C  CB  . ALA A 1 76  ? 7.632   -11.572 0.666   1.00 17.31 ? 535  ALA A CB  1 
ATOM   310  N  N   . LYS A 1 77  ? 6.361   -8.709  -0.250  1.00 16.25 ? 536  LYS A N   1 
ATOM   311  C  CA  . LYS A 1 77  ? 5.941   -7.361  0.117   1.00 18.06 ? 536  LYS A CA  1 
ATOM   312  C  C   . LYS A 1 77  ? 4.624   -6.949  -0.535  1.00 17.01 ? 536  LYS A C   1 
ATOM   313  O  O   . LYS A 1 77  ? 4.211   -5.783  -0.408  1.00 16.70 ? 536  LYS A O   1 
ATOM   314  C  CB  . LYS A 1 77  ? 7.022   -6.352  -0.261  1.00 18.72 ? 536  LYS A CB  1 
ATOM   315  C  CG  . LYS A 1 77  ? 8.263   -6.460  0.603   1.00 20.99 ? 536  LYS A CG  1 
ATOM   316  C  CD  . LYS A 1 77  ? 9.321   -5.448  0.226   1.00 22.07 ? 536  LYS A CD  1 
ATOM   317  C  CE  . LYS A 1 77  ? 10.531  -5.583  1.133   1.00 23.85 ? 536  LYS A CE  1 
ATOM   318  N  NZ  . LYS A 1 77  ? 10.229  -5.181  2.533   1.00 26.87 ? 536  LYS A NZ  1 
ATOM   319  N  N   . GLY A 1 78  ? 3.998   -7.874  -1.263  1.00 16.21 ? 537  GLY A N   1 
ATOM   320  C  CA  . GLY A 1 78  ? 2.686   -7.627  -1.867  1.00 16.13 ? 537  GLY A CA  1 
ATOM   321  C  C   . GLY A 1 78  ? 2.770   -6.931  -3.219  1.00 16.09 ? 537  GLY A C   1 
ATOM   322  O  O   . GLY A 1 78  ? 1.838   -6.229  -3.620  1.00 15.44 ? 537  GLY A O   1 
ATOM   323  N  N   . TYR A 1 79  ? 3.890   -7.129  -3.907  1.00 15.58 ? 538  TYR A N   1 
ATOM   324  C  CA  . TYR A 1 79  ? 4.134   -6.574  -5.242  1.00 15.46 ? 538  TYR A CA  1 
ATOM   325  C  C   . TYR A 1 79  ? 4.304   -7.659  -6.288  1.00 16.95 ? 538  TYR A C   1 
ATOM   326  O  O   . TYR A 1 79  ? 4.933   -8.679  -6.043  1.00 17.84 ? 538  TYR A O   1 
ATOM   327  C  CB  . TYR A 1 79  ? 5.404   -5.728  -5.269  1.00 15.26 ? 538  TYR A CB  1 
ATOM   328  C  CG  . TYR A 1 79  ? 5.315   -4.398  -4.560  1.00 16.04 ? 538  TYR A CG  1 
ATOM   329  C  CD1 . TYR A 1 79  ? 5.600   -4.295  -3.199  1.00 16.51 ? 538  TYR A CD1 1 
ATOM   330  C  CD2 . TYR A 1 79  ? 4.995   -3.225  -5.253  1.00 15.85 ? 538  TYR A CD2 1 
ATOM   331  C  CE1 . TYR A 1 79  ? 5.525   -3.080  -2.534  1.00 16.31 ? 538  TYR A CE1 1 
ATOM   332  C  CE2 . TYR A 1 79  ? 4.930   -1.999  -4.598  1.00 16.14 ? 538  TYR A CE2 1 
ATOM   333  C  CZ  . TYR A 1 79  ? 5.201   -1.936  -3.236  1.00 16.68 ? 538  TYR A CZ  1 
ATOM   334  O  OH  . TYR A 1 79  ? 5.156   -0.759  -2.536  1.00 17.07 ? 538  TYR A OH  1 
ATOM   335  N  N   . ASN A 1 80  ? 3.764   -7.417  -7.473  1.00 15.48 ? 539  ASN A N   1 
ATOM   336  C  CA  . ASN A 1 80  ? 4.069   -8.265  -8.616  1.00 15.10 ? 539  ASN A CA  1 
ATOM   337  C  C   . ASN A 1 80  ? 5.073   -7.539  -9.501  1.00 15.34 ? 539  ASN A C   1 
ATOM   338  O  O   . ASN A 1 80  ? 4.954   -6.335  -9.725  1.00 16.43 ? 539  ASN A O   1 
ATOM   339  C  CB  . ASN A 1 80  ? 2.798   -8.548  -9.414  1.00 15.34 ? 539  ASN A CB  1 
ATOM   340  C  CG  . ASN A 1 80  ? 1.920   -9.595  -8.770  1.00 16.73 ? 539  ASN A CG  1 
ATOM   341  O  OD1 . ASN A 1 80  ? 2.258   -10.168 -7.745  1.00 18.03 ? 539  ASN A OD1 1 
ATOM   342  N  ND2 . ASN A 1 80  ? 0.770   -9.838  -9.374  1.00 17.96 ? 539  ASN A ND2 1 
ATOM   343  N  N   . TYR A 1 81  ? 6.062   -8.277  -9.991  1.00 15.81 ? 540  TYR A N   1 
ATOM   344  C  CA  . TYR A 1 81  ? 6.989   -7.762  -10.972 1.00 15.63 ? 540  TYR A CA  1 
ATOM   345  C  C   . TYR A 1 81  ? 6.247   -7.423  -12.263 1.00 15.75 ? 540  TYR A C   1 
ATOM   346  O  O   . TYR A 1 81  ? 5.529   -8.270  -12.813 1.00 18.46 ? 540  TYR A O   1 
ATOM   347  C  CB  . TYR A 1 81  ? 8.044   -8.818  -11.240 1.00 15.97 ? 540  TYR A CB  1 
ATOM   348  C  CG  . TYR A 1 81  ? 9.025   -8.435  -12.302 1.00 16.34 ? 540  TYR A CG  1 
ATOM   349  C  CD1 . TYR A 1 81  ? 9.683   -7.201  -12.260 1.00 16.59 ? 540  TYR A CD1 1 
ATOM   350  C  CD2 . TYR A 1 81  ? 9.297   -9.306  -13.349 1.00 16.73 ? 540  TYR A CD2 1 
ATOM   351  C  CE1 . TYR A 1 81  ? 10.585  -6.847  -13.254 1.00 16.32 ? 540  TYR A CE1 1 
ATOM   352  C  CE2 . TYR A 1 81  ? 10.196  -8.965  -14.339 1.00 17.22 ? 540  TYR A CE2 1 
ATOM   353  C  CZ  . TYR A 1 81  ? 10.835  -7.749  -14.282 1.00 16.35 ? 540  TYR A CZ  1 
ATOM   354  O  OH  . TYR A 1 81  ? 11.747  -7.427  -15.263 1.00 16.76 ? 540  TYR A OH  1 
ATOM   355  N  N   . THR A 1 82  ? 6.448   -6.194  -12.753 1.00 14.37 ? 541  THR A N   1 
ATOM   356  C  CA  . THR A 1 82  ? 5.656   -5.683  -13.866 1.00 14.91 ? 541  THR A CA  1 
ATOM   357  C  C   . THR A 1 82  ? 6.458   -5.348  -15.120 1.00 15.07 ? 541  THR A C   1 
ATOM   358  O  O   . THR A 1 82  ? 6.060   -5.738  -16.203 1.00 14.04 ? 541  THR A O   1 
ATOM   359  C  CB  . THR A 1 82  ? 4.801   -4.486  -13.409 1.00 16.11 ? 541  THR A CB  1 
ATOM   360  O  OG1 . THR A 1 82  ? 3.899   -4.941  -12.394 1.00 18.35 ? 541  THR A OG1 1 
ATOM   361  C  CG2 . THR A 1 82  ? 3.984   -3.931  -14.560 1.00 16.27 ? 541  THR A CG2 1 
ATOM   362  N  N   . SER A 1 83  ? 7.594   -4.660  -14.986 1.00 14.33 ? 542  SER A N   1 
ATOM   363  C  CA  . SER A 1 83  ? 8.336   -4.255  -16.187 1.00 14.98 ? 542  SER A CA  1 
ATOM   364  C  C   . SER A 1 83  ? 9.792   -3.935  -15.882 1.00 15.02 ? 542  SER A C   1 
ATOM   365  O  O   . SER A 1 83  ? 10.160  -3.739  -14.709 1.00 14.97 ? 542  SER A O   1 
ATOM   366  C  CB  . SER A 1 83  ? 7.641   -3.080  -16.916 1.00 15.89 ? 542  SER A CB  1 
ATOM   367  O  OG  . SER A 1 83  ? 7.712   -1.853  -16.214 1.00 18.12 ? 542  SER A OG  1 
ATOM   368  N  N   . VAL A 1 84  ? 10.606  -3.912  -16.928 1.00 15.40 ? 543  VAL A N   1 
ATOM   369  C  CA  . VAL A 1 84  ? 12.012  -3.503  -16.805 1.00 15.46 ? 543  VAL A CA  1 
ATOM   370  C  C   . VAL A 1 84  ? 12.289  -2.408  -17.817 1.00 15.98 ? 543  VAL A C   1 
ATOM   371  O  O   . VAL A 1 84  ? 11.847  -2.484  -18.970 1.00 17.65 ? 543  VAL A O   1 
ATOM   372  C  CB  . VAL A 1 84  ? 13.001  -4.680  -16.983 1.00 15.62 ? 543  VAL A CB  1 
ATOM   373  C  CG1 . VAL A 1 84  ? 12.781  -5.423  -18.302 1.00 16.60 ? 543  VAL A CG1 1 
ATOM   374  C  CG2 . VAL A 1 84  ? 14.450  -4.194  -16.864 1.00 15.98 ? 543  VAL A CG2 1 
ATOM   375  N  N   . ASP A 1 85  ? 12.967  -1.364  -17.352 1.00 15.83 ? 544  ASP A N   1 
ATOM   376  C  CA  . ASP A 1 85  ? 13.424  -0.317  -18.227 1.00 17.07 ? 544  ASP A CA  1 
ATOM   377  C  C   . ASP A 1 85  ? 14.929  -0.398  -18.307 1.00 16.36 ? 544  ASP A C   1 
ATOM   378  O  O   . ASP A 1 85  ? 15.627  -0.102  -17.328 1.00 16.30 ? 544  ASP A O   1 
ATOM   379  C  CB  . ASP A 1 85  ? 12.991  1.037   -17.700 1.00 19.04 ? 544  ASP A CB  1 
ATOM   380  C  CG  . ASP A 1 85  ? 13.219  2.142   -18.708 1.00 22.20 ? 544  ASP A CG  1 
ATOM   381  O  OD1 . ASP A 1 85  ? 14.000  1.927   -19.666 1.00 23.80 ? 544  ASP A OD1 1 
ATOM   382  O  OD2 . ASP A 1 85  ? 12.601  3.212   -18.555 1.00 22.33 ? 544  ASP A OD2 1 
ATOM   383  N  N   . SER A 1 86  ? 15.414  -0.828  -19.471 1.00 15.71 ? 545  SER A N   1 
ATOM   384  C  CA  . SER A 1 86  ? 16.858  -0.897  -19.736 1.00 15.76 ? 545  SER A CA  1 
ATOM   385  C  C   . SER A 1 86  ? 17.289  0.101   -20.821 1.00 14.92 ? 545  SER A C   1 
ATOM   386  O  O   . SER A 1 86  ? 18.316  -0.091  -21.480 1.00 14.55 ? 545  SER A O   1 
ATOM   387  C  CB  . SER A 1 86  ? 17.269  -2.344  -20.092 1.00 16.31 ? 545  SER A CB  1 
ATOM   388  O  OG  . SER A 1 86  ? 16.640  -2.775  -21.287 1.00 16.60 ? 545  SER A OG  1 
ATOM   389  N  N   . SER A 1 87  ? 16.521  1.182   -21.005 1.00 16.11 ? 546  SER A N   1 
ATOM   390  C  CA  . SER A 1 87  ? 16.856  2.204   -22.021 1.00 16.43 ? 546  SER A CA  1 
ATOM   391  C  C   . SER A 1 87  ? 18.274  2.716   -21.841 1.00 16.66 ? 546  SER A C   1 
ATOM   392  O  O   . SER A 1 87  ? 18.949  3.107   -22.814 1.00 17.43 ? 546  SER A O   1 
ATOM   393  C  CB  . SER A 1 87  ? 15.906  3.403   -21.921 1.00 17.47 ? 546  SER A CB  1 
ATOM   394  O  OG  . SER A 1 87  ? 14.609  3.066   -22.382 1.00 19.21 ? 546  SER A OG  1 
ATOM   395  N  N   . TYR A 1 88  ? 18.708  2.741   -20.586 1.00 15.74 ? 547  TYR A N   1 
ATOM   396  C  CA  . TYR A 1 88  ? 20.028  3.239   -20.246 1.00 16.75 ? 547  TYR A CA  1 
ATOM   397  C  C   . TYR A 1 88  ? 21.023  2.160   -19.838 1.00 16.37 ? 547  TYR A C   1 
ATOM   398  O  O   . TYR A 1 88  ? 22.008  2.444   -19.151 1.00 16.13 ? 547  TYR A O   1 
ATOM   399  C  CB  . TYR A 1 88  ? 19.921  4.389   -19.243 1.00 19.54 ? 547  TYR A CB  1 
ATOM   400  C  CG  . TYR A 1 88  ? 19.055  5.499   -19.810 1.00 21.20 ? 547  TYR A CG  1 
ATOM   401  C  CD1 . TYR A 1 88  ? 19.508  6.284   -20.872 1.00 23.48 ? 547  TYR A CD1 1 
ATOM   402  C  CD2 . TYR A 1 88  ? 17.774  5.732   -19.313 1.00 23.36 ? 547  TYR A CD2 1 
ATOM   403  C  CE1 . TYR A 1 88  ? 18.716  7.287   -21.402 1.00 24.98 ? 547  TYR A CE1 1 
ATOM   404  C  CE2 . TYR A 1 88  ? 16.975  6.736   -19.841 1.00 24.47 ? 547  TYR A CE2 1 
ATOM   405  C  CZ  . TYR A 1 88  ? 17.446  7.501   -20.881 1.00 26.23 ? 547  TYR A CZ  1 
ATOM   406  O  OH  . TYR A 1 88  ? 16.642  8.496   -21.403 1.00 29.61 ? 547  TYR A OH  1 
ATOM   407  N  N   . ALA A 1 89  ? 20.778  0.941   -20.310 1.00 16.03 ? 548  ALA A N   1 
ATOM   408  C  CA  . ALA A 1 89  ? 21.704  -0.179  -20.147 1.00 15.94 ? 548  ALA A CA  1 
ATOM   409  C  C   . ALA A 1 89  ? 21.612  -1.036  -21.393 1.00 16.91 ? 548  ALA A C   1 
ATOM   410  O  O   . ALA A 1 89  ? 20.905  -2.055  -21.409 1.00 17.61 ? 548  ALA A O   1 
ATOM   411  C  CB  . ALA A 1 89  ? 21.358  -0.996  -18.895 1.00 16.50 ? 548  ALA A CB  1 
ATOM   412  N  N   . SER A 1 90  ? 22.298  -0.624  -22.462 1.00 17.70 ? 549  SER A N   1 
ATOM   413  C  CA  . SER A 1 90  ? 22.089  -1.287  -23.747 1.00 18.61 ? 549  SER A CA  1 
ATOM   414  C  C   . SER A 1 90  ? 22.620  -2.718  -23.765 1.00 18.34 ? 549  SER A C   1 
ATOM   415  O  O   . SER A 1 90  ? 22.209  -3.537  -24.588 1.00 18.91 ? 549  SER A O   1 
ATOM   416  C  CB  . SER A 1 90  ? 22.676  -0.482  -24.896 1.00 19.44 ? 549  SER A CB  1 
ATOM   417  O  OG  . SER A 1 90  ? 24.080  -0.410  -24.780 1.00 21.17 ? 549  SER A OG  1 
ATOM   418  N  N   . THR A 1 91  ? 23.508  -3.033  -22.832 1.00 17.90 ? 550  THR A N   1 
ATOM   419  C  CA  . THR A 1 91  ? 24.054  -4.366  -22.787 1.00 17.35 ? 550  THR A CA  1 
ATOM   420  C  C   . THR A 1 91  ? 23.127  -5.337  -22.069 1.00 16.40 ? 550  THR A C   1 
ATOM   421  O  O   . THR A 1 91  ? 23.430  -6.536  -22.015 1.00 17.08 ? 550  THR A O   1 
ATOM   422  C  CB  . THR A 1 91  ? 25.401  -4.408  -22.050 1.00 16.77 ? 550  THR A CB  1 
ATOM   423  O  OG1 . THR A 1 91  ? 25.193  -4.134  -20.667 1.00 17.02 ? 550  THR A OG1 1 
ATOM   424  C  CG2 . THR A 1 91  ? 26.415  -3.408  -22.651 1.00 17.09 ? 550  THR A CG2 1 
ATOM   425  N  N   . TYR A 1 92  ? 22.023  -4.832  -21.503 1.00 16.08 ? 551  TYR A N   1 
ATOM   426  C  CA  . TYR A 1 92  ? 21.182  -5.668  -20.642 1.00 16.83 ? 551  TYR A CA  1 
ATOM   427  C  C   . TYR A 1 92  ? 20.551  -6.791  -21.447 1.00 17.27 ? 551  TYR A C   1 
ATOM   428  O  O   . TYR A 1 92  ? 19.988  -6.560  -22.522 1.00 17.65 ? 551  TYR A O   1 
ATOM   429  C  CB  . TYR A 1 92  ? 20.092  -4.842  -19.939 1.00 16.92 ? 551  TYR A CB  1 
ATOM   430  C  CG  . TYR A 1 92  ? 19.116  -5.639  -19.093 1.00 17.32 ? 551  TYR A CG  1 
ATOM   431  C  CD1 . TYR A 1 92  ? 19.534  -6.295  -17.924 1.00 16.31 ? 551  TYR A CD1 1 
ATOM   432  C  CD2 . TYR A 1 92  ? 17.775  -5.717  -19.450 1.00 16.67 ? 551  TYR A CD2 1 
ATOM   433  C  CE1 . TYR A 1 92  ? 18.640  -7.012  -17.145 1.00 16.83 ? 551  TYR A CE1 1 
ATOM   434  C  CE2 . TYR A 1 92  ? 16.870  -6.427  -18.676 1.00 16.81 ? 551  TYR A CE2 1 
ATOM   435  C  CZ  . TYR A 1 92  ? 17.310  -7.078  -17.538 1.00 16.90 ? 551  TYR A CZ  1 
ATOM   436  O  OH  . TYR A 1 92  ? 16.409  -7.782  -16.788 1.00 16.71 ? 551  TYR A OH  1 
ATOM   437  N  N   . ASN A 1 93  ? 20.635  -8.002  -20.908 1.00 16.36 ? 552  ASN A N   1 
ATOM   438  C  CA  . ASN A 1 93  ? 19.927  -9.132  -21.475 1.00 17.07 ? 552  ASN A CA  1 
ATOM   439  C  C   . ASN A 1 93  ? 18.859  -9.560  -20.496 1.00 16.54 ? 552  ASN A C   1 
ATOM   440  O  O   . ASN A 1 93  ? 19.163  -10.023 -19.398 1.00 16.44 ? 552  ASN A O   1 
ATOM   441  C  CB  . ASN A 1 93  ? 20.896  -10.291 -21.743 1.00 17.94 ? 552  ASN A CB  1 
ATOM   442  C  CG  . ASN A 1 93  ? 20.217  -11.460 -22.434 1.00 18.23 ? 552  ASN A CG  1 
ATOM   443  O  OD1 . ASN A 1 93  ? 19.227  -12.017 -21.940 1.00 18.27 ? 552  ASN A OD1 1 
ATOM   444  N  ND2 . ASN A 1 93  ? 20.749  -11.839 -23.588 1.00 20.08 ? 552  ASN A ND2 1 
ATOM   445  N  N   . ASP A 1 94  ? 17.596  -9.400  -20.884 1.00 16.45 ? 553  ASP A N   1 
ATOM   446  C  CA  . ASP A 1 94  ? 16.515  -9.661  -19.958 1.00 16.62 ? 553  ASP A CA  1 
ATOM   447  C  C   . ASP A 1 94  ? 16.319  -11.137 -19.652 1.00 16.11 ? 553  ASP A C   1 
ATOM   448  O  O   . ASP A 1 94  ? 15.949  -11.482 -18.543 1.00 18.40 ? 553  ASP A O   1 
ATOM   449  C  CB  . ASP A 1 94  ? 15.211  -9.054  -20.493 1.00 17.57 ? 553  ASP A CB  1 
ATOM   450  C  CG  . ASP A 1 94  ? 14.107  -9.004  -19.438 1.00 18.23 ? 553  ASP A CG  1 
ATOM   451  O  OD1 . ASP A 1 94  ? 14.391  -8.756  -18.239 1.00 18.78 ? 553  ASP A OD1 1 
ATOM   452  O  OD2 . ASP A 1 94  ? 12.931  -9.181  -19.815 1.00 20.55 ? 553  ASP A OD2 1 
ATOM   453  N  N   . THR A 1 95  ? 16.547  -12.008 -20.638 1.00 17.74 ? 554  THR A N   1 
ATOM   454  C  CA  . THR A 1 95  ? 16.376  -13.434 -20.434 1.00 18.69 ? 554  THR A CA  1 
ATOM   455  C  C   . THR A 1 95  ? 17.348  -13.933 -19.380 1.00 18.50 ? 554  THR A C   1 
ATOM   456  O  O   . THR A 1 95  ? 16.985  -14.712 -18.506 1.00 17.11 ? 554  THR A O   1 
ATOM   457  C  CB  . THR A 1 95  ? 16.592  -14.214 -21.750 1.00 20.14 ? 554  THR A CB  1 
ATOM   458  O  OG1 . THR A 1 95  ? 15.649  -13.752 -22.727 1.00 22.42 ? 554  THR A OG1 1 
ATOM   459  C  CG2 . THR A 1 95  ? 16.384  -15.703 -21.547 1.00 20.67 ? 554  THR A CG2 1 
ATOM   460  N  N   . ASN A 1 96  ? 18.569  -13.443 -19.470 1.00 18.45 ? 555  ASN A N   1 
ATOM   461  C  CA  . ASN A 1 96  ? 19.654  -13.925 -18.629 1.00 18.82 ? 555  ASN A CA  1 
ATOM   462  C  C   . ASN A 1 96  ? 19.891  -13.100 -17.382 1.00 18.13 ? 555  ASN A C   1 
ATOM   463  O  O   . ASN A 1 96  ? 20.651  -13.516 -16.492 1.00 18.04 ? 555  ASN A O   1 
ATOM   464  C  CB  . ASN A 1 96  ? 20.921  -14.011 -19.468 1.00 18.71 ? 555  ASN A CB  1 
ATOM   465  C  CG  . ASN A 1 96  ? 20.713  -14.888 -20.678 1.00 19.62 ? 555  ASN A CG  1 
ATOM   466  O  OD1 . ASN A 1 96  ? 19.795  -15.702 -20.691 1.00 21.99 ? 555  ASN A OD1 1 
ATOM   467  N  ND2 . ASN A 1 96  ? 21.557  -14.752 -21.664 1.00 19.51 ? 555  ASN A ND2 1 
ATOM   468  N  N   . LYS A 1 97  ? 19.229  -11.946 -17.315 1.00 16.68 ? 556  LYS A N   1 
ATOM   469  C  CA  . LYS A 1 97  ? 19.410  -11.000 -16.193 1.00 17.55 ? 556  LYS A CA  1 
ATOM   470  C  C   . LYS A 1 97  ? 20.881  -10.602 -16.055 1.00 17.57 ? 556  LYS A C   1 
ATOM   471  O  O   . LYS A 1 97  ? 21.438  -10.681 -14.970 1.00 17.63 ? 556  LYS A O   1 
ATOM   472  C  CB  . LYS A 1 97  ? 18.884  -11.592 -14.869 1.00 16.91 ? 556  LYS A CB  1 
ATOM   473  C  CG  . LYS A 1 97  ? 17.397  -11.947 -14.894 1.00 17.70 ? 556  LYS A CG  1 
ATOM   474  C  CD  . LYS A 1 97  ? 16.577  -10.701 -15.186 1.00 18.36 ? 556  LYS A CD  1 
ATOM   475  C  CE  . LYS A 1 97  ? 15.090  -10.945 -15.029 1.00 20.80 ? 556  LYS A CE  1 
ATOM   476  N  NZ  . LYS A 1 97  ? 14.555  -11.851 -16.075 1.00 21.42 ? 556  LYS A NZ  1 
ATOM   477  N  N   . THR A 1 98  ? 21.513  -10.226 -17.166 1.00 16.49 ? 557  THR A N   1 
ATOM   478  C  CA  . THR A 1 98  ? 22.920  -9.819  -17.134 1.00 17.24 ? 557  THR A CA  1 
ATOM   479  C  C   . THR A 1 98  ? 23.114  -8.435  -17.715 1.00 16.80 ? 557  THR A C   1 
ATOM   480  O  O   . THR A 1 98  ? 22.320  -7.967  -18.527 1.00 17.78 ? 557  THR A O   1 
ATOM   481  C  CB  . THR A 1 98  ? 23.828  -10.765 -17.949 1.00 17.16 ? 557  THR A CB  1 
ATOM   482  O  OG1 . THR A 1 98  ? 23.322  -10.876 -19.288 1.00 17.52 ? 557  THR A OG1 1 
ATOM   483  C  CG2 . THR A 1 98  ? 23.889  -12.146 -17.309 1.00 17.88 ? 557  THR A CG2 1 
ATOM   484  N  N   . VAL A 1 99  ? 24.183  -7.788  -17.285 1.00 16.58 ? 558  VAL A N   1 
ATOM   485  C  CA  . VAL A 1 99  ? 24.720  -6.640  -17.993 1.00 16.94 ? 558  VAL A CA  1 
ATOM   486  C  C   . VAL A 1 99  ? 26.162  -6.971  -18.340 1.00 17.10 ? 558  VAL A C   1 
ATOM   487  O  O   . VAL A 1 99  ? 26.743  -7.880  -17.742 1.00 16.56 ? 558  VAL A O   1 
ATOM   488  C  CB  . VAL A 1 99  ? 24.638  -5.339  -17.169 1.00 17.16 ? 558  VAL A CB  1 
ATOM   489  C  CG1 . VAL A 1 99  ? 23.174  -4.942  -16.963 1.00 17.12 ? 558  VAL A CG1 1 
ATOM   490  C  CG2 . VAL A 1 99  ? 25.349  -5.503  -15.832 1.00 17.85 ? 558  VAL A CG2 1 
ATOM   491  N  N   . LYS A 1 100 ? 26.693  -6.286  -19.346 1.00 16.62 ? 559  LYS A N   1 
ATOM   492  C  CA  . LYS A 1 100 ? 28.122  -6.338  -19.650 1.00 16.83 ? 559  LYS A CA  1 
ATOM   493  C  C   . LYS A 1 100 ? 28.711  -4.998  -19.237 1.00 17.07 ? 559  LYS A C   1 
ATOM   494  O  O   . LYS A 1 100 ? 28.300  -3.959  -19.755 1.00 16.67 ? 559  LYS A O   1 
ATOM   495  C  CB  . LYS A 1 100 ? 28.367  -6.588  -21.142 1.00 17.26 ? 559  LYS A CB  1 
ATOM   496  C  CG  . LYS A 1 100 ? 29.852  -6.677  -21.496 1.00 19.51 ? 559  LYS A CG  1 
ATOM   497  C  CD  . LYS A 1 100 ? 30.106  -7.003  -22.957 1.00 21.17 ? 559  LYS A CD  1 
ATOM   498  C  CE  . LYS A 1 100 ? 29.386  -6.044  -23.879 1.00 25.24 ? 559  LYS A CE  1 
ATOM   499  N  NZ  . LYS A 1 100 ? 29.800  -6.248  -25.296 1.00 29.57 ? 559  LYS A NZ  1 
ATOM   500  N  N   . MET A 1 101 ? 29.690  -5.009  -18.327 1.00 16.76 ? 560  MET A N   1 
ATOM   501  C  CA  . MET A 1 101 ? 30.224  -3.764  -17.796 1.00 17.17 ? 560  MET A CA  1 
ATOM   502  C  C   . MET A 1 101 ? 30.993  -3.030  -18.901 1.00 17.71 ? 560  MET A C   1 
ATOM   503  O  O   . MET A 1 101 ? 31.725  -3.660  -19.687 1.00 17.97 ? 560  MET A O   1 
ATOM   504  C  CB  . MET A 1 101 ? 31.123  -4.018  -16.573 1.00 17.99 ? 560  MET A CB  1 
ATOM   505  C  CG  . MET A 1 101 ? 30.386  -4.640  -15.375 1.00 17.99 ? 560  MET A CG  1 
ATOM   506  S  SD  . MET A 1 101 ? 29.148  -3.490  -14.701 1.00 20.37 ? 560  MET A SD  1 
ATOM   507  C  CE  . MET A 1 101 ? 28.222  -4.528  -13.568 1.00 19.70 ? 560  MET A CE  1 
ATOM   508  N  N   . THR A 1 102 ? 30.796  -1.715  -18.973 1.00 17.37 ? 561  THR A N   1 
ATOM   509  C  CA  . THR A 1 102 ? 31.470  -0.883  -19.952 1.00 19.45 ? 561  THR A CA  1 
ATOM   510  C  C   . THR A 1 102 ? 32.148  0.276   -19.246 1.00 20.56 ? 561  THR A C   1 
ATOM   511  O  O   . THR A 1 102 ? 31.980  0.448   -18.049 1.00 21.72 ? 561  THR A O   1 
ATOM   512  C  CB  . THR A 1 102 ? 30.454  -0.315  -20.958 1.00 19.93 ? 561  THR A CB  1 
ATOM   513  O  OG1 . THR A 1 102 ? 29.438  0.410   -20.246 1.00 21.54 ? 561  THR A OG1 1 
ATOM   514  C  CG2 . THR A 1 102 ? 29.777  -1.441  -21.704 1.00 19.51 ? 561  THR A CG2 1 
ATOM   515  N  N   . ASN A 1 103 ? 32.906  1.085   -19.983 1.00 23.03 ? 562  ASN A N   1 
ATOM   516  C  CA  . ASN A 1 103 ? 33.477  2.277   -19.376 1.00 25.03 ? 562  ASN A CA  1 
ATOM   517  C  C   . ASN A 1 103 ? 32.394  3.248   -18.905 1.00 24.30 ? 562  ASN A C   1 
ATOM   518  O  O   . ASN A 1 103 ? 32.526  3.858   -17.844 1.00 27.55 ? 562  ASN A O   1 
ATOM   519  C  CB  . ASN A 1 103 ? 34.461  2.964   -20.328 1.00 28.23 ? 562  ASN A CB  1 
ATOM   520  C  CG  . ASN A 1 103 ? 35.771  2.194   -20.478 1.00 31.45 ? 562  ASN A CG  1 
ATOM   521  O  OD1 . ASN A 1 103 ? 36.458  1.901   -19.495 1.00 34.30 ? 562  ASN A OD1 1 
ATOM   522  N  ND2 . ASN A 1 103 ? 36.135  1.889   -21.719 1.00 34.83 ? 562  ASN A ND2 1 
ATOM   523  N  N   . ALA A 1 104 ? 31.321  3.366   -19.683 1.00 22.13 ? 563  ALA A N   1 
ATOM   524  C  CA  . ALA A 1 104 ? 30.201  4.212   -19.318 1.00 20.83 ? 563  ALA A CA  1 
ATOM   525  C  C   . ALA A 1 104 ? 29.276  3.502   -18.335 1.00 20.45 ? 563  ALA A C   1 
ATOM   526  O  O   . ALA A 1 104 ? 29.024  2.303   -18.465 1.00 21.64 ? 563  ALA A O   1 
ATOM   527  C  CB  . ALA A 1 104 ? 29.425  4.623   -20.557 1.00 21.72 ? 563  ALA A CB  1 
ATOM   528  N  N   . GLY A 1 105 ? 28.774  4.248   -17.360 1.00 19.20 ? 564  GLY A N   1 
ATOM   529  C  CA  . GLY A 1 105 ? 27.803  3.689   -16.418 1.00 18.30 ? 564  GLY A CA  1 
ATOM   530  C  C   . GLY A 1 105 ? 26.530  3.256   -17.126 1.00 17.85 ? 564  GLY A C   1 
ATOM   531  O  O   . GLY A 1 105 ? 26.197  3.756   -18.205 1.00 18.84 ? 564  GLY A O   1 
ATOM   532  N  N   . GLN A 1 106 ? 25.819  2.315   -16.510 1.00 15.54 ? 565  GLN A N   1 
ATOM   533  C  CA  . GLN A 1 106 ? 24.526  1.835   -17.037 1.00 15.14 ? 565  GLN A CA  1 
ATOM   534  C  C   . GLN A 1 106 ? 23.499  1.844   -15.918 1.00 15.12 ? 565  GLN A C   1 
ATOM   535  O  O   . GLN A 1 106 ? 23.851  1.767   -14.745 1.00 16.19 ? 565  GLN A O   1 
ATOM   536  C  CB  . GLN A 1 106 ? 24.662  0.424   -17.632 1.00 15.05 ? 565  GLN A CB  1 
ATOM   537  C  CG  . GLN A 1 106 ? 25.455  0.383   -18.934 1.00 15.54 ? 565  GLN A CG  1 
ATOM   538  C  CD  . GLN A 1 106 ? 25.662  -1.031  -19.437 1.00 15.71 ? 565  GLN A CD  1 
ATOM   539  O  OE1 . GLN A 1 106 ? 24.801  -1.603  -20.082 1.00 16.56 ? 565  GLN A OE1 1 
ATOM   540  N  NE2 . GLN A 1 106 ? 26.824  -1.611  -19.127 1.00 15.91 ? 565  GLN A NE2 1 
ATOM   541  N  N   . SER A 1 107 ? 22.229  1.923   -16.282 1.00 14.84 ? 566  SER A N   1 
ATOM   542  C  CA  . SER A 1 107 ? 21.160  1.905   -15.299 1.00 15.65 ? 566  SER A CA  1 
ATOM   543  C  C   . SER A 1 107 ? 20.068  0.965   -15.752 1.00 15.35 ? 566  SER A C   1 
ATOM   544  O  O   . SER A 1 107 ? 19.623  1.025   -16.904 1.00 15.78 ? 566  SER A O   1 
ATOM   545  C  CB  . SER A 1 107 ? 20.583  3.307   -15.096 1.00 17.17 ? 566  SER A CB  1 
ATOM   546  O  OG  . SER A 1 107 ? 21.565  4.203   -14.621 1.00 18.60 ? 566  SER A OG  1 
ATOM   547  N  N   . VAL A 1 108 ? 19.620  0.115   -14.831 1.00 13.94 ? 567  VAL A N   1 
ATOM   548  C  CA  . VAL A 1 108 ? 18.469  -0.764  -15.092 1.00 14.78 ? 567  VAL A CA  1 
ATOM   549  C  C   . VAL A 1 108 ? 17.440  -0.505  -13.993 1.00 14.55 ? 567  VAL A C   1 
ATOM   550  O  O   . VAL A 1 108 ? 17.794  -0.503  -12.805 1.00 14.72 ? 567  VAL A O   1 
ATOM   551  C  CB  . VAL A 1 108 ? 18.882  -2.256  -15.077 1.00 14.62 ? 567  VAL A CB  1 
ATOM   552  C  CG1 . VAL A 1 108 ? 17.660  -3.164  -15.187 1.00 15.43 ? 567  VAL A CG1 1 
ATOM   553  C  CG2 . VAL A 1 108 ? 19.880  -2.569  -16.180 1.00 14.54 ? 567  VAL A CG2 1 
ATOM   554  N  N   . THR A 1 109 ? 16.169  -0.299  -14.368 1.00 14.73 ? 568  THR A N   1 
ATOM   555  C  CA  . THR A 1 109 ? 15.107  -0.122  -13.365 1.00 14.87 ? 568  THR A CA  1 
ATOM   556  C  C   . THR A 1 109 ? 14.053  -1.198  -13.480 1.00 14.73 ? 568  THR A C   1 
ATOM   557  O  O   . THR A 1 109 ? 13.474  -1.390  -14.560 1.00 15.17 ? 568  THR A O   1 
ATOM   558  C  CB  . THR A 1 109 ? 14.466  1.263   -13.477 1.00 15.96 ? 568  THR A CB  1 
ATOM   559  O  OG1 . THR A 1 109 ? 15.493  2.242   -13.285 1.00 16.51 ? 568  THR A OG1 1 
ATOM   560  C  CG2 . THR A 1 109 ? 13.404  1.470   -12.409 1.00 15.90 ? 568  THR A CG2 1 
ATOM   561  N  N   . TYR A 1 110 ? 13.863  -1.934  -12.386 1.00 14.04 ? 569  TYR A N   1 
ATOM   562  C  CA  . TYR A 1 110 ? 12.810  -2.927  -12.292 1.00 13.57 ? 569  TYR A CA  1 
ATOM   563  C  C   . TYR A 1 110 ? 11.588  -2.284  -11.649 1.00 13.18 ? 569  TYR A C   1 
ATOM   564  O  O   . TYR A 1 110 ? 11.687  -1.637  -10.627 1.00 13.92 ? 569  TYR A O   1 
ATOM   565  C  CB  . TYR A 1 110 ? 13.250  -4.165  -11.485 1.00 14.09 ? 569  TYR A CB  1 
ATOM   566  C  CG  . TYR A 1 110 ? 14.307  -4.994  -12.178 1.00 14.61 ? 569  TYR A CG  1 
ATOM   567  C  CD1 . TYR A 1 110 ? 14.030  -5.633  -13.379 1.00 15.20 ? 569  TYR A CD1 1 
ATOM   568  C  CD2 . TYR A 1 110 ? 15.567  -5.151  -11.615 1.00 15.61 ? 569  TYR A CD2 1 
ATOM   569  C  CE1 . TYR A 1 110 ? 14.980  -6.396  -14.036 1.00 15.10 ? 569  TYR A CE1 1 
ATOM   570  C  CE2 . TYR A 1 110 ? 16.540  -5.910  -12.257 1.00 15.35 ? 569  TYR A CE2 1 
ATOM   571  C  CZ  . TYR A 1 110 ? 16.245  -6.527  -13.461 1.00 15.33 ? 569  TYR A CZ  1 
ATOM   572  O  OH  . TYR A 1 110 ? 17.199  -7.283  -14.111 1.00 16.75 ? 569  TYR A OH  1 
ATOM   573  N  N   . TYR A 1 111 ? 10.424  -2.463  -12.281 1.00 13.62 ? 570  TYR A N   1 
ATOM   574  C  CA  . TYR A 1 111 ? 9.194   -1.850  -11.795 1.00 13.83 ? 570  TYR A CA  1 
ATOM   575  C  C   . TYR A 1 111 ? 8.239   -2.915  -11.270 1.00 13.56 ? 570  TYR A C   1 
ATOM   576  O  O   . TYR A 1 111 ? 8.125   -3.994  -11.851 1.00 13.88 ? 570  TYR A O   1 
ATOM   577  C  CB  . TYR A 1 111 ? 8.511   -1.070  -12.920 1.00 13.85 ? 570  TYR A CB  1 
ATOM   578  C  CG  . TYR A 1 111 ? 9.179   0.238   -13.243 1.00 14.86 ? 570  TYR A CG  1 
ATOM   579  C  CD1 . TYR A 1 111 ? 8.964   1.365   -12.447 1.00 15.90 ? 570  TYR A CD1 1 
ATOM   580  C  CD2 . TYR A 1 111 ? 10.011  0.356   -14.345 1.00 15.77 ? 570  TYR A CD2 1 
ATOM   581  C  CE1 . TYR A 1 111 ? 9.566   2.581   -12.743 1.00 17.05 ? 570  TYR A CE1 1 
ATOM   582  C  CE2 . TYR A 1 111 ? 10.616  1.574   -14.653 1.00 16.25 ? 570  TYR A CE2 1 
ATOM   583  C  CZ  . TYR A 1 111 ? 10.396  2.672   -13.842 1.00 17.48 ? 570  TYR A CZ  1 
ATOM   584  O  OH  . TYR A 1 111 ? 10.990  3.882   -14.127 1.00 19.68 ? 570  TYR A OH  1 
ATOM   585  N  N   . PHE A 1 112 ? 7.597   -2.596  -10.147 1.00 13.53 ? 571  PHE A N   1 
ATOM   586  C  CA  . PHE A 1 112 ? 6.706   -3.518  -9.456  1.00 13.79 ? 571  PHE A CA  1 
ATOM   587  C  C   . PHE A 1 112 ? 5.392   -2.831  -9.173  1.00 14.63 ? 571  PHE A C   1 
ATOM   588  O  O   . PHE A 1 112 ? 5.355   -1.619  -8.930  1.00 15.33 ? 571  PHE A O   1 
ATOM   589  C  CB  . PHE A 1 112 ? 7.337   -3.995  -8.132  1.00 14.15 ? 571  PHE A CB  1 
ATOM   590  C  CG  . PHE A 1 112 ? 8.614   -4.751  -8.320  1.00 14.39 ? 571  PHE A CG  1 
ATOM   591  C  CD1 . PHE A 1 112 ? 9.815   -4.053  -8.488  1.00 14.83 ? 571  PHE A CD1 1 
ATOM   592  C  CD2 . PHE A 1 112 ? 8.626   -6.142  -8.359  1.00 14.89 ? 571  PHE A CD2 1 
ATOM   593  C  CE1 . PHE A 1 112 ? 10.999  -4.735  -8.670  1.00 16.31 ? 571  PHE A CE1 1 
ATOM   594  C  CE2 . PHE A 1 112 ? 9.829   -6.832  -8.542  1.00 15.21 ? 571  PHE A CE2 1 
ATOM   595  C  CZ  . PHE A 1 112 ? 11.003  -6.120  -8.713  1.00 15.69 ? 571  PHE A CZ  1 
ATOM   596  N  N   . THR A 1 113 ? 4.311   -3.606  -9.191  1.00 14.36 ? 572  THR A N   1 
ATOM   597  C  CA  . THR A 1 113 ? 2.978   -3.067  -8.905  1.00 14.50 ? 572  THR A CA  1 
ATOM   598  C  C   . THR A 1 113 ? 2.422   -3.644  -7.614  1.00 14.08 ? 572  THR A C   1 
ATOM   599  O  O   . THR A 1 113 ? 2.429   -4.849  -7.403  1.00 14.96 ? 572  THR A O   1 
ATOM   600  C  CB  . THR A 1 113 ? 2.020   -3.414  -10.052 1.00 14.66 ? 572  THR A CB  1 
ATOM   601  O  OG1 . THR A 1 113 ? 2.533   -2.859  -11.258 1.00 16.11 ? 572  THR A OG1 1 
ATOM   602  C  CG2 . THR A 1 113 ? 0.604   -2.833  -9.807  1.00 15.37 ? 572  THR A CG2 1 
ATOM   603  N  N   . ASP A 1 114 ? 1.942   -2.755  -6.762  1.00 13.98 ? 573  ASP A N   1 
ATOM   604  C  CA  . ASP A 1 114 ? 1.278   -3.134  -5.517  1.00 14.92 ? 573  ASP A CA  1 
ATOM   605  C  C   . ASP A 1 114 ? -0.037  -3.810  -5.888  1.00 14.64 ? 573  ASP A C   1 
ATOM   606  O  O   . ASP A 1 114 ? -0.891  -3.199  -6.510  1.00 15.66 ? 573  ASP A O   1 
ATOM   607  C  CB  . ASP A 1 114 ? 1.011   -1.842  -4.739  1.00 15.23 ? 573  ASP A CB  1 
ATOM   608  C  CG  . ASP A 1 114 ? 0.302   -2.051  -3.430  1.00 15.63 ? 573  ASP A CG  1 
ATOM   609  O  OD1 . ASP A 1 114 ? -0.164  -3.183  -3.111  1.00 15.70 ? 573  ASP A OD1 1 
ATOM   610  O  OD2 . ASP A 1 114 ? 0.195   -1.041  -2.678  1.00 15.87 ? 573  ASP A OD2 1 
ATOM   611  N  N   . VAL A 1 115 ? -0.211  -5.059  -5.470  1.00 14.94 ? 574  VAL A N   1 
ATOM   612  C  CA  . VAL A 1 115 ? -1.411  -5.844  -5.830  1.00 16.15 ? 574  VAL A CA  1 
ATOM   613  C  C   . VAL A 1 115 ? -2.221  -6.302  -4.594  1.00 17.09 ? 574  VAL A C   1 
ATOM   614  O  O   . VAL A 1 115 ? -3.116  -7.154  -4.697  1.00 17.85 ? 574  VAL A O   1 
ATOM   615  C  CB  . VAL A 1 115 ? -1.050  -7.075  -6.707  1.00 15.52 ? 574  VAL A CB  1 
ATOM   616  C  CG1 . VAL A 1 115 ? -0.651  -6.638  -8.110  1.00 16.49 ? 574  VAL A CG1 1 
ATOM   617  C  CG2 . VAL A 1 115 ? 0.047   -7.912  -6.045  1.00 15.73 ? 574  VAL A CG2 1 
ATOM   618  N  N   . LYS A 1 116 ? -1.909  -5.732  -3.438  1.00 17.30 ? 575  LYS A N   1 
ATOM   619  C  CA  . LYS A 1 116 ? -2.581  -6.086  -2.189  1.00 18.19 ? 575  LYS A CA  1 
ATOM   620  C  C   . LYS A 1 116 ? -3.392  -4.926  -1.660  1.00 17.08 ? 575  LYS A C   1 
ATOM   621  O  O   . LYS A 1 116 ? -2.888  -3.821  -1.529  1.00 16.83 ? 575  LYS A O   1 
ATOM   622  C  CB  . LYS A 1 116 ? -1.556  -6.499  -1.142  1.00 20.05 ? 575  LYS A CB  1 
ATOM   623  C  CG  . LYS A 1 116 ? -0.922  -7.844  -1.422  1.00 24.63 ? 575  LYS A CG  1 
ATOM   624  C  CD  . LYS A 1 116 ? -1.951  -8.964  -1.328  1.00 27.54 ? 575  LYS A CD  1 
ATOM   625  C  CE  . LYS A 1 116 ? -1.469  -10.193 -2.072  1.00 31.48 ? 575  LYS A CE  1 
ATOM   626  N  NZ  . LYS A 1 116 ? -1.765  -10.040 -3.525  1.00 33.91 ? 575  LYS A NZ  1 
ATOM   627  N  N   . ALA A 1 117 ? -4.660  -5.195  -1.356  1.00 16.46 ? 576  ALA A N   1 
ATOM   628  C  CA  . ALA A 1 117 ? -5.541  -4.183  -0.805  1.00 17.26 ? 576  ALA A CA  1 
ATOM   629  C  C   . ALA A 1 117 ? -5.131  -3.792  0.614   1.00 16.84 ? 576  ALA A C   1 
ATOM   630  O  O   . ALA A 1 117 ? -4.484  -4.572  1.313   1.00 17.46 ? 576  ALA A O   1 
ATOM   631  C  CB  . ALA A 1 117 ? -6.979  -4.688  -0.831  1.00 17.69 ? 576  ALA A CB  1 
ATOM   632  N  N   . PRO A 1 118 ? -5.507  -2.584  1.059   1.00 17.84 ? 577  PRO A N   1 
ATOM   633  C  CA  . PRO A 1 118 ? -5.253  -2.182  2.445   1.00 18.53 ? 577  PRO A CA  1 
ATOM   634  C  C   . PRO A 1 118 ? -6.040  -3.043  3.439   1.00 19.53 ? 577  PRO A C   1 
ATOM   635  O  O   . PRO A 1 118 ? -7.036  -3.665  3.070   1.00 20.69 ? 577  PRO A O   1 
ATOM   636  C  CB  . PRO A 1 118 ? -5.775  -0.747  2.508   1.00 19.46 ? 577  PRO A CB  1 
ATOM   637  C  CG  . PRO A 1 118 ? -6.051  -0.326  1.110   1.00 18.93 ? 577  PRO A CG  1 
ATOM   638  C  CD  . PRO A 1 118 ? -6.266  -1.562  0.310   1.00 19.16 ? 577  PRO A CD  1 
ATOM   639  N  N   . THR A 1 119 ? -5.585  -3.065  4.686   1.00 20.47 ? 578  THR A N   1 
ATOM   640  C  CA  . THR A 1 119 ? -6.197  -3.852  5.757   1.00 22.29 ? 578  THR A CA  1 
ATOM   641  C  C   . THR A 1 119 ? -6.770  -2.900  6.792   1.00 22.68 ? 578  THR A C   1 
ATOM   642  O  O   . THR A 1 119 ? -6.020  -2.186  7.458   1.00 21.58 ? 578  THR A O   1 
ATOM   643  C  CB  . THR A 1 119 ? -5.151  -4.731  6.460   1.00 23.03 ? 578  THR A CB  1 
ATOM   644  O  OG1 . THR A 1 119 ? -4.573  -5.640  5.513   1.00 26.35 ? 578  THR A OG1 1 
ATOM   645  C  CG2 . THR A 1 119 ? -5.767  -5.512  7.610   1.00 25.52 ? 578  THR A CG2 1 
ATOM   646  N  N   . VAL A 1 120 ? -8.098  -2.892  6.902   1.00 22.65 ? 579  VAL A N   1 
ATOM   647  C  CA  . VAL A 1 120 ? -8.797  -2.121  7.909   1.00 21.40 ? 579  VAL A CA  1 
ATOM   648  C  C   . VAL A 1 120 ? -9.236  -3.128  8.977   1.00 19.96 ? 579  VAL A C   1 
ATOM   649  O  O   . VAL A 1 120 ? -9.933  -4.095  8.675   1.00 22.28 ? 579  VAL A O   1 
ATOM   650  C  CB  . VAL A 1 120 ? -10.026 -1.409  7.316   1.00 24.10 ? 579  VAL A CB  1 
ATOM   651  C  CG1 . VAL A 1 120 ? -10.778 -0.665  8.392   1.00 25.28 ? 579  VAL A CG1 1 
ATOM   652  C  CG2 . VAL A 1 120 ? -9.601  -0.444  6.209   1.00 25.14 ? 579  VAL A CG2 1 
ATOM   653  N  N   . THR A 1 121 ? -8.790  -2.915  10.206  1.00 17.24 ? 580  THR A N   1 
ATOM   654  C  CA  . THR A 1 121 ? -9.097  -3.831  11.299  1.00 17.46 ? 580  THR A CA  1 
ATOM   655  C  C   . THR A 1 121 ? -9.988  -3.131  12.323  1.00 17.23 ? 580  THR A C   1 
ATOM   656  O  O   . THR A 1 121 ? -9.527  -2.287  13.091  1.00 19.51 ? 580  THR A O   1 
ATOM   657  C  CB  . THR A 1 121 ? -7.805  -4.349  11.941  1.00 18.23 ? 580  THR A CB  1 
ATOM   658  O  OG1 . THR A 1 121 ? -7.016  -4.955  10.905  1.00 18.94 ? 580  THR A OG1 1 
ATOM   659  C  CG2 . THR A 1 121 ? -8.140  -5.389  13.008  1.00 18.59 ? 580  THR A CG2 1 
ATOM   660  N  N   . VAL A 1 122 ? -11.265 -3.488  12.305  1.00 16.30 ? 581  VAL A N   1 
ATOM   661  C  CA  . VAL A 1 122 ? -12.263 -2.836  13.148  1.00 17.38 ? 581  VAL A CA  1 
ATOM   662  C  C   . VAL A 1 122 ? -13.241 -3.907  13.620  1.00 17.28 ? 581  VAL A C   1 
ATOM   663  O  O   . VAL A 1 122 ? -13.547 -4.850  12.881  1.00 17.77 ? 581  VAL A O   1 
ATOM   664  C  CB  . VAL A 1 122 ? -12.982 -1.690  12.388  1.00 17.17 ? 581  VAL A CB  1 
ATOM   665  C  CG1 . VAL A 1 122 ? -13.769 -2.197  11.184  1.00 18.78 ? 581  VAL A CG1 1 
ATOM   666  C  CG2 . VAL A 1 122 ? -13.830 -0.837  13.346  1.00 18.01 ? 581  VAL A CG2 1 
ATOM   667  N  N   . GLY A 1 123 ? -13.697 -3.764  14.857  1.00 16.86 ? 582  GLY A N   1 
ATOM   668  C  CA  . GLY A 1 123 ? -14.656 -4.709  15.434  1.00 16.69 ? 582  GLY A CA  1 
ATOM   669  C  C   . GLY A 1 123 ? -15.984 -4.033  15.730  1.00 16.27 ? 582  GLY A C   1 
ATOM   670  O  O   . GLY A 1 123 ? -16.106 -2.806  15.644  1.00 16.23 ? 582  GLY A O   1 
ATOM   671  N  N   . ASN A 1 124 ? -16.985 -4.836  16.093  1.00 15.57 ? 583  ASN A N   1 
ATOM   672  C  CA  . ASN A 1 124 ? -18.271 -4.296  16.553  1.00 16.51 ? 583  ASN A CA  1 
ATOM   673  C  C   . ASN A 1 124 ? -18.135 -3.385  17.767  1.00 16.08 ? 583  ASN A C   1 
ATOM   674  O  O   . ASN A 1 124 ? -17.213 -3.541  18.567  1.00 16.47 ? 583  ASN A O   1 
ATOM   675  C  CB  . ASN A 1 124 ? -19.235 -5.436  16.856  1.00 17.57 ? 583  ASN A CB  1 
ATOM   676  C  CG  . ASN A 1 124 ? -19.411 -6.371  15.666  1.00 18.70 ? 583  ASN A CG  1 
ATOM   677  O  OD1 . ASN A 1 124 ? -19.516 -5.922  14.513  1.00 17.73 ? 583  ASN A OD1 1 
ATOM   678  N  ND2 . ASN A 1 124 ? -19.445 -7.666  15.934  1.00 20.20 ? 583  ASN A ND2 1 
ATOM   679  N  N   . GLN A 1 125 ? -19.023 -2.394  17.870  1.00 16.37 ? 584  GLN A N   1 
ATOM   680  C  CA  . GLN A 1 125 ? -18.932 -1.394  18.927  1.00 16.10 ? 584  GLN A CA  1 
ATOM   681  C  C   . GLN A 1 125 ? -20.275 -1.069  19.538  1.00 16.65 ? 584  GLN A C   1 
ATOM   682  O  O   . GLN A 1 125 ? -21.249 -0.844  18.812  1.00 17.99 ? 584  GLN A O   1 
ATOM   683  C  CB  . GLN A 1 125 ? -18.366 -0.071  18.391  1.00 16.14 ? 584  GLN A CB  1 
ATOM   684  C  CG  . GLN A 1 125 ? -16.972 -0.182  17.816  1.00 16.16 ? 584  GLN A CG  1 
ATOM   685  C  CD  . GLN A 1 125 ? -15.895 -0.282  18.872  1.00 16.40 ? 584  GLN A CD  1 
ATOM   686  O  OE1 . GLN A 1 125 ? -16.052 0.194   20.006  1.00 16.35 ? 584  GLN A OE1 1 
ATOM   687  N  NE2 . GLN A 1 125 ? -14.756 -0.865  18.482  1.00 16.98 ? 584  GLN A NE2 1 
ATOM   688  N  N   . THR A 1 126 ? -20.297 -0.973  20.870  1.00 16.75 ? 585  THR A N   1 
ATOM   689  C  CA  . THR A 1 126 ? -21.469 -0.524  21.617  1.00 16.42 ? 585  THR A CA  1 
ATOM   690  C  C   . THR A 1 126 ? -21.182 0.848   22.200  1.00 16.31 ? 585  THR A C   1 
ATOM   691  O  O   . THR A 1 126 ? -20.101 1.090   22.713  1.00 17.15 ? 585  THR A O   1 
ATOM   692  C  CB  . THR A 1 126 ? -21.789 -1.517  22.738  1.00 16.78 ? 585  THR A CB  1 
ATOM   693  O  OG1 . THR A 1 126 ? -22.076 -2.779  22.139  1.00 19.66 ? 585  THR A OG1 1 
ATOM   694  C  CG2 . THR A 1 126 ? -22.994 -1.063  23.575  1.00 18.35 ? 585  THR A CG2 1 
ATOM   695  N  N   . ILE A 1 127 ? -22.141 1.764   22.078  1.00 16.11 ? 586  ILE A N   1 
ATOM   696  C  CA  . ILE A 1 127 ? -22.039 3.105   22.629  1.00 16.17 ? 586  ILE A CA  1 
ATOM   697  C  C   . ILE A 1 127 ? -23.379 3.517   23.261  1.00 16.90 ? 586  ILE A C   1 
ATOM   698  O  O   . ILE A 1 127 ? -24.428 3.010   22.868  1.00 14.87 ? 586  ILE A O   1 
ATOM   699  C  CB  . ILE A 1 127 ? -21.592 4.134   21.554  1.00 16.31 ? 586  ILE A CB  1 
ATOM   700  C  CG1 . ILE A 1 127 ? -22.563 4.146   20.370  1.00 16.94 ? 586  ILE A CG1 1 
ATOM   701  C  CG2 . ILE A 1 127 ? -20.141 3.874   21.124  1.00 17.61 ? 586  ILE A CG2 1 
ATOM   702  C  CD1 . ILE A 1 127 ? -22.195 5.124   19.270  1.00 16.99 ? 586  ILE A CD1 1 
ATOM   703  N  N   . GLU A 1 128 ? -23.321 4.401   24.254  1.00 17.95 ? 587  GLU A N   1 
ATOM   704  C  CA  . GLU A 1 128 ? -24.520 4.857   24.963  1.00 18.77 ? 587  GLU A CA  1 
ATOM   705  C  C   . GLU A 1 128 ? -25.207 6.002   24.219  1.00 17.83 ? 587  GLU A C   1 
ATOM   706  O  O   . GLU A 1 128 ? -24.570 6.965   23.771  1.00 17.85 ? 587  GLU A O   1 
ATOM   707  C  CB  . GLU A 1 128 ? -24.163 5.289   26.382  1.00 20.36 ? 587  GLU A CB  1 
ATOM   708  C  CG  . GLU A 1 128 ? -25.402 5.562   27.231  1.00 21.91 ? 587  GLU A CG  1 
ATOM   709  C  CD  . GLU A 1 128 ? -25.099 5.806   28.691  1.00 25.54 ? 587  GLU A CD  1 
ATOM   710  O  OE1 . GLU A 1 128 ? -23.974 5.499   29.156  1.00 28.10 ? 587  GLU A OE1 1 
ATOM   711  O  OE2 . GLU A 1 128 ? -26.008 6.319   29.378  1.00 28.33 ? 587  GLU A OE2 1 
ATOM   712  N  N   . VAL A 1 129 ? -26.528 5.911   24.103  1.00 16.67 ? 588  VAL A N   1 
ATOM   713  C  CA  . VAL A 1 129 ? -27.294 6.949   23.437  1.00 17.32 ? 588  VAL A CA  1 
ATOM   714  C  C   . VAL A 1 129 ? -27.116 8.301   24.145  1.00 18.22 ? 588  VAL A C   1 
ATOM   715  O  O   . VAL A 1 129 ? -27.044 8.371   25.369  1.00 18.37 ? 588  VAL A O   1 
ATOM   716  C  CB  . VAL A 1 129 ? -28.798 6.581   23.350  1.00 17.16 ? 588  VAL A CB  1 
ATOM   717  C  CG1 . VAL A 1 129 ? -29.448 6.509   24.737  1.00 18.28 ? 588  VAL A CG1 1 
ATOM   718  C  CG2 . VAL A 1 129 ? -29.531 7.575   22.449  1.00 17.97 ? 588  VAL A CG2 1 
ATOM   719  N  N   . GLY A 1 130 ? -27.002 9.360   23.349  1.00 18.26 ? 589  GLY A N   1 
ATOM   720  C  CA  . GLY A 1 130 ? -27.029 10.729  23.860  1.00 19.31 ? 589  GLY A CA  1 
ATOM   721  C  C   . GLY A 1 130 ? -25.774 11.191  24.563  1.00 19.66 ? 589  GLY A C   1 
ATOM   722  O  O   . GLY A 1 130 ? -25.777 12.252  25.197  1.00 22.24 ? 589  GLY A O   1 
ATOM   723  N  N   . LYS A 1 131 ? -24.692 10.423  24.448  1.00 18.85 ? 590  LYS A N   1 
ATOM   724  C  CA  . LYS A 1 131 ? -23.416 10.791  25.045  1.00 19.51 ? 590  LYS A CA  1 
ATOM   725  C  C   . LYS A 1 131 ? -22.387 10.967  23.947  1.00 19.77 ? 590  LYS A C   1 
ATOM   726  O  O   . LYS A 1 131 ? -22.367 10.200  22.977  1.00 19.79 ? 590  LYS A O   1 
ATOM   727  C  CB  . LYS A 1 131 ? -22.941 9.709   26.013  1.00 20.08 ? 590  LYS A CB  1 
ATOM   728  C  CG  . LYS A 1 131 ? -23.985 9.257   27.025  1.00 21.77 ? 590  LYS A CG  1 
ATOM   729  C  CD  . LYS A 1 131 ? -24.333 10.379  27.993  1.00 24.03 ? 590  LYS A CD  1 
ATOM   730  C  CE  . LYS A 1 131 ? -25.040 9.833   29.218  1.00 26.11 ? 590  LYS A CE  1 
ATOM   731  N  NZ  . LYS A 1 131 ? -25.249 10.898  30.233  1.00 26.38 ? 590  LYS A NZ  1 
ATOM   732  N  N   . THR A 1 132 ? -21.551 11.991  24.083  1.00 19.33 ? 591  THR A N   1 
ATOM   733  C  CA  . THR A 1 132 ? -20.446 12.188  23.155  1.00 19.08 ? 591  THR A CA  1 
ATOM   734  C  C   . THR A 1 132 ? -19.464 11.027  23.287  1.00 20.04 ? 591  THR A C   1 
ATOM   735  O  O   . THR A 1 132 ? -18.913 10.790  24.375  1.00 20.98 ? 591  THR A O   1 
ATOM   736  C  CB  . THR A 1 132 ? -19.755 13.529  23.416  1.00 19.01 ? 591  THR A CB  1 
ATOM   737  O  OG1 . THR A 1 132 ? -20.694 14.592  23.171  1.00 19.66 ? 591  THR A OG1 1 
ATOM   738  C  CG2 . THR A 1 132 ? -18.529 13.703  22.506  1.00 19.48 ? 591  THR A CG2 1 
ATOM   739  N  N   . MET A 1 133 ? -19.269 10.306  22.178  1.00 20.58 ? 592  MET A N   1 
ATOM   740  C  CA  . MET A 1 133 ? -18.515 9.045   22.172  1.00 20.45 ? 592  MET A CA  1 
ATOM   741  C  C   . MET A 1 133 ? -17.006 9.285   22.137  1.00 20.36 ? 592  MET A C   1 
ATOM   742  O  O   . MET A 1 133 ? -16.533 10.309  21.624  1.00 19.29 ? 592  MET A O   1 
ATOM   743  C  CB  . MET A 1 133 ? -18.933 8.193   20.959  1.00 21.28 ? 592  MET A CB  1 
ATOM   744  C  CG  . MET A 1 133 ? -18.522 8.807   19.620  1.00 23.20 ? 592  MET A CG  1 
ATOM   745  S  SD  . MET A 1 133 ? -19.203 8.067   18.116  1.00 27.83 ? 592  MET A SD  1 
ATOM   746  C  CE  . MET A 1 133 ? -17.906 6.906   17.691  1.00 24.86 ? 592  MET A CE  1 
ATOM   747  N  N   . ASN A 1 134 ? -16.263 8.342   22.705  1.00 21.29 ? 593  ASN A N   1 
ATOM   748  C  CA  . ASN A 1 134 ? -14.841 8.207   22.439  1.00 21.63 ? 593  ASN A CA  1 
ATOM   749  C  C   . ASN A 1 134 ? -14.709 7.794   20.959  1.00 20.06 ? 593  ASN A C   1 
ATOM   750  O  O   . ASN A 1 134 ? -15.407 6.880   20.529  1.00 18.95 ? 593  ASN A O   1 
ATOM   751  C  CB  . ASN A 1 134 ? -14.291 7.120   23.357  1.00 24.50 ? 593  ASN A CB  1 
ATOM   752  C  CG  . ASN A 1 134 ? -12.784 7.065   23.375  1.00 27.51 ? 593  ASN A CG  1 
ATOM   753  O  OD1 . ASN A 1 134 ? -12.103 7.985   22.916  1.00 30.44 ? 593  ASN A OD1 1 
ATOM   754  N  ND2 . ASN A 1 134 ? -12.246 5.985   23.945  1.00 30.43 ? 593  ASN A ND2 1 
ATOM   755  N  N   . PRO A 1 135 ? -13.875 8.498   20.157  1.00 19.17 ? 594  PRO A N   1 
ATOM   756  C  CA  . PRO A 1 135 ? -13.851 8.185   18.722  1.00 17.79 ? 594  PRO A CA  1 
ATOM   757  C  C   . PRO A 1 135 ? -13.479 6.735   18.431  1.00 17.45 ? 594  PRO A C   1 
ATOM   758  O  O   . PRO A 1 135 ? -12.686 6.149   19.171  1.00 18.49 ? 594  PRO A O   1 
ATOM   759  C  CB  . PRO A 1 135 ? -12.754 9.109   18.183  1.00 17.49 ? 594  PRO A CB  1 
ATOM   760  C  CG  . PRO A 1 135 ? -12.756 10.276  19.129  1.00 18.34 ? 594  PRO A CG  1 
ATOM   761  C  CD  . PRO A 1 135 ? -13.007 9.648   20.478  1.00 18.61 ? 594  PRO A CD  1 
ATOM   762  N  N   . ILE A 1 136 ? -14.058 6.165   17.372  1.00 17.15 ? 595  ILE A N   1 
ATOM   763  C  CA  . ILE A 1 136 ? -13.704 4.808   16.936  1.00 17.70 ? 595  ILE A CA  1 
ATOM   764  C  C   . ILE A 1 136 ? -12.641 4.976   15.847  1.00 18.14 ? 595  ILE A C   1 
ATOM   765  O  O   . ILE A 1 136 ? -12.943 5.485   14.767  1.00 18.49 ? 595  ILE A O   1 
ATOM   766  C  CB  . ILE A 1 136 ? -14.921 4.039   16.395  1.00 17.58 ? 595  ILE A CB  1 
ATOM   767  C  CG1 . ILE A 1 136 ? -16.000 3.908   17.482  1.00 17.69 ? 595  ILE A CG1 1 
ATOM   768  C  CG2 . ILE A 1 136 ? -14.493 2.668   15.879  1.00 17.07 ? 595  ILE A CG2 1 
ATOM   769  C  CD1 . ILE A 1 136 ? -17.365 3.436   16.980  1.00 17.92 ? 595  ILE A CD1 1 
ATOM   770  N  N   . VAL A 1 137 ? -11.398 4.603   16.151  1.00 18.49 ? 596  VAL A N   1 
ATOM   771  C  CA  . VAL A 1 137 ? -10.289 4.756   15.183  1.00 18.76 ? 596  VAL A CA  1 
ATOM   772  C  C   . VAL A 1 137 ? -10.372 3.613   14.180  1.00 18.74 ? 596  VAL A C   1 
ATOM   773  O  O   . VAL A 1 137 ? -10.483 2.443   14.569  1.00 20.41 ? 596  VAL A O   1 
ATOM   774  C  CB  . VAL A 1 137 ? -8.913  4.781   15.914  1.00 19.31 ? 596  VAL A CB  1 
ATOM   775  C  CG1 . VAL A 1 137 ? -7.753  4.864   14.929  1.00 21.01 ? 596  VAL A CG1 1 
ATOM   776  C  CG2 . VAL A 1 137 ? -8.862  5.943   16.894  1.00 20.75 ? 596  VAL A CG2 1 
ATOM   777  N  N   . LEU A 1 138 ? -10.363 3.928   12.891  1.00 18.69 ? 597  LEU A N   1 
ATOM   778  C  CA  . LEU A 1 138 ? -10.471 2.878   11.875  1.00 19.87 ? 597  LEU A CA  1 
ATOM   779  C  C   . LEU A 1 138 ? -9.090  2.445   11.438  1.00 22.21 ? 597  LEU A C   1 
ATOM   780  O  O   . LEU A 1 138 ? -8.587  2.905   10.416  1.00 27.08 ? 597  LEU A O   1 
ATOM   781  C  CB  . LEU A 1 138 ? -11.291 3.359   10.679  1.00 19.44 ? 597  LEU A CB  1 
ATOM   782  C  CG  . LEU A 1 138 ? -12.720 3.779   10.995  1.00 20.04 ? 597  LEU A CG  1 
ATOM   783  C  CD1 . LEU A 1 138 ? -13.421 4.340   9.772   1.00 20.63 ? 597  LEU A CD1 1 
ATOM   784  C  CD2 . LEU A 1 138 ? -13.541 2.648   11.600  1.00 19.74 ? 597  LEU A CD2 1 
ATOM   785  N  N   . THR A 1 139 ? -8.478  1.554   12.212  1.00 20.38 ? 598  THR A N   1 
ATOM   786  C  CA  . THR A 1 139 ? -7.087  1.178   12.013  1.00 20.16 ? 598  THR A CA  1 
ATOM   787  C  C   . THR A 1 139 ? -6.893  0.614   10.603  1.00 19.32 ? 598  THR A C   1 
ATOM   788  O  O   . THR A 1 139 ? -7.560  -0.352  10.223  1.00 18.93 ? 598  THR A O   1 
ATOM   789  C  CB  . THR A 1 139 ? -6.680  0.126   13.049  1.00 20.55 ? 598  THR A CB  1 
ATOM   790  O  OG1 . THR A 1 139 ? -6.934  0.658   14.356  1.00 21.57 ? 598  THR A OG1 1 
ATOM   791  C  CG2 . THR A 1 139 ? -5.206  -0.220  12.903  1.00 20.56 ? 598  THR A CG2 1 
ATOM   792  N  N   . THR A 1 140 ? -6.003  1.260   9.853   1.00 18.24 ? 599  THR A N   1 
ATOM   793  C  CA  . THR A 1 140 ? -5.770  0.964   8.435   1.00 18.43 ? 599  THR A CA  1 
ATOM   794  C  C   . THR A 1 140 ? -4.283  0.898   8.156   1.00 17.28 ? 599  THR A C   1 
ATOM   795  O  O   . THR A 1 140 ? -3.542  1.841   8.460   1.00 17.80 ? 599  THR A O   1 
ATOM   796  C  CB  . THR A 1 140 ? -6.391  2.058   7.543   1.00 20.91 ? 599  THR A CB  1 
ATOM   797  O  OG1 . THR A 1 140 ? -7.782  2.143   7.841   1.00 22.58 ? 599  THR A OG1 1 
ATOM   798  C  CG2 . THR A 1 140 ? -6.238  1.745   6.055   1.00 21.85 ? 599  THR A CG2 1 
ATOM   799  N  N   . THR A 1 141 ? -3.854  -0.203  7.548   1.00 16.59 ? 600  THR A N   1 
ATOM   800  C  CA  . THR A 1 141 ? -2.468  -0.320  7.096   1.00 16.16 ? 600  THR A CA  1 
ATOM   801  C  C   . THR A 1 141 ? -2.443  -0.784  5.652   1.00 15.28 ? 600  THR A C   1 
ATOM   802  O  O   . THR A 1 141 ? -3.453  -1.211  5.097   1.00 16.32 ? 600  THR A O   1 
ATOM   803  C  CB  . THR A 1 141 ? -1.661  -1.335  7.934   1.00 16.20 ? 600  THR A CB  1 
ATOM   804  O  OG1 . THR A 1 141 ? -2.227  -2.638  7.763   1.00 17.47 ? 600  THR A OG1 1 
ATOM   805  C  CG2 . THR A 1 141 ? -1.677  -0.929  9.405   1.00 17.16 ? 600  THR A CG2 1 
ATOM   806  N  N   . ASP A 1 142 ? -1.272  -0.672  5.044   1.00 14.98 ? 601  ASP A N   1 
ATOM   807  C  CA  . ASP A 1 142 ? -1.060  -1.151  3.686   1.00 15.00 ? 601  ASP A CA  1 
ATOM   808  C  C   . ASP A 1 142 ? 0.405   -1.510  3.469   1.00 15.37 ? 601  ASP A C   1 
ATOM   809  O  O   . ASP A 1 142 ? 1.283   -1.016  4.179   1.00 16.37 ? 601  ASP A O   1 
ATOM   810  C  CB  . ASP A 1 142 ? -1.507  -0.099  2.656   1.00 14.95 ? 601  ASP A CB  1 
ATOM   811  C  CG  . ASP A 1 142 ? -1.594  -0.672  1.251   1.00 15.66 ? 601  ASP A CG  1 
ATOM   812  O  OD1 . ASP A 1 142 ? -2.422  -1.570  0.986   1.00 16.24 ? 601  ASP A OD1 1 
ATOM   813  O  OD2 . ASP A 1 142 ? -0.808  -0.230  0.388   1.00 16.28 ? 601  ASP A OD2 1 
ATOM   814  N  N   . ASN A 1 143 ? 0.651   -2.364  2.474   1.00 15.73 ? 602  ASN A N   1 
ATOM   815  C  CA  . ASN A 1 143 ? 2.002   -2.803  2.110   1.00 15.63 ? 602  ASN A CA  1 
ATOM   816  C  C   . ASN A 1 143 ? 2.752   -1.838  1.205   1.00 16.02 ? 602  ASN A C   1 
ATOM   817  O  O   . ASN A 1 143 ? 3.955   -1.965  1.049   1.00 17.06 ? 602  ASN A O   1 
ATOM   818  C  CB  . ASN A 1 143 ? 1.900   -4.128  1.358   1.00 15.89 ? 602  ASN A CB  1 
ATOM   819  C  CG  . ASN A 1 143 ? 1.177   -3.972  0.041   1.00 16.61 ? 602  ASN A CG  1 
ATOM   820  O  OD1 . ASN A 1 143 ? 0.056   -3.423  -0.015  1.00 15.82 ? 602  ASN A OD1 1 
ATOM   821  N  ND2 . ASN A 1 143 ? 1.809   -4.419  -1.035  1.00 17.03 ? 602  ASN A ND2 1 
ATOM   822  N  N   . GLY A 1 144 ? 2.032   -0.914  0.577   1.00 15.21 ? 603  GLY A N   1 
ATOM   823  C  CA  . GLY A 1 144 ? 2.613   -0.022  -0.448  1.00 16.71 ? 603  GLY A CA  1 
ATOM   824  C  C   . GLY A 1 144 ? 3.330   1.219   0.070   1.00 17.81 ? 603  GLY A C   1 
ATOM   825  O  O   . GLY A 1 144 ? 3.629   1.340   1.267   1.00 19.25 ? 603  GLY A O   1 
ATOM   826  N  N   . THR A 1 145 ? 3.593   2.161   -0.835  1.00 17.33 ? 604  THR A N   1 
ATOM   827  C  CA  . THR A 1 145 ? 4.310   3.390   -0.472  1.00 17.81 ? 604  THR A CA  1 
ATOM   828  C  C   . THR A 1 145 ? 3.518   4.679   -0.697  1.00 18.18 ? 604  THR A C   1 
ATOM   829  O  O   . THR A 1 145 ? 4.051   5.779   -0.512  1.00 20.40 ? 604  THR A O   1 
ATOM   830  C  CB  . THR A 1 145 ? 5.667   3.504   -1.217  1.00 18.50 ? 604  THR A CB  1 
ATOM   831  O  OG1 . THR A 1 145 ? 5.452   3.614   -2.630  1.00 17.80 ? 604  THR A OG1 1 
ATOM   832  C  CG2 . THR A 1 145 ? 6.588   2.312   -0.903  1.00 19.69 ? 604  THR A CG2 1 
ATOM   833  N  N   . GLY A 1 146 ? 2.248   4.555   -1.083  1.00 18.14 ? 605  GLY A N   1 
ATOM   834  C  CA  . GLY A 1 146 ? 1.444   5.725   -1.418  1.00 18.24 ? 605  GLY A CA  1 
ATOM   835  C  C   . GLY A 1 146 ? 0.315   5.957   -0.433  1.00 18.82 ? 605  GLY A C   1 
ATOM   836  O  O   . GLY A 1 146 ? 0.378   5.508   0.714   1.00 21.06 ? 605  GLY A O   1 
ATOM   837  N  N   . THR A 1 147 ? -0.705  6.683   -0.884  1.00 17.56 ? 606  THR A N   1 
ATOM   838  C  CA  . THR A 1 147 ? -1.821  7.067   -0.026  1.00 17.05 ? 606  THR A CA  1 
ATOM   839  C  C   . THR A 1 147 ? -2.778  5.897   0.158   1.00 16.64 ? 606  THR A C   1 
ATOM   840  O  O   . THR A 1 147 ? -2.792  4.963   -0.631  1.00 17.55 ? 606  THR A O   1 
ATOM   841  C  CB  . THR A 1 147 ? -2.648  8.186   -0.660  1.00 17.34 ? 606  THR A CB  1 
ATOM   842  O  OG1 . THR A 1 147 ? -3.203  7.704   -1.889  1.00 19.09 ? 606  THR A OG1 1 
ATOM   843  C  CG2 . THR A 1 147 ? -1.819  9.420   -0.928  1.00 17.72 ? 606  THR A CG2 1 
ATOM   844  N  N   . VAL A 1 148 ? -3.563  5.971   1.224   1.00 16.54 ? 607  VAL A N   1 
ATOM   845  C  CA  . VAL A 1 148 ? -4.706  5.084   1.424   1.00 16.36 ? 607  VAL A CA  1 
ATOM   846  C  C   . VAL A 1 148 ? -5.892  5.960   1.819   1.00 15.80 ? 607  VAL A C   1 
ATOM   847  O  O   . VAL A 1 148 ? -5.764  6.822   2.693   1.00 15.83 ? 607  VAL A O   1 
ATOM   848  C  CB  . VAL A 1 148 ? -4.458  4.045   2.542   1.00 16.38 ? 607  VAL A CB  1 
ATOM   849  C  CG1 . VAL A 1 148 ? -5.687  3.189   2.750   1.00 17.65 ? 607  VAL A CG1 1 
ATOM   850  C  CG2 . VAL A 1 148 ? -3.263  3.158   2.211   1.00 16.89 ? 607  VAL A CG2 1 
ATOM   851  N  N   . THR A 1 149 ? -7.038  5.729   1.185   1.00 15.34 ? 608  THR A N   1 
ATOM   852  C  CA  . THR A 1 149 ? -8.221  6.545   1.405   1.00 16.40 ? 608  THR A CA  1 
ATOM   853  C  C   . THR A 1 149 ? -9.358  5.647   1.832   1.00 16.07 ? 608  THR A C   1 
ATOM   854  O  O   . THR A 1 149 ? -9.641  4.651   1.159   1.00 16.63 ? 608  THR A O   1 
ATOM   855  C  CB  . THR A 1 149 ? -8.608  7.287   0.116   1.00 17.04 ? 608  THR A CB  1 
ATOM   856  O  OG1 . THR A 1 149 ? -7.492  8.096   -0.297  1.00 17.76 ? 608  THR A OG1 1 
ATOM   857  C  CG2 . THR A 1 149 ? -9.814  8.195   0.356   1.00 16.95 ? 608  THR A CG2 1 
ATOM   858  N  N   . ASN A 1 150 ? -10.017 6.000   2.930   1.00 15.54 ? 609  ASN A N   1 
ATOM   859  C  CA  . ASN A 1 150 ? -11.175 5.216   3.372   1.00 16.29 ? 609  ASN A CA  1 
ATOM   860  C  C   . ASN A 1 150 ? -12.474 5.905   3.007   1.00 16.27 ? 609  ASN A C   1 
ATOM   861  O  O   . ASN A 1 150 ? -12.550 7.135   3.025   1.00 17.44 ? 609  ASN A O   1 
ATOM   862  C  CB  . ASN A 1 150 ? -11.139 4.960   4.882   1.00 16.40 ? 609  ASN A CB  1 
ATOM   863  C  CG  . ASN A 1 150 ? -10.095 3.948   5.276   1.00 17.68 ? 609  ASN A CG  1 
ATOM   864  O  OD1 . ASN A 1 150 ? -9.600  3.189   4.435   1.00 18.63 ? 609  ASN A OD1 1 
ATOM   865  N  ND2 . ASN A 1 150 ? -9.755  3.925   6.547   1.00 17.85 ? 609  ASN A ND2 1 
ATOM   866  N  N   . THR A 1 151 ? -13.489 5.101   2.692   1.00 15.20 ? 610  THR A N   1 
ATOM   867  C  CA  . THR A 1 151 ? -14.844 5.589   2.394   1.00 15.89 ? 610  THR A CA  1 
ATOM   868  C  C   . THR A 1 151 ? -15.793 4.931   3.366   1.00 16.13 ? 610  THR A C   1 
ATOM   869  O  O   . THR A 1 151 ? -15.944 3.706   3.337   1.00 15.74 ? 610  THR A O   1 
ATOM   870  C  CB  . THR A 1 151 ? -15.271 5.222   0.967   1.00 16.14 ? 610  THR A CB  1 
ATOM   871  O  OG1 . THR A 1 151 ? -14.287 5.700   0.043   1.00 15.66 ? 610  THR A OG1 1 
ATOM   872  C  CG2 . THR A 1 151 ? -16.635 5.824   0.625   1.00 16.10 ? 610  THR A CG2 1 
ATOM   873  N  N   . VAL A 1 152 ? -16.421 5.744   4.219   1.00 15.45 ? 611  VAL A N   1 
ATOM   874  C  CA  . VAL A 1 152 ? -17.238 5.214   5.332   1.00 16.33 ? 611  VAL A CA  1 
ATOM   875  C  C   . VAL A 1 152 ? -18.700 5.585   5.131   1.00 16.62 ? 611  VAL A C   1 
ATOM   876  O  O   . VAL A 1 152 ? -19.020 6.761   4.922   1.00 17.82 ? 611  VAL A O   1 
ATOM   877  C  CB  . VAL A 1 152 ? -16.745 5.753   6.692   1.00 16.68 ? 611  VAL A CB  1 
ATOM   878  C  CG1 . VAL A 1 152 ? -17.610 5.223   7.838   1.00 17.14 ? 611  VAL A CG1 1 
ATOM   879  C  CG2 . VAL A 1 152 ? -15.292 5.377   6.927   1.00 17.70 ? 611  VAL A CG2 1 
ATOM   880  N  N   . THR A 1 153 ? -19.572 4.582   5.185   1.00 16.44 ? 612  THR A N   1 
ATOM   881  C  CA  . THR A 1 153 ? -21.016 4.777   5.005   1.00 17.26 ? 612  THR A CA  1 
ATOM   882  C  C   . THR A 1 153 ? -21.819 3.939   6.004   1.00 17.82 ? 612  THR A C   1 
ATOM   883  O  O   . THR A 1 153 ? -21.304 2.977   6.584   1.00 16.43 ? 612  THR A O   1 
ATOM   884  C  CB  . THR A 1 153 ? -21.457 4.396   3.580   1.00 18.35 ? 612  THR A CB  1 
ATOM   885  O  OG1 . THR A 1 153 ? -21.116 3.029   3.318   1.00 17.58 ? 612  THR A OG1 1 
ATOM   886  C  CG2 . THR A 1 153 ? -20.794 5.293   2.533   1.00 18.37 ? 612  THR A CG2 1 
ATOM   887  N  N   . GLY A 1 154 ? -23.087 4.310   6.183   1.00 17.61 ? 613  GLY A N   1 
ATOM   888  C  CA  . GLY A 1 154 ? -24.011 3.537   7.018   1.00 18.35 ? 613  GLY A CA  1 
ATOM   889  C  C   . GLY A 1 154 ? -23.930 3.838   8.505   1.00 18.68 ? 613  GLY A C   1 
ATOM   890  O  O   . GLY A 1 154 ? -24.375 3.032   9.323   1.00 19.52 ? 613  GLY A O   1 
ATOM   891  N  N   . LEU A 1 155 ? -23.365 4.989   8.854   1.00 18.08 ? 614  LEU A N   1 
ATOM   892  C  CA  . LEU A 1 155 ? -23.216 5.367   10.268  1.00 19.06 ? 614  LEU A CA  1 
ATOM   893  C  C   . LEU A 1 155 ? -24.557 5.675   10.938  1.00 19.66 ? 614  LEU A C   1 
ATOM   894  O  O   . LEU A 1 155 ? -25.477 6.176   10.285  1.00 20.02 ? 614  LEU A O   1 
ATOM   895  C  CB  . LEU A 1 155 ? -22.291 6.569   10.406  1.00 19.17 ? 614  LEU A CB  1 
ATOM   896  C  CG  . LEU A 1 155 ? -20.811 6.375   10.129  1.00 18.81 ? 614  LEU A CG  1 
ATOM   897  C  CD1 . LEU A 1 155 ? -20.137 7.732   10.099  1.00 18.09 ? 614  LEU A CD1 1 
ATOM   898  C  CD2 . LEU A 1 155 ? -20.186 5.492   11.189  1.00 19.04 ? 614  LEU A CD2 1 
ATOM   899  N  N   . PRO A 1 156 ? -24.669 5.380   12.250  1.00 20.39 ? 615  PRO A N   1 
ATOM   900  C  CA  . PRO A 1 156 ? -25.839 5.793   13.029  1.00 20.87 ? 615  PRO A CA  1 
ATOM   901  C  C   . PRO A 1 156 ? -26.054 7.306   13.000  1.00 20.00 ? 615  PRO A C   1 
ATOM   902  O  O   . PRO A 1 156 ? -25.087 8.072   12.848  1.00 19.17 ? 615  PRO A O   1 
ATOM   903  C  CB  . PRO A 1 156 ? -25.479 5.373   14.459  1.00 20.81 ? 615  PRO A CB  1 
ATOM   904  C  CG  . PRO A 1 156 ? -24.487 4.291   14.316  1.00 21.24 ? 615  PRO A CG  1 
ATOM   905  C  CD  . PRO A 1 156 ? -23.722 4.583   13.051  1.00 20.65 ? 615  PRO A CD  1 
ATOM   906  N  N   . SER A 1 157 ? -27.313 7.727   13.143  1.00 19.68 ? 616  SER A N   1 
ATOM   907  C  CA  . SER A 1 157 ? -27.646 9.147   13.288  1.00 21.90 ? 616  SER A CA  1 
ATOM   908  C  C   . SER A 1 157 ? -26.833 9.775   14.428  1.00 20.47 ? 616  SER A C   1 
ATOM   909  O  O   . SER A 1 157 ? -26.788 9.230   15.539  1.00 20.02 ? 616  SER A O   1 
ATOM   910  C  CB  . SER A 1 157 ? -29.142 9.292   13.565  1.00 24.00 ? 616  SER A CB  1 
ATOM   911  O  OG  . SER A 1 157 ? -29.507 8.544   14.715  1.00 29.30 ? 616  SER A OG  1 
ATOM   912  N  N   . GLY A 1 158 ? -26.176 10.900  14.145  1.00 19.99 ? 617  GLY A N   1 
ATOM   913  C  CA  . GLY A 1 158 ? -25.356 11.610  15.122  1.00 19.59 ? 617  GLY A CA  1 
ATOM   914  C  C   . GLY A 1 158 ? -23.881 11.327  14.936  1.00 19.25 ? 617  GLY A C   1 
ATOM   915  O  O   . GLY A 1 158 ? -23.016 12.062  15.443  1.00 18.77 ? 617  GLY A O   1 
ATOM   916  N  N   . LEU A 1 159 ? -23.574 10.258  14.208  1.00 19.17 ? 618  LEU A N   1 
ATOM   917  C  CA  . LEU A 1 159 ? -22.167 9.899   13.973  1.00 18.38 ? 618  LEU A CA  1 
ATOM   918  C  C   . LEU A 1 159 ? -21.680 10.351  12.596  1.00 17.85 ? 618  LEU A C   1 
ATOM   919  O  O   . LEU A 1 159 ? -22.464 10.430  11.657  1.00 17.68 ? 618  LEU A O   1 
ATOM   920  C  CB  . LEU A 1 159 ? -21.939 8.394   14.159  1.00 19.20 ? 618  LEU A CB  1 
ATOM   921  C  CG  . LEU A 1 159 ? -21.570 7.926   15.582  1.00 19.87 ? 618  LEU A CG  1 
ATOM   922  C  CD1 . LEU A 1 159 ? -22.479 8.521   16.648  1.00 21.71 ? 618  LEU A CD1 1 
ATOM   923  C  CD2 . LEU A 1 159 ? -21.584 6.406   15.678  1.00 20.37 ? 618  LEU A CD2 1 
ATOM   924  N  N   . SER A 1 160 ? -20.386 10.657  12.510  1.00 16.72 ? 619  SER A N   1 
ATOM   925  C  CA  . SER A 1 160 ? -19.758 11.060  11.247  1.00 16.65 ? 619  SER A CA  1 
ATOM   926  C  C   . SER A 1 160 ? -18.323 10.574  11.146  1.00 16.57 ? 619  SER A C   1 
ATOM   927  O  O   . SER A 1 160 ? -17.640 10.340  12.161  1.00 15.90 ? 619  SER A O   1 
ATOM   928  C  CB  . SER A 1 160 ? -19.830 12.583  11.063  1.00 17.58 ? 619  SER A CB  1 
ATOM   929  O  OG  . SER A 1 160 ? -19.096 13.237  12.094  1.00 17.76 ? 619  SER A OG  1 
ATOM   930  N  N   . TYR A 1 161 ? -17.855 10.435  9.908   1.00 16.27 ? 620  TYR A N   1 
ATOM   931  C  CA  . TYR A 1 161 ? -16.486 10.005  9.680   1.00 16.66 ? 620  TYR A CA  1 
ATOM   932  C  C   . TYR A 1 161 ? -15.577 11.220  9.587   1.00 16.72 ? 620  TYR A C   1 
ATOM   933  O  O   . TYR A 1 161 ? -15.753 12.064  8.710   1.00 17.47 ? 620  TYR A O   1 
ATOM   934  C  CB  . TYR A 1 161 ? -16.394 9.146   8.411   1.00 17.47 ? 620  TYR A CB  1 
ATOM   935  C  CG  . TYR A 1 161 ? -14.974 8.768   8.026   1.00 17.19 ? 620  TYR A CG  1 
ATOM   936  C  CD1 . TYR A 1 161 ? -14.079 8.245   8.963   1.00 17.65 ? 620  TYR A CD1 1 
ATOM   937  C  CD2 . TYR A 1 161 ? -14.536 8.943   6.726   1.00 17.96 ? 620  TYR A CD2 1 
ATOM   938  C  CE1 . TYR A 1 161 ? -12.789 7.912   8.603   1.00 17.86 ? 620  TYR A CE1 1 
ATOM   939  C  CE2 . TYR A 1 161 ? -13.250 8.620   6.356   1.00 18.45 ? 620  TYR A CE2 1 
ATOM   940  C  CZ  . TYR A 1 161 ? -12.382 8.116   7.287   1.00 17.80 ? 620  TYR A CZ  1 
ATOM   941  O  OH  . TYR A 1 161 ? -11.114 7.804   6.880   1.00 18.61 ? 620  TYR A OH  1 
ATOM   942  N  N   . ASP A 1 162 ? -14.603 11.298  10.491  1.00 16.69 ? 621  ASP A N   1 
ATOM   943  C  CA  . ASP A 1 162 ? -13.614 12.373  10.474  1.00 17.10 ? 621  ASP A CA  1 
ATOM   944  C  C   . ASP A 1 162 ? -12.422 11.824  9.691   1.00 17.13 ? 621  ASP A C   1 
ATOM   945  O  O   . ASP A 1 162 ? -11.617 11.084  10.241  1.00 17.55 ? 621  ASP A O   1 
ATOM   946  C  CB  . ASP A 1 162 ? -13.210 12.744  11.917  1.00 17.57 ? 621  ASP A CB  1 
ATOM   947  C  CG  . ASP A 1 162 ? -12.148 13.845  11.985  1.00 18.25 ? 621  ASP A CG  1 
ATOM   948  O  OD1 . ASP A 1 162 ? -11.521 14.160  10.957  1.00 19.70 ? 621  ASP A OD1 1 
ATOM   949  O  OD2 . ASP A 1 162 ? -11.936 14.383  13.102  1.00 19.65 ? 621  ASP A OD2 1 
ATOM   950  N  N   . SER A 1 163 ? -12.328 12.177  8.406   1.00 17.95 ? 622  SER A N   1 
ATOM   951  C  CA  . SER A 1 163 ? -11.261 11.628  7.556   1.00 18.75 ? 622  SER A CA  1 
ATOM   952  C  C   . SER A 1 163 ? -9.881  12.125  7.979   1.00 19.93 ? 622  SER A C   1 
ATOM   953  O  O   . SER A 1 163 ? -8.877  11.435  7.782   1.00 21.27 ? 622  SER A O   1 
ATOM   954  C  CB  . SER A 1 163 ? -11.536 11.885  6.061   1.00 20.65 ? 622  SER A CB  1 
ATOM   955  O  OG  . SER A 1 163 ? -11.413 13.270  5.738   1.00 23.01 ? 622  SER A OG  1 
ATOM   956  N  N   . ALA A 1 164 ? -9.825  13.300  8.605   1.00 19.79 ? 623  ALA A N   1 
ATOM   957  C  CA  . ALA A 1 164 ? -8.535  13.846  9.049   1.00 20.86 ? 623  ALA A CA  1 
ATOM   958  C  C   . ALA A 1 164 ? -7.881  12.992  10.135  1.00 21.38 ? 623  ALA A C   1 
ATOM   959  O  O   . ALA A 1 164 ? -6.668  12.843  10.170  1.00 23.01 ? 623  ALA A O   1 
ATOM   960  C  CB  . ALA A 1 164 ? -8.696  15.278  9.532   1.00 21.79 ? 623  ALA A CB  1 
ATOM   961  N  N   . THR A 1 165 ? -8.698  12.418  11.015  1.00 20.07 ? 624  THR A N   1 
ATOM   962  C  CA  . THR A 1 165 ? -8.193  11.579  12.096  1.00 19.61 ? 624  THR A CA  1 
ATOM   963  C  C   . THR A 1 165 ? -8.495  10.104  11.838  1.00 19.74 ? 624  THR A C   1 
ATOM   964  O  O   . THR A 1 165 ? -8.216  9.237   12.694  1.00 19.48 ? 624  THR A O   1 
ATOM   965  C  CB  . THR A 1 165 ? -8.854  11.976  13.426  1.00 19.80 ? 624  THR A CB  1 
ATOM   966  O  OG1 . THR A 1 165 ? -10.275 11.787  13.307  1.00 18.93 ? 624  THR A OG1 1 
ATOM   967  C  CG2 . THR A 1 165 ? -8.519  13.443  13.776  1.00 21.06 ? 624  THR A CG2 1 
ATOM   968  N  N   . ASN A 1 166 ? -9.044  9.826   10.657  1.00 18.66 ? 625  ASN A N   1 
ATOM   969  C  CA  . ASN A 1 166 ? -9.515  8.485   10.270  1.00 19.43 ? 625  ASN A CA  1 
ATOM   970  C  C   . ASN A 1 166 ? -10.298 7.794   11.398  1.00 19.73 ? 625  ASN A C   1 
ATOM   971  O  O   . ASN A 1 166 ? -10.045 6.629   11.742  1.00 19.68 ? 625  ASN A O   1 
ATOM   972  C  CB  . ASN A 1 166 ? -8.348  7.613   9.799   1.00 20.39 ? 625  ASN A CB  1 
ATOM   973  C  CG  . ASN A 1 166 ? -8.809  6.291   9.202   1.00 21.82 ? 625  ASN A CG  1 
ATOM   974  O  OD1 . ASN A 1 166 ? -9.864  6.206   8.564   1.00 21.52 ? 625  ASN A OD1 1 
ATOM   975  N  ND2 . ASN A 1 166 ? -8.027  5.247   9.424   1.00 22.25 ? 625  ASN A ND2 1 
ATOM   976  N  N   . SER A 1 167 ? -11.254 8.525   11.962  1.00 18.12 ? 626  SER A N   1 
ATOM   977  C  CA  . SER A 1 167 ? -12.022 8.041   13.115  1.00 17.93 ? 626  SER A CA  1 
ATOM   978  C  C   . SER A 1 167 ? -13.485 8.409   12.982  1.00 16.77 ? 626  SER A C   1 
ATOM   979  O  O   . SER A 1 167 ? -13.830 9.405   12.350  1.00 18.41 ? 626  SER A O   1 
ATOM   980  C  CB  . SER A 1 167 ? -11.471 8.647   14.404  1.00 18.51 ? 626  SER A CB  1 
ATOM   981  O  OG  . SER A 1 167 ? -10.126 8.272   14.594  1.00 19.81 ? 626  SER A OG  1 
ATOM   982  N  N   . ILE A 1 168 ? -14.349 7.612   13.595  1.00 16.06 ? 627  ILE A N   1 
ATOM   983  C  CA  . ILE A 1 168 ? -15.760 7.961   13.674  1.00 16.26 ? 627  ILE A CA  1 
ATOM   984  C  C   . ILE A 1 168 ? -15.946 8.774   14.954  1.00 16.42 ? 627  ILE A C   1 
ATOM   985  O  O   . ILE A 1 168 ? -15.434 8.391   16.017  1.00 16.22 ? 627  ILE A O   1 
ATOM   986  C  CB  . ILE A 1 168 ? -16.649 6.695   13.747  1.00 17.42 ? 627  ILE A CB  1 
ATOM   987  C  CG1 . ILE A 1 168 ? -16.399 5.771   12.537  1.00 19.70 ? 627  ILE A CG1 1 
ATOM   988  C  CG2 . ILE A 1 168 ? -18.121 7.070   13.841  1.00 17.53 ? 627  ILE A CG2 1 
ATOM   989  C  CD1 . ILE A 1 168 ? -16.733 6.369   11.197  1.00 22.47 ? 627  ILE A CD1 1 
ATOM   990  N  N   . ILE A 1 169 ? -16.676 9.879   14.856  1.00 16.25 ? 628  ILE A N   1 
ATOM   991  C  CA  . ILE A 1 169 ? -16.934 10.757  16.010  1.00 16.99 ? 628  ILE A CA  1 
ATOM   992  C  C   . ILE A 1 169 ? -18.433 11.065  16.077  1.00 17.43 ? 628  ILE A C   1 
ATOM   993  O  O   . ILE A 1 169 ? -19.165 10.790  15.124  1.00 18.58 ? 628  ILE A O   1 
ATOM   994  C  CB  . ILE A 1 169 ? -16.129 12.074  15.933  1.00 16.67 ? 628  ILE A CB  1 
ATOM   995  C  CG1 . ILE A 1 169 ? -16.463 12.840  14.641  1.00 17.11 ? 628  ILE A CG1 1 
ATOM   996  C  CG2 . ILE A 1 169 ? -14.628 11.829  16.075  1.00 17.28 ? 628  ILE A CG2 1 
ATOM   997  C  CD1 . ILE A 1 169 ? -15.945 14.263  14.625  1.00 17.09 ? 628  ILE A CD1 1 
ATOM   998  N  N   . GLY A 1 170 ? -18.902 11.595  17.209  1.00 18.09 ? 629  GLY A N   1 
ATOM   999  C  CA  . GLY A 1 170 ? -20.273 12.073  17.274  1.00 17.63 ? 629  GLY A CA  1 
ATOM   1000 C  C   . GLY A 1 170 ? -20.991 11.733  18.560  1.00 18.41 ? 629  GLY A C   1 
ATOM   1001 O  O   . GLY A 1 170 ? -20.398 11.234  19.516  1.00 18.91 ? 629  GLY A O   1 
ATOM   1002 N  N   . THR A 1 171 ? -22.274 12.046  18.572  1.00 18.00 ? 630  THR A N   1 
ATOM   1003 C  CA  . THR A 1 171 ? -23.136 11.695  19.693  1.00 19.20 ? 630  THR A CA  1 
ATOM   1004 C  C   . THR A 1 171 ? -24.303 10.972  19.063  1.00 18.48 ? 630  THR A C   1 
ATOM   1005 O  O   . THR A 1 171 ? -25.086 11.582  18.314  1.00 18.94 ? 630  THR A O   1 
ATOM   1006 C  CB  . THR A 1 171 ? -23.629 12.961  20.422  1.00 20.10 ? 630  THR A CB  1 
ATOM   1007 O  OG1 . THR A 1 171 ? -22.496 13.718  20.872  1.00 20.22 ? 630  THR A OG1 1 
ATOM   1008 C  CG2 . THR A 1 171 ? -24.465 12.579  21.628  1.00 20.90 ? 630  THR A CG2 1 
ATOM   1009 N  N   . PRO A 1 172 ? -24.450 9.665   19.359  1.00 18.01 ? 631  PRO A N   1 
ATOM   1010 C  CA  . PRO A 1 172 ? -25.542 8.933   18.723  1.00 18.99 ? 631  PRO A CA  1 
ATOM   1011 C  C   . PRO A 1 172 ? -26.896 9.384   19.294  1.00 19.54 ? 631  PRO A C   1 
ATOM   1012 O  O   . PRO A 1 172 ? -27.026 9.568   20.510  1.00 19.59 ? 631  PRO A O   1 
ATOM   1013 C  CB  . PRO A 1 172 ? -25.234 7.473   19.075  1.00 18.12 ? 631  PRO A CB  1 
ATOM   1014 C  CG  . PRO A 1 172 ? -24.485 7.547   20.367  1.00 17.89 ? 631  PRO A CG  1 
ATOM   1015 C  CD  . PRO A 1 172 ? -23.702 8.838   20.329  1.00 17.27 ? 631  PRO A CD  1 
ATOM   1016 N  N   . THR A 1 173 ? -27.878 9.601   18.419  1.00 20.42 ? 632  THR A N   1 
ATOM   1017 C  CA  . THR A 1 173 ? -29.143 10.177  18.858  1.00 22.37 ? 632  THR A CA  1 
ATOM   1018 C  C   . THR A 1 173 ? -30.263 9.164   19.117  1.00 24.51 ? 632  THR A C   1 
ATOM   1019 O  O   . THR A 1 173 ? -31.268 9.511   19.764  1.00 25.88 ? 632  THR A O   1 
ATOM   1020 C  CB  . THR A 1 173 ? -29.677 11.200  17.839  1.00 22.59 ? 632  THR A CB  1 
ATOM   1021 O  OG1 . THR A 1 173 ? -30.082 10.509  16.645  1.00 22.07 ? 632  THR A OG1 1 
ATOM   1022 C  CG2 . THR A 1 173 ? -28.624 12.276  17.525  1.00 22.87 ? 632  THR A CG2 1 
ATOM   1023 N  N   . LYS A 1 174 ? -30.105 7.937   18.624  1.00 25.09 ? 633  LYS A N   1 
ATOM   1024 C  CA  . LYS A 1 174 ? -31.201 6.969   18.607  1.00 26.44 ? 633  LYS A CA  1 
ATOM   1025 C  C   . LYS A 1 174 ? -30.701 5.562   18.942  1.00 25.39 ? 633  LYS A C   1 
ATOM   1026 O  O   . LYS A 1 174 ? -29.696 5.107   18.397  1.00 23.61 ? 633  LYS A O   1 
ATOM   1027 C  CB  . LYS A 1 174 ? -31.872 6.992   17.227  1.00 29.23 ? 633  LYS A CB  1 
ATOM   1028 C  CG  . LYS A 1 174 ? -33.143 6.171   17.100  1.00 34.52 ? 633  LYS A CG  1 
ATOM   1029 C  CD  . LYS A 1 174 ? -33.876 6.524   15.814  1.00 37.01 ? 633  LYS A CD  1 
ATOM   1030 C  CE  . LYS A 1 174 ? -34.807 5.410   15.370  1.00 40.10 ? 633  LYS A CE  1 
ATOM   1031 N  NZ  . LYS A 1 174 ? -35.873 5.097   16.364  1.00 44.49 ? 633  LYS A NZ  1 
ATOM   1032 N  N   . ILE A 1 175 ? -31.400 4.887   19.848  1.00 23.98 ? 634  ILE A N   1 
ATOM   1033 C  CA  . ILE A 1 175 ? -31.165 3.471   20.133  1.00 23.72 ? 634  ILE A CA  1 
ATOM   1034 C  C   . ILE A 1 175 ? -31.305 2.622   18.863  1.00 23.05 ? 634  ILE A C   1 
ATOM   1035 O  O   . ILE A 1 175 ? -32.178 2.881   18.030  1.00 23.08 ? 634  ILE A O   1 
ATOM   1036 C  CB  . ILE A 1 175 ? -32.169 2.995   21.216  1.00 25.89 ? 634  ILE A CB  1 
ATOM   1037 C  CG1 . ILE A 1 175 ? -31.867 3.673   22.548  1.00 27.54 ? 634  ILE A CG1 1 
ATOM   1038 C  CG2 . ILE A 1 175 ? -32.195 1.486   21.375  1.00 27.99 ? 634  ILE A CG2 1 
ATOM   1039 C  CD1 . ILE A 1 175 ? -30.423 3.604   22.955  1.00 27.75 ? 634  ILE A CD1 1 
ATOM   1040 N  N   . GLY A 1 176 ? -30.446 1.613   18.709  1.00 20.85 ? 635  GLY A N   1 
ATOM   1041 C  CA  . GLY A 1 176 ? -30.566 0.692   17.582  1.00 21.15 ? 635  GLY A CA  1 
ATOM   1042 C  C   . GLY A 1 176 ? -29.226 0.246   17.036  1.00 20.98 ? 635  GLY A C   1 
ATOM   1043 O  O   . GLY A 1 176 ? -28.183 0.720   17.491  1.00 19.54 ? 635  GLY A O   1 
ATOM   1044 N  N   . GLN A 1 177 ? -29.265 -0.666  16.062  1.00 21.11 ? 636  GLN A N   1 
ATOM   1045 C  CA  . GLN A 1 177 ? -28.040 -1.226  15.468  1.00 22.63 ? 636  GLN A CA  1 
ATOM   1046 C  C   . GLN A 1 177 ? -27.862 -0.771  14.038  1.00 21.08 ? 636  GLN A C   1 
ATOM   1047 O  O   . GLN A 1 177 ? -28.821 -0.661  13.286  1.00 21.87 ? 636  GLN A O   1 
ATOM   1048 C  CB  . GLN A 1 177 ? -28.025 -2.758  15.553  1.00 26.52 ? 636  GLN A CB  1 
ATOM   1049 C  CG  . GLN A 1 177 ? -27.874 -3.275  16.988  1.00 32.32 ? 636  GLN A CG  1 
ATOM   1050 C  CD  . GLN A 1 177 ? -27.582 -4.762  17.091  1.00 36.50 ? 636  GLN A CD  1 
ATOM   1051 O  OE1 . GLN A 1 177 ? -27.863 -5.533  16.174  1.00 40.82 ? 636  GLN A OE1 1 
ATOM   1052 N  NE2 . GLN A 1 177 ? -27.018 -5.176  18.229  1.00 37.43 ? 636  GLN A NE2 1 
ATOM   1053 N  N   . SER A 1 178 ? -26.622 -0.489  13.667  1.00 19.60 ? 637  SER A N   1 
ATOM   1054 C  CA  . SER A 1 178 ? -26.312 -0.025  12.315  1.00 19.12 ? 637  SER A CA  1 
ATOM   1055 C  C   . SER A 1 178 ? -25.148 -0.856  11.792  1.00 18.00 ? 637  SER A C   1 
ATOM   1056 O  O   . SER A 1 178 ? -24.192 -1.099  12.513  1.00 17.36 ? 637  SER A O   1 
ATOM   1057 C  CB  . SER A 1 178 ? -25.871 1.451   12.338  1.00 19.39 ? 637  SER A CB  1 
ATOM   1058 O  OG  . SER A 1 178 ? -26.911 2.321   12.742  1.00 22.70 ? 637  SER A OG  1 
ATOM   1059 N  N   . THR A 1 179 ? -25.229 -1.290  10.539  1.00 17.23 ? 638  THR A N   1 
ATOM   1060 C  CA  . THR A 1 179 ? -24.066 -1.894  9.895   1.00 17.26 ? 638  THR A CA  1 
ATOM   1061 C  C   . THR A 1 179 ? -23.273 -0.813  9.166   1.00 17.01 ? 638  THR A C   1 
ATOM   1062 O  O   . THR A 1 179 ? -23.805 -0.117  8.291   1.00 18.16 ? 638  THR A O   1 
ATOM   1063 C  CB  . THR A 1 179 ? -24.482 -2.964  8.887   1.00 18.74 ? 638  THR A CB  1 
ATOM   1064 O  OG1 . THR A 1 179 ? -25.197 -3.989  9.586   1.00 19.16 ? 638  THR A OG1 1 
ATOM   1065 C  CG2 . THR A 1 179 ? -23.256 -3.571  8.195   1.00 18.34 ? 638  THR A CG2 1 
ATOM   1066 N  N   . VAL A 1 180 ? -22.012 -0.664  9.554   1.00 16.19 ? 639  VAL A N   1 
ATOM   1067 C  CA  . VAL A 1 180 ? -21.139 0.359   8.977   1.00 15.56 ? 639  VAL A CA  1 
ATOM   1068 C  C   . VAL A 1 180 ? -20.218 -0.290  7.948   1.00 16.10 ? 639  VAL A C   1 
ATOM   1069 O  O   . VAL A 1 180 ? -19.661 -1.363  8.214   1.00 15.97 ? 639  VAL A O   1 
ATOM   1070 C  CB  . VAL A 1 180 ? -20.268 1.054   10.061  1.00 15.42 ? 639  VAL A CB  1 
ATOM   1071 C  CG1 . VAL A 1 180 ? -19.416 2.156   9.422   1.00 15.95 ? 639  VAL A CG1 1 
ATOM   1072 C  CG2 . VAL A 1 180 ? -21.137 1.649   11.162  1.00 15.21 ? 639  VAL A CG2 1 
ATOM   1073 N  N   . THR A 1 181 ? -20.073 0.341   6.781   1.00 15.59 ? 640  THR A N   1 
ATOM   1074 C  CA  . THR A 1 181 ? -19.229 -0.184  5.707   1.00 16.66 ? 640  THR A CA  1 
ATOM   1075 C  C   . THR A 1 181 ? -18.023 0.729   5.542   1.00 15.93 ? 640  THR A C   1 
ATOM   1076 O  O   . THR A 1 181 ? -18.164 1.962   5.442   1.00 16.62 ? 640  THR A O   1 
ATOM   1077 C  CB  . THR A 1 181 ? -19.981 -0.323  4.358   1.00 17.82 ? 640  THR A CB  1 
ATOM   1078 O  OG1 . THR A 1 181 ? -21.057 -1.266  4.489   1.00 19.17 ? 640  THR A OG1 1 
ATOM   1079 C  CG2 . THR A 1 181 ? -19.022 -0.819  3.259   1.00 17.29 ? 640  THR A CG2 1 
ATOM   1080 N  N   . VAL A 1 182 ? -16.834 0.126   5.555   1.00 16.33 ? 641  VAL A N   1 
ATOM   1081 C  CA  . VAL A 1 182 ? -15.602 0.853   5.281   1.00 16.10 ? 641  VAL A CA  1 
ATOM   1082 C  C   . VAL A 1 182 ? -14.922 0.256   4.055   1.00 16.42 ? 641  VAL A C   1 
ATOM   1083 O  O   . VAL A 1 182 ? -14.485 -0.889  4.076   1.00 16.76 ? 641  VAL A O   1 
ATOM   1084 C  CB  . VAL A 1 182 ? -14.606 0.793   6.463   1.00 16.27 ? 641  VAL A CB  1 
ATOM   1085 C  CG1 . VAL A 1 182 ? -13.406 1.699   6.172   1.00 17.57 ? 641  VAL A CG1 1 
ATOM   1086 C  CG2 . VAL A 1 182 ? -15.289 1.234   7.758   1.00 17.15 ? 641  VAL A CG2 1 
ATOM   1087 N  N   . VAL A 1 183 ? -14.848 1.047   2.993   1.00 16.68 ? 642  VAL A N   1 
ATOM   1088 C  CA  . VAL A 1 183 ? -14.102 0.662   1.795   1.00 16.90 ? 642  VAL A CA  1 
ATOM   1089 C  C   . VAL A 1 183 ? -12.761 1.370   1.901   1.00 17.14 ? 642  VAL A C   1 
ATOM   1090 O  O   . VAL A 1 183 ? -12.702 2.569   2.201   1.00 18.29 ? 642  VAL A O   1 
ATOM   1091 C  CB  . VAL A 1 183 ? -14.862 1.050   0.516   1.00 18.06 ? 642  VAL A CB  1 
ATOM   1092 C  CG1 . VAL A 1 183 ? -14.020 0.794   -0.721  1.00 18.90 ? 642  VAL A CG1 1 
ATOM   1093 C  CG2 . VAL A 1 183 ? -16.152 0.252   0.449   1.00 19.21 ? 642  VAL A CG2 1 
ATOM   1094 N  N   . SER A 1 184 ? -11.690 0.604   1.716   1.00 15.67 ? 643  SER A N   1 
ATOM   1095 C  CA  . SER A 1 184 ? -10.345 1.161   1.799   1.00 15.80 ? 643  SER A CA  1 
ATOM   1096 C  C   . SER A 1 184 ? -9.669  1.013   0.451   1.00 14.96 ? 643  SER A C   1 
ATOM   1097 O  O   . SER A 1 184 ? -9.630  -0.088  -0.116  1.00 14.49 ? 643  SER A O   1 
ATOM   1098 C  CB  . SER A 1 184 ? -9.532  0.415   2.844   1.00 17.29 ? 643  SER A CB  1 
ATOM   1099 O  OG  . SER A 1 184 ? -8.338  1.132   3.122   1.00 18.36 ? 643  SER A OG  1 
ATOM   1100 N  N   . THR A 1 185 ? -9.119  2.111   -0.067  1.00 14.35 ? 644  THR A N   1 
ATOM   1101 C  CA  . THR A 1 185 ? -8.501  2.060   -1.391  1.00 14.71 ? 644  THR A CA  1 
ATOM   1102 C  C   . THR A 1 185 ? -7.090  2.617   -1.349  1.00 14.91 ? 644  THR A C   1 
ATOM   1103 O  O   . THR A 1 185 ? -6.901  3.755   -0.955  1.00 15.60 ? 644  THR A O   1 
ATOM   1104 C  CB  . THR A 1 185 ? -9.304  2.863   -2.410  1.00 15.18 ? 644  THR A CB  1 
ATOM   1105 O  OG1 . THR A 1 185 ? -10.683 2.458   -2.349  1.00 16.54 ? 644  THR A OG1 1 
ATOM   1106 C  CG2 . THR A 1 185 ? -8.782  2.596   -3.811  1.00 15.33 ? 644  THR A CG2 1 
ATOM   1107 N  N   . ASP A 1 186 ? -6.105  1.829   -1.774  1.00 14.73 ? 645  ASP A N   1 
ATOM   1108 C  CA  . ASP A 1 186 ? -4.736  2.342   -1.819  1.00 14.32 ? 645  ASP A CA  1 
ATOM   1109 C  C   . ASP A 1 186 ? -4.491  3.144   -3.099  1.00 14.17 ? 645  ASP A C   1 
ATOM   1110 O  O   . ASP A 1 186 ? -5.357  3.234   -3.953  1.00 14.26 ? 645  ASP A O   1 
ATOM   1111 C  CB  . ASP A 1 186 ? -3.696  1.221   -1.586  1.00 14.53 ? 645  ASP A CB  1 
ATOM   1112 C  CG  . ASP A 1 186 ? -3.590  0.224   -2.745  1.00 14.89 ? 645  ASP A CG  1 
ATOM   1113 O  OD1 . ASP A 1 186 ? -4.094  0.481   -3.865  1.00 15.94 ? 645  ASP A OD1 1 
ATOM   1114 O  OD2 . ASP A 1 186 ? -2.955  -0.849  -2.516  1.00 15.53 ? 645  ASP A OD2 1 
ATOM   1115 N  N   . GLN A 1 187 ? -3.311  3.743   -3.221  1.00 14.13 ? 646  GLN A N   1 
ATOM   1116 C  CA  . GLN A 1 187 ? -3.075  4.659   -4.342  1.00 14.33 ? 646  GLN A CA  1 
ATOM   1117 C  C   . GLN A 1 187 ? -3.038  3.927   -5.681  1.00 14.97 ? 646  GLN A C   1 
ATOM   1118 O  O   . GLN A 1 187 ? -3.345  4.524   -6.711  1.00 15.73 ? 646  GLN A O   1 
ATOM   1119 C  CB  . GLN A 1 187 ? -1.783  5.439   -4.134  1.00 14.25 ? 646  GLN A CB  1 
ATOM   1120 C  CG  . GLN A 1 187 ? -1.604  6.621   -5.089  1.00 14.85 ? 646  GLN A CG  1 
ATOM   1121 C  CD  . GLN A 1 187 ? -0.324  7.372   -4.797  1.00 15.38 ? 646  GLN A CD  1 
ATOM   1122 O  OE1 . GLN A 1 187 ? 0.050   7.536   -3.631  1.00 16.61 ? 646  GLN A OE1 1 
ATOM   1123 N  NE2 . GLN A 1 187 ? 0.369   7.819   -5.848  1.00 16.10 ? 646  GLN A NE2 1 
ATOM   1124 N  N   . ALA A 1 188 ? -2.693  2.636   -5.641  1.00 15.90 ? 647  ALA A N   1 
ATOM   1125 C  CA  . ALA A 1 188 ? -2.681  1.767   -6.823  1.00 14.79 ? 647  ALA A CA  1 
ATOM   1126 C  C   . ALA A 1 188 ? -4.070  1.275   -7.247  1.00 15.17 ? 647  ALA A C   1 
ATOM   1127 O  O   . ALA A 1 188 ? -4.212  0.525   -8.222  1.00 14.90 ? 647  ALA A O   1 
ATOM   1128 C  CB  . ALA A 1 188 ? -1.777  0.572   -6.560  1.00 15.79 ? 647  ALA A CB  1 
ATOM   1129 N  N   . ASN A 1 189 ? -5.080  1.671   -6.476  1.00 15.72 ? 648  ASN A N   1 
ATOM   1130 C  CA  . ASN A 1 189 ? -6.491  1.332   -6.697  1.00 16.03 ? 648  ASN A CA  1 
ATOM   1131 C  C   . ASN A 1 189 ? -6.906  -0.085  -6.283  1.00 16.85 ? 648  ASN A C   1 
ATOM   1132 O  O   . ASN A 1 189 ? -7.925  -0.592  -6.731  1.00 18.93 ? 648  ASN A O   1 
ATOM   1133 C  CB  . ASN A 1 189 ? -6.952  1.647   -8.124  1.00 18.53 ? 648  ASN A CB  1 
ATOM   1134 C  CG  . ASN A 1 189 ? -8.429  1.915   -8.189  1.00 20.92 ? 648  ASN A CG  1 
ATOM   1135 O  OD1 . ASN A 1 189 ? -9.005  2.453   -7.246  1.00 22.44 ? 648  ASN A OD1 1 
ATOM   1136 N  ND2 . ASN A 1 189 ? -9.062  1.504   -9.284  1.00 23.27 ? 648  ASN A ND2 1 
ATOM   1137 N  N   . ASN A 1 190 ? -6.126  -0.720  -5.431  1.00 15.21 ? 649  ASN A N   1 
ATOM   1138 C  CA  . ASN A 1 190 ? -6.565  -1.957  -4.789  1.00 15.07 ? 649  ASN A CA  1 
ATOM   1139 C  C   . ASN A 1 190 ? -7.535  -1.590  -3.679  1.00 16.46 ? 649  ASN A C   1 
ATOM   1140 O  O   . ASN A 1 190 ? -7.274  -0.667  -2.923  1.00 16.10 ? 649  ASN A O   1 
ATOM   1141 C  CB  . ASN A 1 190 ? -5.375  -2.703  -4.175  1.00 15.21 ? 649  ASN A CB  1 
ATOM   1142 C  CG  . ASN A 1 190 ? -4.283  -3.001  -5.181  1.00 14.91 ? 649  ASN A CG  1 
ATOM   1143 O  OD1 . ASN A 1 190 ? -4.500  -3.707  -6.166  1.00 16.25 ? 649  ASN A OD1 1 
ATOM   1144 N  ND2 . ASN A 1 190 ? -3.102  -2.464  -4.933  1.00 15.67 ? 649  ASN A ND2 1 
ATOM   1145 N  N   . LYS A 1 191 ? -8.625  -2.351  -3.572  1.00 17.89 ? 650  LYS A N   1 
ATOM   1146 C  CA  . LYS A 1 191 ? -9.737  -2.012  -2.680  1.00 18.78 ? 650  LYS A CA  1 
ATOM   1147 C  C   . LYS A 1 191 ? -10.057 -3.185  -1.764  1.00 18.46 ? 650  LYS A C   1 
ATOM   1148 O  O   . LYS A 1 191 ? -10.045 -4.340  -2.190  1.00 19.27 ? 650  LYS A O   1 
ATOM   1149 C  CB  . LYS A 1 191 ? -10.945 -1.664  -3.559  1.00 21.73 ? 650  LYS A CB  1 
ATOM   1150 C  CG  . LYS A 1 191 ? -12.231 -1.294  -2.861  1.00 26.85 ? 650  LYS A CG  1 
ATOM   1151 C  CD  . LYS A 1 191 ? -13.185 -0.737  -3.911  1.00 29.56 ? 650  LYS A CD  1 
ATOM   1152 C  CE  . LYS A 1 191 ? -14.643 -1.010  -3.566  1.00 34.42 ? 650  LYS A CE  1 
ATOM   1153 N  NZ  . LYS A 1 191 ? -15.539 -0.279  -4.509  1.00 39.47 ? 650  LYS A NZ  1 
ATOM   1154 N  N   . SER A 1 192 ? -10.317 -2.894  -0.492  1.00 17.30 ? 651  SER A N   1 
ATOM   1155 C  CA  . SER A 1 192 ? -10.923 -3.891  0.391   1.00 18.06 ? 651  SER A CA  1 
ATOM   1156 C  C   . SER A 1 192 ? -12.158 -3.298  1.047   1.00 18.36 ? 651  SER A C   1 
ATOM   1157 O  O   . SER A 1 192 ? -12.315 -2.078  1.101   1.00 18.58 ? 651  SER A O   1 
ATOM   1158 C  CB  . SER A 1 192 ? -9.940  -4.366  1.454   1.00 19.42 ? 651  SER A CB  1 
ATOM   1159 O  OG  . SER A 1 192 ? -9.603  -3.303  2.326   1.00 21.07 ? 651  SER A OG  1 
ATOM   1160 N  N   . THR A 1 193 ? -13.044 -4.170  1.527   1.00 18.74 ? 652  THR A N   1 
ATOM   1161 C  CA  . THR A 1 193 ? -14.267 -3.719  2.188   1.00 18.14 ? 652  THR A CA  1 
ATOM   1162 C  C   . THR A 1 193 ? -14.390 -4.491  3.494   1.00 18.27 ? 652  THR A C   1 
ATOM   1163 O  O   . THR A 1 193 ? -14.188 -5.705  3.520   1.00 18.32 ? 652  THR A O   1 
ATOM   1164 C  CB  . THR A 1 193 ? -15.506 -3.977  1.310   1.00 18.56 ? 652  THR A CB  1 
ATOM   1165 O  OG1 . THR A 1 193 ? -15.367 -3.305  0.056   1.00 19.95 ? 652  THR A OG1 1 
ATOM   1166 C  CG2 . THR A 1 193 ? -16.826 -3.501  1.996   1.00 18.82 ? 652  THR A CG2 1 
ATOM   1167 N  N   . THR A 1 194 ? -14.676 -3.772  4.583   1.00 16.76 ? 653  THR A N   1 
ATOM   1168 C  CA  . THR A 1 194 ? -14.961 -4.422  5.860   1.00 17.36 ? 653  THR A CA  1 
ATOM   1169 C  C   . THR A 1 194 ? -16.227 -3.798  6.427   1.00 17.48 ? 653  THR A C   1 
ATOM   1170 O  O   . THR A 1 194 ? -16.624 -2.708  6.026   1.00 17.69 ? 653  THR A O   1 
ATOM   1171 C  CB  . THR A 1 194 ? -13.768 -4.372  6.867   1.00 18.20 ? 653  THR A CB  1 
ATOM   1172 O  OG1 . THR A 1 194 ? -13.978 -5.322  7.924   1.00 21.63 ? 653  THR A OG1 1 
ATOM   1173 C  CG2 . THR A 1 194 ? -13.585 -2.997  7.482   1.00 19.64 ? 653  THR A CG2 1 
ATOM   1174 N  N   . THR A 1 195 ? -16.894 -4.526  7.319   1.00 17.27 ? 654  THR A N   1 
ATOM   1175 C  CA  . THR A 1 195 ? -18.083 -4.006  7.987   1.00 17.14 ? 654  THR A CA  1 
ATOM   1176 C  C   . THR A 1 195 ? -17.979 -4.269  9.470   1.00 16.79 ? 654  THR A C   1 
ATOM   1177 O  O   . THR A 1 195 ? -17.221 -5.134  9.911   1.00 16.87 ? 654  THR A O   1 
ATOM   1178 C  CB  . THR A 1 195 ? -19.392 -4.638  7.463   1.00 17.88 ? 654  THR A CB  1 
ATOM   1179 O  OG1 . THR A 1 195 ? -19.354 -6.061  7.680   1.00 18.41 ? 654  THR A OG1 1 
ATOM   1180 C  CG2 . THR A 1 195 ? -19.628 -4.320  5.979   1.00 18.20 ? 654  THR A CG2 1 
ATOM   1181 N  N   . PHE A 1 196 ? -18.722 -3.488  10.240  1.00 17.08 ? 655  PHE A N   1 
ATOM   1182 C  CA  . PHE A 1 196 ? -18.898 -3.741  11.668  1.00 17.02 ? 655  PHE A CA  1 
ATOM   1183 C  C   . PHE A 1 196 ? -20.212 -3.138  12.106  1.00 17.08 ? 655  PHE A C   1 
ATOM   1184 O  O   . PHE A 1 196 ? -20.784 -2.283  11.409  1.00 17.84 ? 655  PHE A O   1 
ATOM   1185 C  CB  . PHE A 1 196 ? -17.725 -3.215  12.507  1.00 17.14 ? 655  PHE A CB  1 
ATOM   1186 C  CG  . PHE A 1 196 ? -17.576 -1.723  12.488  1.00 16.81 ? 655  PHE A CG  1 
ATOM   1187 C  CD1 . PHE A 1 196 ? -17.047 -1.072  11.371  1.00 17.00 ? 655  PHE A CD1 1 
ATOM   1188 C  CD2 . PHE A 1 196 ? -17.952 -0.955  13.587  1.00 16.94 ? 655  PHE A CD2 1 
ATOM   1189 C  CE1 . PHE A 1 196 ? -16.889 0.306   11.354  1.00 16.46 ? 655  PHE A CE1 1 
ATOM   1190 C  CE2 . PHE A 1 196 ? -17.787 0.426   13.582  1.00 16.87 ? 655  PHE A CE2 1 
ATOM   1191 C  CZ  . PHE A 1 196 ? -17.269 1.062   12.456  1.00 17.11 ? 655  PHE A CZ  1 
ATOM   1192 N  N   . THR A 1 197 ? -20.724 -3.599  13.237  1.00 16.48 ? 656  THR A N   1 
ATOM   1193 C  CA  . THR A 1 197 ? -21.983 -3.072  13.734  1.00 18.09 ? 656  THR A CA  1 
ATOM   1194 C  C   . THR A 1 197 ? -21.702 -2.048  14.831  1.00 18.75 ? 656  THR A C   1 
ATOM   1195 O  O   . THR A 1 197 ? -20.770 -2.216  15.633  1.00 18.71 ? 656  THR A O   1 
ATOM   1196 C  CB  . THR A 1 197 ? -22.882 -4.193  14.276  1.00 19.71 ? 656  THR A CB  1 
ATOM   1197 O  OG1 . THR A 1 197 ? -22.226 -4.814  15.382  1.00 24.16 ? 656  THR A OG1 1 
ATOM   1198 C  CG2 . THR A 1 197 ? -23.124 -5.239  13.217  1.00 18.75 ? 656  THR A CG2 1 
ATOM   1199 N  N   . ILE A 1 198 ? -22.464 -0.958  14.820  1.00 17.02 ? 657  ILE A N   1 
ATOM   1200 C  CA  . ILE A 1 198 ? -22.496 -0.049  15.948  1.00 16.65 ? 657  ILE A CA  1 
ATOM   1201 C  C   . ILE A 1 198 ? -23.866 -0.239  16.589  1.00 16.90 ? 657  ILE A C   1 
ATOM   1202 O  O   . ILE A 1 198 ? -24.903 -0.064  15.931  1.00 17.11 ? 657  ILE A O   1 
ATOM   1203 C  CB  . ILE A 1 198 ? -22.252 1.430   15.560  1.00 16.36 ? 657  ILE A CB  1 
ATOM   1204 C  CG1 . ILE A 1 198 ? -20.829 1.604   14.995  1.00 16.65 ? 657  ILE A CG1 1 
ATOM   1205 C  CG2 . ILE A 1 198 ? -22.491 2.339   16.771  1.00 17.15 ? 657  ILE A CG2 1 
ATOM   1206 C  CD1 . ILE A 1 198 ? -20.476 2.997   14.504  1.00 16.34 ? 657  ILE A CD1 1 
ATOM   1207 N  N   . ASN A 1 199 ? -23.855 -0.643  17.857  1.00 17.57 ? 658  ASN A N   1 
ATOM   1208 C  CA  . ASN A 1 199 ? -25.066 -0.790  18.654  1.00 18.55 ? 658  ASN A CA  1 
ATOM   1209 C  C   . ASN A 1 199 ? -25.192 0.366   19.642  1.00 17.92 ? 658  ASN A C   1 
ATOM   1210 O  O   . ASN A 1 199 ? -24.342 0.558   20.497  1.00 17.28 ? 658  ASN A O   1 
ATOM   1211 C  CB  . ASN A 1 199 ? -25.036 -2.126  19.392  1.00 20.89 ? 658  ASN A CB  1 
ATOM   1212 C  CG  . ASN A 1 199 ? -26.345 -2.432  20.122  1.00 24.71 ? 658  ASN A CG  1 
ATOM   1213 O  OD1 . ASN A 1 199 ? -27.382 -1.817  19.848  1.00 29.70 ? 658  ASN A OD1 1 
ATOM   1214 N  ND2 . ASN A 1 199 ? -26.296 -3.381  21.059  1.00 28.18 ? 658  ASN A ND2 1 
ATOM   1215 N  N   . VAL A 1 200 ? -26.260 1.149   19.514  1.00 17.10 ? 659  VAL A N   1 
ATOM   1216 C  CA  . VAL A 1 200 ? -26.489 2.255   20.439  1.00 17.19 ? 659  VAL A CA  1 
ATOM   1217 C  C   . VAL A 1 200 ? -27.500 1.761   21.463  1.00 17.66 ? 659  VAL A C   1 
ATOM   1218 O  O   . VAL A 1 200 ? -28.602 1.362   21.095  1.00 17.57 ? 659  VAL A O   1 
ATOM   1219 C  CB  . VAL A 1 200 ? -27.013 3.502   19.705  1.00 17.20 ? 659  VAL A CB  1 
ATOM   1220 C  CG1 . VAL A 1 200 ? -27.208 4.662   20.670  1.00 17.00 ? 659  VAL A CG1 1 
ATOM   1221 C  CG2 . VAL A 1 200 ? -26.041 3.897   18.598  1.00 17.75 ? 659  VAL A CG2 1 
ATOM   1222 N  N   . VAL A 1 201 ? -27.106 1.805   22.733  1.00 17.24 ? 660  VAL A N   1 
ATOM   1223 C  CA  . VAL A 1 201 ? -27.913 1.290   23.840  1.00 17.84 ? 660  VAL A CA  1 
ATOM   1224 C  C   . VAL A 1 201 ? -28.260 2.387   24.866  1.00 18.42 ? 660  VAL A C   1 
ATOM   1225 O  O   . VAL A 1 201 ? -27.606 3.444   24.936  1.00 18.83 ? 660  VAL A O   1 
ATOM   1226 C  CB  . VAL A 1 201 ? -27.226 0.100   24.544  1.00 17.17 ? 660  VAL A CB  1 
ATOM   1227 C  CG1 . VAL A 1 201 ? -26.925 -1.007  23.535  1.00 16.77 ? 660  VAL A CG1 1 
ATOM   1228 C  CG2 . VAL A 1 201 ? -25.960 0.534   25.267  1.00 17.37 ? 660  VAL A CG2 1 
ATOM   1229 N  N   . ASP A 1 202 ? -29.336 2.148   25.621  1.00 19.85 ? 661  ASP A N   1 
ATOM   1230 C  CA  . ASP A 1 202 ? -29.698 3.039   26.723  1.00 21.16 ? 661  ASP A CA  1 
ATOM   1231 C  C   . ASP A 1 202 ? -29.589 2.262   28.021  1.00 21.48 ? 661  ASP A C   1 
ATOM   1232 O  O   . ASP A 1 202 ? -29.488 1.040   28.008  1.00 22.08 ? 661  ASP A O   1 
ATOM   1233 C  CB  . ASP A 1 202 ? -31.117 3.593   26.549  1.00 23.58 ? 661  ASP A CB  1 
ATOM   1234 C  CG  . ASP A 1 202 ? -31.332 4.902   27.303  1.00 25.24 ? 661  ASP A CG  1 
ATOM   1235 O  OD1 . ASP A 1 202 ? -30.506 5.259   28.176  1.00 27.44 ? 661  ASP A OD1 1 
ATOM   1236 O  OD2 . ASP A 1 202 ? -32.333 5.591   27.003  1.00 27.58 ? 661  ASP A OD2 1 
ATOM   1237 N  N   . THR A 1 203 ? -29.620 2.982   29.138  1.00 20.87 ? 662  THR A N   1 
ATOM   1238 C  CA  . THR A 1 203 ? -29.498 2.372   30.457  1.00 21.69 ? 662  THR A CA  1 
ATOM   1239 C  C   . THR A 1 203 ? -30.840 1.930   31.049  1.00 21.73 ? 662  THR A C   1 
ATOM   1240 O  O   . THR A 1 203 ? -30.871 1.278   32.103  1.00 20.88 ? 662  THR A O   1 
ATOM   1241 C  CB  . THR A 1 203 ? -28.853 3.346   31.443  1.00 22.40 ? 662  THR A CB  1 
ATOM   1242 O  OG1 . THR A 1 203 ? -29.530 4.607   31.346  1.00 22.58 ? 662  THR A OG1 1 
ATOM   1243 C  CG2 . THR A 1 203 ? -27.370 3.515   31.135  1.00 23.87 ? 662  THR A CG2 1 
ATOM   1244 N  N   . THR A 1 204 ? -31.916 2.283   30.363  1.00 21.69 ? 663  THR A N   1 
ATOM   1245 C  CA  . THR A 1 204 ? -33.273 1.931   30.753  1.00 23.35 ? 663  THR A CA  1 
ATOM   1246 C  C   . THR A 1 204 ? -34.084 1.570   29.534  1.00 25.04 ? 663  THR A C   1 
ATOM   1247 O  O   . THR A 1 204 ? -33.643 1.832   28.447  1.00 25.09 ? 663  THR A O   1 
ATOM   1248 C  CB  . THR A 1 204 ? -33.984 3.065   31.530  1.00 23.65 ? 663  THR A CB  1 
ATOM   1249 O  OG1 . THR A 1 204 ? -34.053 4.240   30.730  1.00 25.59 ? 663  THR A OG1 1 
ATOM   1250 C  CG2 . THR A 1 204 ? -33.220 3.396   32.728  1.00 23.53 ? 663  THR A CG2 1 
ATOM   1251 O  OXT . THR A 1 204 ? -35.190 0.973   29.692  1.00 30.00 ? 663  THR A OXT 1 
HETATM 1252 CA CA  . CA  B 2 .   ? -1.432  -2.044  -1.202  1.00 15.63 ? 701  CA  A CA  1 
HETATM 1253 C  C1  . GOL C 3 .   ? 12.419  6.212   -2.466  1.00 30.68 ? 702  GOL A C1  1 
HETATM 1254 O  O1  . GOL C 3 .   ? 12.981  6.700   -3.694  1.00 33.01 ? 702  GOL A O1  1 
HETATM 1255 C  C2  . GOL C 3 .   ? 13.105  6.791   -1.238  1.00 30.28 ? 702  GOL A C2  1 
HETATM 1256 O  O2  . GOL C 3 .   ? 13.670  8.076   -1.520  1.00 33.64 ? 702  GOL A O2  1 
HETATM 1257 C  C3  . GOL C 3 .   ? 14.147  5.823   -0.674  1.00 30.60 ? 702  GOL A C3  1 
HETATM 1258 O  O3  . GOL C 3 .   ? 15.299  5.574   -1.507  1.00 23.98 ? 702  GOL A O3  1 
HETATM 1259 O  O   . HOH D 4 .   ? -0.541  1.641   -3.514  1.00 17.98 ? 801  HOH A O   1 
HETATM 1260 O  O   . HOH D 4 .   ? 15.568  0.736   -5.584  1.00 15.53 ? 802  HOH A O   1 
HETATM 1261 O  O   . HOH D 4 .   ? 18.253  2.403   -12.106 1.00 17.94 ? 803  HOH A O   1 
HETATM 1262 O  O   . HOH D 4 .   ? 24.493  -8.820  -20.741 1.00 19.22 ? 804  HOH A O   1 
HETATM 1263 O  O   . HOH D 4 .   ? -5.768  6.380   -1.840  1.00 17.61 ? 805  HOH A O   1 
HETATM 1264 O  O   . HOH D 4 .   ? 12.535  -9.517  -16.605 1.00 20.54 ? 806  HOH A O   1 
HETATM 1265 O  O   . HOH D 4 .   ? -9.458  8.271   4.529   1.00 24.54 ? 807  HOH A O   1 
HETATM 1266 O  O   . HOH D 4 .   ? -3.968  9.674   -3.644  1.00 21.10 ? 808  HOH A O   1 
HETATM 1267 O  O   . HOH D 4 .   ? 2.310   5.503   -11.953 1.00 18.65 ? 809  HOH A O   1 
HETATM 1268 O  O   . HOH D 4 .   ? 16.778  6.361   -5.777  1.00 18.32 ? 810  HOH A O   1 
HETATM 1269 O  O   . HOH D 4 .   ? -22.782 7.371   7.148   1.00 20.55 ? 811  HOH A O   1 
HETATM 1270 O  O   . HOH D 4 .   ? -31.030 -0.197  24.804  1.00 23.14 ? 812  HOH A O   1 
HETATM 1271 O  O   . HOH D 4 .   ? 31.385  -12.550 -14.114 1.00 20.53 ? 813  HOH A O   1 
HETATM 1272 O  O   . HOH D 4 .   ? -11.790 4.268   -0.517  1.00 20.33 ? 814  HOH A O   1 
HETATM 1273 O  O   . HOH D 4 .   ? 28.780  -0.313  -17.293 1.00 16.58 ? 815  HOH A O   1 
HETATM 1274 O  O   . HOH D 4 .   ? 2.429   -0.055  -7.295  1.00 17.91 ? 816  HOH A O   1 
HETATM 1275 O  O   . HOH D 4 .   ? 17.372  2.246   -17.985 1.00 18.59 ? 817  HOH A O   1 
HETATM 1276 O  O   . HOH D 4 .   ? -21.988 7.514   22.993  1.00 19.80 ? 818  HOH A O   1 
HETATM 1277 O  O   . HOH D 4 .   ? -0.113  2.117   -9.862  1.00 19.22 ? 819  HOH A O   1 
HETATM 1278 O  O   . HOH D 4 .   ? -19.851 10.755  7.823   1.00 19.08 ? 820  HOH A O   1 
HETATM 1279 O  O   . HOH D 4 .   ? 25.183  -2.185  -26.918 1.00 23.28 ? 821  HOH A O   1 
HETATM 1280 O  O   . HOH D 4 .   ? 23.598  1.973   -22.306 1.00 19.76 ? 822  HOH A O   1 
HETATM 1281 O  O   . HOH D 4 .   ? 38.692  -3.576  -16.362 1.00 21.88 ? 823  HOH A O   1 
HETATM 1282 O  O   . HOH D 4 .   ? 27.700  -12.289 -11.852 1.00 24.24 ? 824  HOH A O   1 
HETATM 1283 O  O   . HOH D 4 .   ? 0.955   -1.518  -12.936 1.00 19.72 ? 825  HOH A O   1 
HETATM 1284 O  O   . HOH D 4 .   ? -10.769 6.996   20.702  1.00 24.19 ? 826  HOH A O   1 
HETATM 1285 O  O   . HOH D 4 .   ? 28.834  -6.276  -8.270  1.00 28.43 ? 827  HOH A O   1 
HETATM 1286 O  O   . HOH D 4 .   ? 22.385  4.216   -23.135 1.00 25.34 ? 828  HOH A O   1 
HETATM 1287 O  O   . HOH D 4 .   ? -16.973 12.135  19.429  1.00 24.64 ? 829  HOH A O   1 
HETATM 1288 O  O   . HOH D 4 .   ? -20.801 4.234   25.809  1.00 22.60 ? 830  HOH A O   1 
HETATM 1289 O  O   . HOH D 4 .   ? -20.608 8.663   6.079   1.00 22.64 ? 831  HOH A O   1 
HETATM 1290 O  O   . HOH D 4 .   ? -22.693 15.326  24.753  1.00 22.51 ? 832  HOH A O   1 
HETATM 1291 O  O   . HOH D 4 .   ? -18.469 2.687   2.357   1.00 19.29 ? 833  HOH A O   1 
HETATM 1292 O  O   . HOH D 4 .   ? 19.790  1.445   -24.887 1.00 21.47 ? 834  HOH A O   1 
HETATM 1293 O  O   . HOH D 4 .   ? 23.981  -12.884 -20.812 1.00 24.25 ? 835  HOH A O   1 
HETATM 1294 O  O   . HOH D 4 .   ? 3.736   0.167   3.601   1.00 23.31 ? 836  HOH A O   1 
HETATM 1295 O  O   . HOH D 4 .   ? -23.482 -0.229  5.594   1.00 22.61 ? 837  HOH A O   1 
HETATM 1296 O  O   . HOH D 4 .   ? 8.262   -3.123  2.348   1.00 27.62 ? 838  HOH A O   1 
HETATM 1297 O  O   . HOH D 4 .   ? 32.397  -10.124 -22.735 1.00 20.64 ? 839  HOH A O   1 
HETATM 1298 O  O   . HOH D 4 .   ? 5.929   -11.064 -9.490  1.00 20.91 ? 840  HOH A O   1 
HETATM 1299 O  O   . HOH D 4 .   ? 5.631   -3.957  1.940   1.00 21.67 ? 841  HOH A O   1 
HETATM 1300 O  O   . HOH D 4 .   ? 14.333  -11.751 -3.652  1.00 21.66 ? 842  HOH A O   1 
HETATM 1301 O  O   . HOH D 4 .   ? 2.655   9.711   -5.732  1.00 21.00 ? 843  HOH A O   1 
HETATM 1302 O  O   . HOH D 4 .   ? 7.618   -9.500  -7.365  1.00 22.29 ? 844  HOH A O   1 
HETATM 1303 O  O   . HOH D 4 .   ? -2.762  -3.442  -8.455  1.00 20.04 ? 845  HOH A O   1 
HETATM 1304 O  O   . HOH D 4 .   ? -5.185  -3.129  9.951   1.00 22.65 ? 846  HOH A O   1 
HETATM 1305 O  O   . HOH D 4 .   ? 26.199  6.375   -18.997 1.00 19.56 ? 847  HOH A O   1 
HETATM 1306 O  O   . HOH D 4 .   ? -9.268  8.813   19.409  1.00 25.89 ? 848  HOH A O   1 
HETATM 1307 O  O   . HOH D 4 .   ? -17.401 -2.633  -1.344  1.00 27.90 ? 849  HOH A O   1 
HETATM 1308 O  O   . HOH D 4 .   ? -28.983 4.178   16.028  1.00 28.90 ? 850  HOH A O   1 
HETATM 1309 O  O   . HOH D 4 .   ? -22.412 10.859  8.949   1.00 28.35 ? 851  HOH A O   1 
HETATM 1310 O  O   . HOH D 4 .   ? 21.366  2.174   -2.281  1.00 20.06 ? 852  HOH A O   1 
HETATM 1311 O  O   . HOH D 4 .   ? 25.814  3.220   -21.055 1.00 22.50 ? 853  HOH A O   1 
HETATM 1312 O  O   . HOH D 4 .   ? 2.042   2.294   -3.400  1.00 19.31 ? 854  HOH A O   1 
HETATM 1313 O  O   . HOH D 4 .   ? 0.514   2.150   0.558   1.00 25.07 ? 855  HOH A O   1 
HETATM 1314 O  O   . HOH D 4 .   ? -2.332  -4.358  2.993   1.00 29.44 ? 856  HOH A O   1 
HETATM 1315 O  O   . HOH D 4 .   ? -2.704  -4.159  5.467   1.00 35.79 ? 857  HOH A O   1 
HETATM 1316 O  O   . HOH D 4 .   ? -2.668  -0.998  -9.895  1.00 22.03 ? 858  HOH A O   1 
HETATM 1317 O  O   . HOH D 4 .   ? -9.289  9.943   16.833  1.00 25.44 ? 859  HOH A O   1 
HETATM 1318 O  O   . HOH D 4 .   ? -0.605  3.232   -1.279  1.00 25.68 ? 860  HOH A O   1 
HETATM 1319 O  O   . HOH D 4 .   ? 18.733  -3.715  -2.308  1.00 26.90 ? 861  HOH A O   1 
HETATM 1320 O  O   . HOH D 4 .   ? -10.710 3.191   18.529  1.00 27.55 ? 862  HOH A O   1 
HETATM 1321 O  O   . HOH D 4 .   ? -15.815 -7.312  17.095  1.00 27.24 ? 863  HOH A O   1 
HETATM 1322 O  O   . HOH D 4 .   ? 2.059   -10.960 -2.953  1.00 28.81 ? 864  HOH A O   1 
HETATM 1323 O  O   . HOH D 4 .   ? -12.336 -7.561  13.547  1.00 25.76 ? 865  HOH A O   1 
HETATM 1324 O  O   . HOH D 4 .   ? -11.938 -5.422  10.146  1.00 26.64 ? 866  HOH A O   1 
HETATM 1325 O  O   . HOH D 4 .   ? 12.796  4.487   -16.014 1.00 27.05 ? 867  HOH A O   1 
HETATM 1326 O  O   . HOH D 4 .   ? 11.568  8.301   -5.337  1.00 30.65 ? 868  HOH A O   1 
HETATM 1327 O  O   . HOH D 4 .   ? -20.591 13.707  14.346  1.00 23.23 ? 869  HOH A O   1 
HETATM 1328 O  O   . HOH D 4 .   ? -13.385 -8.101  7.396   1.00 26.17 ? 870  HOH A O   1 
HETATM 1329 O  O   . HOH D 4 .   ? -21.560 -7.385  6.983   1.00 22.54 ? 871  HOH A O   1 
HETATM 1330 O  O   . HOH D 4 .   ? 11.409  7.058   -9.764  1.00 30.21 ? 872  HOH A O   1 
HETATM 1331 O  O   . HOH D 4 .   ? 27.344  1.223   -21.916 1.00 27.05 ? 873  HOH A O   1 
HETATM 1332 O  O   . HOH D 4 .   ? 26.263  -10.574 -9.568  1.00 25.39 ? 874  HOH A O   1 
HETATM 1333 O  O   . HOH D 4 .   ? 18.345  -2.311  -23.344 1.00 24.87 ? 875  HOH A O   1 
HETATM 1334 O  O   . HOH D 4 .   ? -6.801  5.029   20.031  1.00 32.79 ? 876  HOH A O   1 
HETATM 1335 O  O   . HOH D 4 .   ? -27.054 2.413   15.415  1.00 20.24 ? 877  HOH A O   1 
HETATM 1336 O  O   . HOH D 4 .   ? 3.544   -8.052  2.807   1.00 25.43 ? 878  HOH A O   1 
HETATM 1337 O  O   . HOH D 4 .   ? 0.269   -8.252  -11.793 1.00 23.43 ? 879  HOH A O   1 
HETATM 1338 O  O   . HOH D 4 .   ? -20.103 6.779   24.778  1.00 27.42 ? 880  HOH A O   1 
HETATM 1339 O  O   . HOH D 4 .   ? 19.012  -12.862 -11.305 1.00 25.43 ? 881  HOH A O   1 
HETATM 1340 O  O   . HOH D 4 .   ? -14.883 4.650   -2.461  1.00 26.05 ? 882  HOH A O   1 
HETATM 1341 O  O   . HOH D 4 .   ? -24.071 6.452   4.395   1.00 30.60 ? 883  HOH A O   1 
HETATM 1342 O  O   . HOH D 4 .   ? -27.579 -0.933  8.888   1.00 29.67 ? 884  HOH A O   1 
HETATM 1343 O  O   . HOH D 4 .   ? 5.322   10.086  -5.768  1.00 22.13 ? 885  HOH A O   1 
HETATM 1344 O  O   . HOH D 4 .   ? -23.016 12.390  30.919  1.00 35.06 ? 886  HOH A O   1 
HETATM 1345 O  O   . HOH D 4 .   ? 14.816  5.175   -12.353 1.00 26.01 ? 887  HOH A O   1 
HETATM 1346 O  O   . HOH D 4 .   ? -11.207 11.719  15.882  1.00 23.91 ? 888  HOH A O   1 
HETATM 1347 O  O   . HOH D 4 .   ? 19.627  -4.578  -24.553 1.00 32.56 ? 889  HOH A O   1 
HETATM 1348 O  O   . HOH D 4 .   ? -1.504  -0.154  12.644  1.00 24.36 ? 890  HOH A O   1 
HETATM 1349 O  O   . HOH D 4 .   ? -18.931 2.781   -0.306  1.00 32.03 ? 891  HOH A O   1 
HETATM 1350 O  O   . HOH D 4 .   ? -5.811  -1.514  -9.971  1.00 34.04 ? 892  HOH A O   1 
HETATM 1351 O  O   . HOH D 4 .   ? -27.905 6.971   16.865  1.00 23.64 ? 893  HOH A O   1 
HETATM 1352 O  O   . HOH D 4 .   ? -25.173 -2.051  4.817   1.00 31.36 ? 894  HOH A O   1 
HETATM 1353 O  O   . HOH D 4 .   ? 24.632  5.493   -9.425  1.00 32.74 ? 895  HOH A O   1 
HETATM 1354 O  O   . HOH D 4 .   ? 13.834  1.478   0.112   1.00 30.14 ? 896  HOH A O   1 
HETATM 1355 O  O   . HOH D 4 .   ? -1.765  11.022  -4.496  1.00 24.70 ? 897  HOH A O   1 
HETATM 1356 O  O   . HOH D 4 .   ? 7.963   -14.642 -1.886  1.00 27.52 ? 898  HOH A O   1 
HETATM 1357 O  O   . HOH D 4 .   ? 16.068  3.009   -0.007  1.00 28.51 ? 899  HOH A O   1 
HETATM 1358 O  O   . HOH D 4 .   ? 1.952   9.288   -2.622  1.00 29.19 ? 900  HOH A O   1 
HETATM 1359 O  O   . HOH D 4 .   ? -13.618 3.839   20.727  1.00 29.60 ? 901  HOH A O   1 
HETATM 1360 O  O   . HOH D 4 .   ? 14.922  -5.010  -21.431 1.00 27.51 ? 902  HOH A O   1 
HETATM 1361 O  O   . HOH D 4 .   ? -23.578 1.707   3.795   1.00 26.62 ? 903  HOH A O   1 
HETATM 1362 O  O   . HOH D 4 .   ? -2.560  8.243   3.121   1.00 30.39 ? 904  HOH A O   1 
HETATM 1363 O  O   . HOH D 4 .   ? -24.572 14.304  26.297  1.00 24.09 ? 905  HOH A O   1 
HETATM 1364 O  O   . HOH D 4 .   ? 16.405  -11.889 -11.275 1.00 27.92 ? 906  HOH A O   1 
HETATM 1365 O  O   . HOH D 4 .   ? 26.414  -9.648  -22.811 1.00 28.52 ? 907  HOH A O   1 
HETATM 1366 O  O   . HOH D 4 .   ? 6.446   -1.005  0.186   1.00 24.90 ? 908  HOH A O   1 
HETATM 1367 O  O   . HOH D 4 .   ? 19.830  -15.645 -14.747 1.00 24.58 ? 909  HOH A O   1 
HETATM 1368 O  O   . HOH D 4 .   ? -26.451 1.612   8.450   1.00 25.75 ? 910  HOH A O   1 
HETATM 1369 O  O   . HOH D 4 .   ? 26.308  -4.739  -26.275 1.00 32.14 ? 911  HOH A O   1 
HETATM 1370 O  O   . HOH D 4 .   ? 23.162  1.826   -4.823  1.00 22.47 ? 912  HOH A O   1 
HETATM 1371 O  O   . HOH D 4 .   ? 21.304  5.446   -12.265 1.00 20.41 ? 913  HOH A O   1 
HETATM 1372 O  O   . HOH D 4 .   ? 29.750  -10.785 -23.815 1.00 34.17 ? 914  HOH A O   1 
HETATM 1373 O  O   . HOH D 4 .   ? -17.691 1.998   21.119  1.00 23.99 ? 915  HOH A O   1 
HETATM 1374 O  O   . HOH D 4 .   ? 9.258   -0.149  -17.728 1.00 27.30 ? 916  HOH A O   1 
HETATM 1375 O  O   . HOH D 4 .   ? 4.602   -11.945 -7.372  1.00 23.96 ? 917  HOH A O   1 
HETATM 1376 O  O   . HOH D 4 .   ? -25.454 14.222  17.315  1.00 27.20 ? 918  HOH A O   1 
HETATM 1377 O  O   . HOH D 4 .   ? -25.195 11.754  11.518  1.00 33.63 ? 919  HOH A O   1 
HETATM 1378 O  O   . HOH D 4 .   ? 10.921  5.875   -12.225 1.00 32.93 ? 920  HOH A O   1 
HETATM 1379 O  O   . HOH D 4 .   ? -9.322  4.761   20.527  1.00 27.02 ? 921  HOH A O   1 
HETATM 1380 O  O   . HOH D 4 .   ? -5.731  -7.910  -1.835  1.00 30.67 ? 922  HOH A O   1 
HETATM 1381 O  O   . HOH D 4 .   ? 20.343  5.148   -24.134 1.00 27.02 ? 923  HOH A O   1 
HETATM 1382 O  O   . HOH D 4 .   ? -11.359 0.589   16.429  1.00 31.10 ? 924  HOH A O   1 
HETATM 1383 O  O   . HOH D 4 .   ? -16.341 4.359   21.319  1.00 31.10 ? 925  HOH A O   1 
HETATM 1384 O  O   . HOH D 4 .   ? 41.765  -6.882  -13.153 1.00 31.60 ? 926  HOH A O   1 
HETATM 1385 O  O   . HOH D 4 .   ? -9.072  -4.393  -5.678  1.00 30.99 ? 927  HOH A O   1 
HETATM 1386 O  O   . HOH D 4 .   ? -5.374  4.332   10.981  1.00 45.80 ? 928  HOH A O   1 
HETATM 1387 O  O   . HOH D 4 .   ? 18.654  4.996   -11.783 1.00 24.88 ? 929  HOH A O   1 
HETATM 1388 O  O   . HOH D 4 .   ? -7.905  0.041   -11.345 1.00 38.22 ? 930  HOH A O   1 
HETATM 1389 O  O   . HOH D 4 .   ? -6.693  10.909  16.525  1.00 36.67 ? 931  HOH A O   1 
HETATM 1390 O  O   . HOH D 4 .   ? -14.664 12.106  22.780  1.00 37.46 ? 932  HOH A O   1 
HETATM 1391 O  O   . HOH D 4 .   ? 16.628  -14.107 -25.622 1.00 37.16 ? 933  HOH A O   1 
HETATM 1392 O  O   . HOH D 4 .   ? -22.117 -2.530  2.456   1.00 30.57 ? 934  HOH A O   1 
HETATM 1393 O  O   . HOH D 4 .   ? -33.423 0.002   25.772  1.00 37.29 ? 935  HOH A O   1 
HETATM 1394 O  O   . HOH D 4 .   ? -9.282  11.211  20.924  1.00 32.19 ? 936  HOH A O   1 
HETATM 1395 O  O   . HOH D 4 .   ? 9.064   9.004   -6.471  1.00 28.36 ? 937  HOH A O   1 
HETATM 1396 O  O   . HOH D 4 .   ? 22.878  -10.427 -24.841 1.00 29.13 ? 938  HOH A O   1 
HETATM 1397 O  O   . HOH D 4 .   ? 26.302  5.687   -22.229 1.00 36.68 ? 939  HOH A O   1 
HETATM 1398 O  O   . HOH D 4 .   ? 27.195  -13.513 -15.314 1.00 37.83 ? 940  HOH A O   1 
HETATM 1399 O  O   . HOH D 4 .   ? 24.531  4.330   -5.601  1.00 29.59 ? 941  HOH A O   1 
HETATM 1400 O  O   . HOH D 4 .   ? -30.265 -0.817  22.033  1.00 32.13 ? 942  HOH A O   1 
HETATM 1401 O  O   . HOH D 4 .   ? -6.472  3.116   18.117  1.00 37.73 ? 943  HOH A O   1 
HETATM 1402 O  O   . HOH D 4 .   ? 2.231   9.136   -9.090  1.00 31.54 ? 944  HOH A O   1 
HETATM 1403 O  O   . HOH D 4 .   ? 25.889  -12.499 -22.738 1.00 35.03 ? 945  HOH A O   1 
HETATM 1404 O  O   . HOH D 4 .   ? -26.307 5.943   7.667   1.00 32.54 ? 946  HOH A O   1 
HETATM 1405 O  O   . HOH D 4 .   ? -9.529  13.967  3.635   1.00 48.84 ? 947  HOH A O   1 
HETATM 1406 O  O   . HOH D 4 .   ? 24.790  -0.990  -3.698  1.00 32.72 ? 948  HOH A O   1 
HETATM 1407 O  O   . HOH D 4 .   ? -2.991  -4.862  -10.754 1.00 31.14 ? 949  HOH A O   1 
HETATM 1408 O  O   . HOH D 4 .   ? 4.513   8.337   -1.875  1.00 37.50 ? 950  HOH A O   1 
HETATM 1409 O  O   . HOH D 4 .   ? 7.870   -14.229 -6.870  1.00 36.77 ? 951  HOH A O   1 
HETATM 1410 O  O   . HOH D 4 .   ? -27.952 13.354  26.384  1.00 31.48 ? 952  HOH A O   1 
HETATM 1411 O  O   . HOH D 4 .   ? 14.967  -16.080 -25.506 1.00 44.36 ? 953  HOH A O   1 
HETATM 1412 O  O   . HOH D 4 .   ? -2.974  1.986   11.470  1.00 30.62 ? 954  HOH A O   1 
HETATM 1413 O  O   . HOH D 4 .   ? -8.255  1.261   18.186  1.00 31.00 ? 955  HOH A O   1 
HETATM 1414 O  O   . HOH D 4 .   ? -17.491 6.301   24.205  1.00 34.83 ? 956  HOH A O   1 
HETATM 1415 O  O   . HOH D 4 .   ? 22.848  1.330   -0.310  1.00 27.37 ? 957  HOH A O   1 
HETATM 1416 O  O   . HOH D 4 .   ? 13.784  -1.329  -21.771 1.00 27.80 ? 958  HOH A O   1 
HETATM 1417 O  O   . HOH D 4 .   ? -17.187 3.071   -2.318  1.00 34.13 ? 959  HOH A O   1 
HETATM 1418 O  O   . HOH D 4 .   ? 10.360  9.173   -8.766  1.00 39.84 ? 960  HOH A O   1 
HETATM 1419 O  O   . HOH D 4 .   ? -6.785  12.094  21.063  1.00 35.72 ? 961  HOH A O   1 
HETATM 1420 O  O   . HOH D 4 .   ? 35.630  -7.163  -10.906 1.00 33.64 ? 962  HOH A O   1 
HETATM 1421 O  O   . HOH D 4 .   ? 1.180   -11.571 -5.666  1.00 29.30 ? 963  HOH A O   1 
HETATM 1422 O  O   . HOH D 4 .   ? 9.109   11.854  -5.572  1.00 32.29 ? 964  HOH A O   1 
HETATM 1423 O  O   . HOH D 4 .   ? -22.535 15.279  18.015  1.00 31.85 ? 965  HOH A O   1 
HETATM 1424 O  O   . HOH D 4 .   ? -20.509 -2.721  0.075   1.00 37.95 ? 966  HOH A O   1 
HETATM 1425 O  O   . HOH D 4 .   ? -4.942  -7.214  1.800   1.00 31.14 ? 967  HOH A O   1 
HETATM 1426 O  O   . HOH D 4 .   ? 28.253  -9.042  -8.563  1.00 33.33 ? 968  HOH A O   1 
HETATM 1427 O  O   . HOH D 4 .   ? 0.684   11.627  -3.223  1.00 37.92 ? 969  HOH A O   1 
HETATM 1428 O  O   . HOH D 4 .   ? 9.482   -1.904  -20.127 1.00 38.77 ? 970  HOH A O   1 
HETATM 1429 O  O   . HOH D 4 .   ? 16.953  -15.618 -14.714 1.00 39.71 ? 971  HOH A O   1 
HETATM 1430 O  O   . HOH D 4 .   ? 32.141  -3.698  -22.504 1.00 33.43 ? 972  HOH A O   1 
HETATM 1431 O  O   . HOH D 4 .   ? 31.492  2.719   -22.579 1.00 31.82 ? 973  HOH A O   1 
HETATM 1432 O  O   . HOH D 4 .   ? 16.636  -11.121 -23.596 1.00 34.65 ? 974  HOH A O   1 
HETATM 1433 O  O   . HOH D 4 .   ? 36.528  -4.144  -25.125 1.00 34.46 ? 975  HOH A O   1 
HETATM 1434 O  O   . HOH D 4 .   ? 9.044   -0.291  0.884   1.00 30.35 ? 976  HOH A O   1 
HETATM 1435 O  O   . HOH D 4 .   ? 27.292  -5.598  -6.010  1.00 32.64 ? 977  HOH A O   1 
HETATM 1436 O  O   . HOH D 4 .   ? -28.425 9.743   27.360  1.00 39.97 ? 978  HOH A O   1 
HETATM 1437 O  O   . HOH D 4 .   ? -8.743  10.543  3.416   1.00 36.88 ? 979  HOH A O   1 
HETATM 1438 O  O   . HOH D 4 .   ? -9.660  15.756  6.024   1.00 48.98 ? 980  HOH A O   1 
HETATM 1439 O  O   . HOH D 4 .   ? -12.367 -7.734  4.207   1.00 29.42 ? 981  HOH A O   1 
HETATM 1440 O  O   . HOH D 4 .   ? 12.341  -3.857  -21.537 1.00 37.35 ? 982  HOH A O   1 
HETATM 1441 O  O   . HOH D 4 .   ? 14.350  -13.574 -1.372  1.00 36.35 ? 983  HOH A O   1 
HETATM 1442 O  O   . HOH D 4 .   ? 27.383  -14.717 -22.093 1.00 43.89 ? 984  HOH A O   1 
HETATM 1443 O  O   . HOH D 4 .   ? 34.387  1.486   -13.439 1.00 35.88 ? 985  HOH A O   1 
HETATM 1444 O  O   . HOH D 4 .   ? 28.148  1.778   -4.630  1.00 43.76 ? 986  HOH A O   1 
HETATM 1445 O  O   . HOH D 4 .   ? 27.673  -1.149  -25.803 1.00 37.21 ? 987  HOH A O   1 
HETATM 1446 O  O   . HOH D 4 .   ? -4.626  6.293   9.082   1.00 37.89 ? 988  HOH A O   1 
HETATM 1447 O  O   . HOH D 4 .   ? 4.500   -14.732 -8.436  1.00 43.26 ? 989  HOH A O   1 
HETATM 1448 O  O   . HOH D 4 .   ? 16.685  10.219  -22.999 1.00 42.34 ? 990  HOH A O   1 
HETATM 1449 O  O   . HOH D 4 .   ? 6.956   -14.910 -9.562  1.00 43.13 ? 991  HOH A O   1 
HETATM 1450 O  O   . HOH D 4 .   ? -13.782 -4.021  -1.914  1.00 30.83 ? 992  HOH A O   1 
HETATM 1451 O  O   . HOH D 4 .   ? -33.387 6.408   21.392  1.00 34.30 ? 993  HOH A O   1 
HETATM 1452 O  O   . HOH D 4 .   ? -20.850 10.628  30.782  1.00 39.91 ? 994  HOH A O   1 
HETATM 1453 O  O   . HOH D 4 .   ? 30.321  -12.256 -11.527 1.00 34.64 ? 995  HOH A O   1 
HETATM 1454 O  O   . HOH D 4 .   ? 16.025  3.322   -15.783 1.00 37.97 ? 996  HOH A O   1 
HETATM 1455 O  O   . HOH D 4 .   ? 27.140  4.380   -6.679  1.00 42.38 ? 997  HOH A O   1 
HETATM 1456 O  O   . HOH D 4 .   ? 9.853   3.353   0.255   1.00 42.64 ? 998  HOH A O   1 
HETATM 1457 O  O   . HOH D 4 .   ? -23.563 13.075  33.507  1.00 48.13 ? 999  HOH A O   1 
HETATM 1458 O  O   . HOH D 4 .   ? -26.422 9.377   32.206  1.00 36.92 ? 1000 HOH A O   1 
HETATM 1459 O  O   . HOH D 4 .   ? 33.362  -5.647  -8.251  1.00 39.33 ? 1001 HOH A O   1 
HETATM 1460 O  O   . HOH D 4 .   ? 32.616  -5.876  -25.539 1.00 38.01 ? 1002 HOH A O   1 
HETATM 1461 O  O   . HOH D 4 .   ? -7.734  -6.857  2.973   1.00 36.48 ? 1003 HOH A O   1 
HETATM 1462 O  O   . HOH D 4 .   ? 22.871  -11.523 -8.930  1.00 35.62 ? 1004 HOH A O   1 
HETATM 1463 O  O   . HOH D 4 .   ? -1.412  -11.711 -5.471  1.00 41.42 ? 1005 HOH A O   1 
HETATM 1464 O  O   . HOH D 4 .   ? -16.875 7.818   26.688  1.00 47.25 ? 1006 HOH A O   1 
HETATM 1465 O  O   . HOH D 4 .   ? 6.785   4.937   1.892   1.00 45.62 ? 1007 HOH A O   1 
HETATM 1466 O  O   . HOH D 4 .   ? -25.914 9.174   10.115  1.00 38.96 ? 1008 HOH A O   1 
HETATM 1467 O  O   . HOH D 4 .   ? -24.466 9.214   7.979   1.00 45.63 ? 1009 HOH A O   1 
HETATM 1468 O  O   . HOH D 4 .   ? -0.854  -7.138  2.225   1.00 41.05 ? 1010 HOH A O   1 
HETATM 1469 O  O   . HOH D 4 .   ? 34.754  -4.269  -10.074 1.00 51.08 ? 1011 HOH A O   1 
HETATM 1470 O  O   . HOH D 4 .   ? 18.294  -7.238  -0.744  1.00 37.41 ? 1012 HOH A O   1 
HETATM 1471 O  O   . HOH D 4 .   ? -18.724 11.272  32.428  1.00 41.60 ? 1013 HOH A O   1 
HETATM 1472 O  O   . HOH D 4 .   ? 26.469  -16.891 -23.908 1.00 27.56 ? 1014 HOH A O   1 
HETATM 1473 O  O   . HOH D 4 .   ? -9.294  -0.215  14.931  1.00 39.91 ? 1015 HOH A O   1 
HETATM 1474 O  O   . HOH D 4 .   ? 1.529   -7.722  1.155   1.00 35.87 ? 1016 HOH A O   1 
HETATM 1475 O  O   . HOH D 4 .   ? -3.096  -7.147  6.415   1.00 42.98 ? 1017 HOH A O   1 
HETATM 1476 O  O   . HOH D 4 .   ? 15.433  10.611  -25.441 1.00 37.32 ? 1018 HOH A O   1 
HETATM 1477 O  O   . HOH D 4 .   ? 19.087  10.540  -23.682 1.00 36.56 ? 1019 HOH A O   1 
HETATM 1478 O  O   . HOH D 4 .   ? 13.062  7.711   -12.777 1.00 42.54 ? 1020 HOH A O   1 
HETATM 1479 O  O   . HOH D 4 .   ? 17.254  -4.890  -0.058  1.00 38.23 ? 1021 HOH A O   1 
HETATM 1480 O  O   . HOH D 4 .   ? 29.031  -13.280 -23.917 1.00 41.17 ? 1022 HOH A O   1 
HETATM 1481 O  O   . HOH D 4 .   ? 15.928  -8.919  -0.758  1.00 38.21 ? 1023 HOH A O   1 
HETATM 1482 O  O   . HOH D 4 .   ? 24.462  -6.889  -25.921 1.00 39.37 ? 1024 HOH A O   1 
HETATM 1483 O  O   . HOH D 4 .   ? -27.295 -5.159  13.362  1.00 45.75 ? 1025 HOH A O   1 
HETATM 1484 O  O   . HOH D 4 .   ? -30.001 -1.001  10.664  1.00 38.71 ? 1026 HOH A O   1 
HETATM 1485 O  O   . HOH D 4 .   ? 29.155  -8.848  -26.026 1.00 38.64 ? 1027 HOH A O   1 
HETATM 1486 O  O   . HOH D 4 .   ? 26.702  -2.997  -4.168  1.00 39.14 ? 1028 HOH A O   1 
HETATM 1487 O  O   . HOH D 4 .   ? 29.075  0.172   -27.829 1.00 35.16 ? 1029 HOH A O   1 
HETATM 1488 O  O   . HOH D 4 .   ? -24.052 16.263  33.452  1.00 47.72 ? 1030 HOH A O   1 
HETATM 1489 O  O   . HOH D 4 .   ? 27.266  -13.083 -26.607 1.00 45.32 ? 1031 HOH A O   1 
HETATM 1490 O  O   . HOH D 4 .   ? -8.255  -0.647  -13.976 1.00 41.55 ? 1032 HOH A O   1 
HETATM 1491 O  O   . HOH D 4 .   ? 21.971  -1.708  -1.779  1.00 40.98 ? 1033 HOH A O   1 
HETATM 1492 O  O   . HOH D 4 .   ? -28.405 7.332   28.558  1.00 42.35 ? 1034 HOH A O   1 
HETATM 1493 O  O   . HOH D 4 .   ? 26.718  -14.869 -11.246 1.00 44.11 ? 1035 HOH A O   1 
HETATM 1494 O  O   . HOH D 4 .   ? -25.972 14.480  32.272  1.00 44.68 ? 1036 HOH A O   1 
HETATM 1495 O  O   . HOH D 4 .   ? -10.025 -7.221  -0.823  1.00 37.27 ? 1037 HOH A O   1 
HETATM 1496 O  O   . HOH D 4 .   ? -0.265  -5.542  3.813   1.00 32.78 ? 1038 HOH A O   1 
HETATM 1497 O  O   . HOH D 4 .   ? -26.021 7.690   5.621   1.00 39.91 ? 1039 HOH A O   1 
HETATM 1498 O  O   . HOH D 4 .   ? -8.788  -6.994  8.637   1.00 33.49 ? 1040 HOH A O   1 
HETATM 1499 O  O   . HOH D 4 .   ? -6.933  -0.781  16.738  1.00 40.63 ? 1041 HOH A O   1 
HETATM 1500 O  O   . HOH D 4 .   ? -9.077  -2.369  16.044  1.00 33.69 ? 1042 HOH A O   1 
HETATM 1501 O  O   . HOH D 4 .   ? 15.173  -14.625 -16.673 1.00 36.44 ? 1043 HOH A O   1 
HETATM 1502 O  O   . HOH D 4 .   ? -5.328  7.418   15.200  1.00 48.10 ? 1044 HOH A O   1 
HETATM 1503 O  O   . HOH D 4 .   ? -30.949 1.336   13.425  1.00 47.50 ? 1045 HOH A O   1 
HETATM 1504 O  O   . HOH D 4 .   ? -36.101 5.964   20.845  1.00 46.70 ? 1046 HOH A O   1 
HETATM 1505 O  O   . HOH D 4 .   ? -23.911 6.351   1.458   1.00 41.16 ? 1047 HOH A O   1 
HETATM 1506 O  O   . HOH D 4 .   ? -11.902 -2.128  4.185   1.00 28.02 ? 1048 HOH A O   1 
HETATM 1507 O  O   . HOH D 4 .   ? -29.496 5.443   13.663  1.00 33.11 ? 1049 HOH A O   1 
HETATM 1508 O  O   . HOH D 4 .   ? 17.061  -7.675  -23.249 1.00 36.64 ? 1050 HOH A O   1 
HETATM 1509 O  O   . HOH D 4 .   ? 37.116  -0.501  -13.811 1.00 52.89 ? 1051 HOH A O   1 
HETATM 1510 O  O   . HOH D 4 .   ? 33.617  -0.162  -22.809 1.00 41.16 ? 1052 HOH A O   1 
HETATM 1511 O  O   . HOH D 4 .   ? 20.213  -13.169 -8.831  1.00 33.82 ? 1053 HOH A O   1 
HETATM 1512 O  O   . HOH D 4 .   ? 14.031  -13.682 -6.670  1.00 30.89 ? 1054 HOH A O   1 
HETATM 1513 O  O   . HOH D 4 .   ? -3.408  -10.004 -5.148  1.00 36.80 ? 1055 HOH A O   1 
HETATM 1514 O  O   . HOH D 4 .   ? -2.927  -8.930  2.064   1.00 54.71 ? 1056 HOH A O   1 
HETATM 1515 O  O   . HOH D 4 .   ? -2.646  -12.265 -0.190  1.00 47.06 ? 1057 HOH A O   1 
HETATM 1516 O  O   . HOH D 4 .   ? 19.230  -5.927  -4.296  1.00 38.98 ? 1058 HOH A O   1 
HETATM 1517 O  O   . HOH D 4 .   ? 29.341  -2.534  -6.802  1.00 40.14 ? 1059 HOH A O   1 
HETATM 1518 O  O   . HOH D 4 .   ? 30.543  -8.629  -10.485 1.00 39.12 ? 1060 HOH A O   1 
HETATM 1519 O  O   . HOH D 4 .   ? 36.969  -4.712  -11.322 1.00 43.91 ? 1061 HOH A O   1 
HETATM 1520 O  O   . HOH D 4 .   ? -12.774 2.908   -3.997  1.00 33.80 ? 1062 HOH A O   1 
HETATM 1521 O  O   . HOH D 4 .   ? -34.669 5.161   25.585  1.00 50.29 ? 1063 HOH A O   1 
HETATM 1522 O  O   . HOH D 4 .   ? 1.006   -10.366 0.620   1.00 46.13 ? 1064 HOH A O   1 
HETATM 1523 O  O   . HOH D 4 .   ? -6.252  9.856   1.530   1.00 34.80 ? 1065 HOH A O   1 
HETATM 1524 O  O   . HOH D 4 .   ? 36.226  1.920   -16.767 1.00 41.55 ? 1066 HOH A O   1 
HETATM 1525 O  O   . HOH D 4 .   ? -10.282 -4.012  5.332   1.00 35.18 ? 1067 HOH A O   1 
# 
loop_
_pdbx_poly_seq_scheme.asym_id 
_pdbx_poly_seq_scheme.entity_id 
_pdbx_poly_seq_scheme.seq_id 
_pdbx_poly_seq_scheme.mon_id 
_pdbx_poly_seq_scheme.ndb_seq_num 
_pdbx_poly_seq_scheme.pdb_seq_num 
_pdbx_poly_seq_scheme.auth_seq_num 
_pdbx_poly_seq_scheme.pdb_mon_id 
_pdbx_poly_seq_scheme.auth_mon_id 
_pdbx_poly_seq_scheme.pdb_strand_id 
_pdbx_poly_seq_scheme.pdb_ins_code 
_pdbx_poly_seq_scheme.hetero 
A 1 1   MET 1   460 ?   ?   ?   A . n 
A 1 2   GLY 2   461 ?   ?   ?   A . n 
A 1 3   SER 3   462 ?   ?   ?   A . n 
A 1 4   SER 4   463 ?   ?   ?   A . n 
A 1 5   HIS 5   464 ?   ?   ?   A . n 
A 1 6   HIS 6   465 ?   ?   ?   A . n 
A 1 7   HIS 7   466 ?   ?   ?   A . n 
A 1 8   HIS 8   467 ?   ?   ?   A . n 
A 1 9   HIS 9   468 ?   ?   ?   A . n 
A 1 10  HIS 10  469 ?   ?   ?   A . n 
A 1 11  SER 11  470 ?   ?   ?   A . n 
A 1 12  SER 12  471 ?   ?   ?   A . n 
A 1 13  GLY 13  472 ?   ?   ?   A . n 
A 1 14  LEU 14  473 ?   ?   ?   A . n 
A 1 15  VAL 15  474 ?   ?   ?   A . n 
A 1 16  PRO 16  475 ?   ?   ?   A . n 
A 1 17  ARG 17  476 ?   ?   ?   A . n 
A 1 18  GLY 18  477 ?   ?   ?   A . n 
A 1 19  SER 19  478 ?   ?   ?   A . n 
A 1 20  HIS 20  479 ?   ?   ?   A . n 
A 1 21  MET 21  480 ?   ?   ?   A . n 
A 1 22  ALA 22  481 ?   ?   ?   A . n 
A 1 23  SER 23  482 ?   ?   ?   A . n 
A 1 24  MET 24  483 ?   ?   ?   A . n 
A 1 25  THR 25  484 ?   ?   ?   A . n 
A 1 26  GLY 26  485 ?   ?   ?   A . n 
A 1 27  GLY 27  486 ?   ?   ?   A . n 
A 1 28  GLN 28  487 ?   ?   ?   A . n 
A 1 29  GLN 29  488 ?   ?   ?   A . n 
A 1 30  MET 30  489 ?   ?   ?   A . n 
A 1 31  GLY 31  490 ?   ?   ?   A . n 
A 1 32  ARG 32  491 ?   ?   ?   A . n 
A 1 33  GLY 33  492 ?   ?   ?   A . n 
A 1 34  SER 34  493 ?   ?   ?   A . n 
A 1 35  SER 35  494 ?   ?   ?   A . n 
A 1 36  ALA 36  495 495 ALA ALA A . n 
A 1 37  VAL 37  496 496 VAL VAL A . n 
A 1 38  THR 38  497 497 THR THR A . n 
A 1 39  GLN 39  498 498 GLN GLN A . n 
A 1 40  VAL 40  499 499 VAL VAL A . n 
A 1 41  ARG 41  500 500 ARG ARG A . n 
A 1 42  TYR 42  501 501 TYR TYR A . n 
A 1 43  VAL 43  502 502 VAL VAL A . n 
A 1 44  ASP 44  503 503 ASP ASP A . n 
A 1 45  VAL 45  504 504 VAL VAL A . n 
A 1 46  THR 46  505 505 THR THR A . n 
A 1 47  THR 47  506 506 THR THR A . n 
A 1 48  GLY 48  507 507 GLY GLY A . n 
A 1 49  LYS 49  508 508 LYS LYS A . n 
A 1 50  ASP 50  509 509 ASP ASP A . n 
A 1 51  ILE 51  510 510 ILE ILE A . n 
A 1 52  ILE 52  511 511 ILE ILE A . n 
A 1 53  PRO 53  512 512 PRO PRO A . n 
A 1 54  PRO 54  513 513 PRO PRO A . n 
A 1 55  LYS 55  514 514 LYS LYS A . n 
A 1 56  THR 56  515 515 THR THR A . n 
A 1 57  TYR 57  516 516 TYR TYR A . n 
A 1 58  SER 58  517 517 SER SER A . n 
A 1 59  GLY 59  518 518 GLY GLY A . n 
A 1 60  ASN 60  519 519 ASN ASN A . n 
A 1 61  VAL 61  520 520 VAL VAL A . n 
A 1 62  ASP 62  521 521 ASP ASP A . n 
A 1 63  GLN 63  522 522 GLN GLN A . n 
A 1 64  VAL 64  523 523 VAL VAL A . n 
A 1 65  VAL 65  524 524 VAL VAL A . n 
A 1 66  THR 66  525 525 THR THR A . n 
A 1 67  ILE 67  526 526 ILE ILE A . n 
A 1 68  ASP 68  527 527 ASP ASP A . n 
A 1 69  ASN 69  528 528 ASN ASN A . n 
A 1 70  GLN 70  529 529 GLN GLN A . n 
A 1 71  GLN 71  530 530 GLN GLN A . n 
A 1 72  SER 72  531 531 SER SER A . n 
A 1 73  ALA 73  532 532 ALA ALA A . n 
A 1 74  LEU 74  533 533 LEU LEU A . n 
A 1 75  THR 75  534 534 THR THR A . n 
A 1 76  ALA 76  535 535 ALA ALA A . n 
A 1 77  LYS 77  536 536 LYS LYS A . n 
A 1 78  GLY 78  537 537 GLY GLY A . n 
A 1 79  TYR 79  538 538 TYR TYR A . n 
A 1 80  ASN 80  539 539 ASN ASN A . n 
A 1 81  TYR 81  540 540 TYR TYR A . n 
A 1 82  THR 82  541 541 THR THR A . n 
A 1 83  SER 83  542 542 SER SER A . n 
A 1 84  VAL 84  543 543 VAL VAL A . n 
A 1 85  ASP 85  544 544 ASP ASP A . n 
A 1 86  SER 86  545 545 SER SER A . n 
A 1 87  SER 87  546 546 SER SER A . n 
A 1 88  TYR 88  547 547 TYR TYR A . n 
A 1 89  ALA 89  548 548 ALA ALA A . n 
A 1 90  SER 90  549 549 SER SER A . n 
A 1 91  THR 91  550 550 THR THR A . n 
A 1 92  TYR 92  551 551 TYR TYR A . n 
A 1 93  ASN 93  552 552 ASN ASN A . n 
A 1 94  ASP 94  553 553 ASP ASP A . n 
A 1 95  THR 95  554 554 THR THR A . n 
A 1 96  ASN 96  555 555 ASN ASN A . n 
A 1 97  LYS 97  556 556 LYS LYS A . n 
A 1 98  THR 98  557 557 THR THR A . n 
A 1 99  VAL 99  558 558 VAL VAL A . n 
A 1 100 LYS 100 559 559 LYS LYS A . n 
A 1 101 MET 101 560 560 MET MET A . n 
A 1 102 THR 102 561 561 THR THR A . n 
A 1 103 ASN 103 562 562 ASN ASN A . n 
A 1 104 ALA 104 563 563 ALA ALA A . n 
A 1 105 GLY 105 564 564 GLY GLY A . n 
A 1 106 GLN 106 565 565 GLN GLN A . n 
A 1 107 SER 107 566 566 SER SER A . n 
A 1 108 VAL 108 567 567 VAL VAL A . n 
A 1 109 THR 109 568 568 THR THR A . n 
A 1 110 TYR 110 569 569 TYR TYR A . n 
A 1 111 TYR 111 570 570 TYR TYR A . n 
A 1 112 PHE 112 571 571 PHE PHE A . n 
A 1 113 THR 113 572 572 THR THR A . n 
A 1 114 ASP 114 573 573 ASP ASP A . n 
A 1 115 VAL 115 574 574 VAL VAL A . n 
A 1 116 LYS 116 575 575 LYS LYS A . n 
A 1 117 ALA 117 576 576 ALA ALA A . n 
A 1 118 PRO 118 577 577 PRO PRO A . n 
A 1 119 THR 119 578 578 THR THR A . n 
A 1 120 VAL 120 579 579 VAL VAL A . n 
A 1 121 THR 121 580 580 THR THR A . n 
A 1 122 VAL 122 581 581 VAL VAL A . n 
A 1 123 GLY 123 582 582 GLY GLY A . n 
A 1 124 ASN 124 583 583 ASN ASN A . n 
A 1 125 GLN 125 584 584 GLN GLN A . n 
A 1 126 THR 126 585 585 THR THR A . n 
A 1 127 ILE 127 586 586 ILE ILE A . n 
A 1 128 GLU 128 587 587 GLU GLU A . n 
A 1 129 VAL 129 588 588 VAL VAL A . n 
A 1 130 GLY 130 589 589 GLY GLY A . n 
A 1 131 LYS 131 590 590 LYS LYS A . n 
A 1 132 THR 132 591 591 THR THR A . n 
A 1 133 MET 133 592 592 MET MET A . n 
A 1 134 ASN 134 593 593 ASN ASN A . n 
A 1 135 PRO 135 594 594 PRO PRO A . n 
A 1 136 ILE 136 595 595 ILE ILE A . n 
A 1 137 VAL 137 596 596 VAL VAL A . n 
A 1 138 LEU 138 597 597 LEU LEU A . n 
A 1 139 THR 139 598 598 THR THR A . n 
A 1 140 THR 140 599 599 THR THR A . n 
A 1 141 THR 141 600 600 THR THR A . n 
A 1 142 ASP 142 601 601 ASP ASP A . n 
A 1 143 ASN 143 602 602 ASN ASN A . n 
A 1 144 GLY 144 603 603 GLY GLY A . n 
A 1 145 THR 145 604 604 THR THR A . n 
A 1 146 GLY 146 605 605 GLY GLY A . n 
A 1 147 THR 147 606 606 THR THR A . n 
A 1 148 VAL 148 607 607 VAL VAL A . n 
A 1 149 THR 149 608 608 THR THR A . n 
A 1 150 ASN 150 609 609 ASN ASN A . n 
A 1 151 THR 151 610 610 THR THR A . n 
A 1 152 VAL 152 611 611 VAL VAL A . n 
A 1 153 THR 153 612 612 THR THR A . n 
A 1 154 GLY 154 613 613 GLY GLY A . n 
A 1 155 LEU 155 614 614 LEU LEU A . n 
A 1 156 PRO 156 615 615 PRO PRO A . n 
A 1 157 SER 157 616 616 SER SER A . n 
A 1 158 GLY 158 617 617 GLY GLY A . n 
A 1 159 LEU 159 618 618 LEU LEU A . n 
A 1 160 SER 160 619 619 SER SER A . n 
A 1 161 TYR 161 620 620 TYR TYR A . n 
A 1 162 ASP 162 621 621 ASP ASP A . n 
A 1 163 SER 163 622 622 SER SER A . n 
A 1 164 ALA 164 623 623 ALA ALA A . n 
A 1 165 THR 165 624 624 THR THR A . n 
A 1 166 ASN 166 625 625 ASN ASN A . n 
A 1 167 SER 167 626 626 SER SER A . n 
A 1 168 ILE 168 627 627 ILE ILE A . n 
A 1 169 ILE 169 628 628 ILE ILE A . n 
A 1 170 GLY 170 629 629 GLY GLY A . n 
A 1 171 THR 171 630 630 THR THR A . n 
A 1 172 PRO 172 631 631 PRO PRO A . n 
A 1 173 THR 173 632 632 THR THR A . n 
A 1 174 LYS 174 633 633 LYS LYS A . n 
A 1 175 ILE 175 634 634 ILE ILE A . n 
A 1 176 GLY 176 635 635 GLY GLY A . n 
A 1 177 GLN 177 636 636 GLN GLN A . n 
A 1 178 SER 178 637 637 SER SER A . n 
A 1 179 THR 179 638 638 THR THR A . n 
A 1 180 VAL 180 639 639 VAL VAL A . n 
A 1 181 THR 181 640 640 THR THR A . n 
A 1 182 VAL 182 641 641 VAL VAL A . n 
A 1 183 VAL 183 642 642 VAL VAL A . n 
A 1 184 SER 184 643 643 SER SER A . n 
A 1 185 THR 185 644 644 THR THR A . n 
A 1 186 ASP 186 645 645 ASP ASP A . n 
A 1 187 GLN 187 646 646 GLN GLN A . n 
A 1 188 ALA 188 647 647 ALA ALA A . n 
A 1 189 ASN 189 648 648 ASN ASN A . n 
A 1 190 ASN 190 649 649 ASN ASN A . n 
A 1 191 LYS 191 650 650 LYS LYS A . n 
A 1 192 SER 192 651 651 SER SER A . n 
A 1 193 THR 193 652 652 THR THR A . n 
A 1 194 THR 194 653 653 THR THR A . n 
A 1 195 THR 195 654 654 THR THR A . n 
A 1 196 PHE 196 655 655 PHE PHE A . n 
A 1 197 THR 197 656 656 THR THR A . n 
A 1 198 ILE 198 657 657 ILE ILE A . n 
A 1 199 ASN 199 658 658 ASN ASN A . n 
A 1 200 VAL 200 659 659 VAL VAL A . n 
A 1 201 VAL 201 660 660 VAL VAL A . n 
A 1 202 ASP 202 661 661 ASP ASP A . n 
A 1 203 THR 203 662 662 THR THR A . n 
A 1 204 THR 204 663 663 THR THR A . n 
# 
loop_
_pdbx_nonpoly_scheme.asym_id 
_pdbx_nonpoly_scheme.entity_id 
_pdbx_nonpoly_scheme.mon_id 
_pdbx_nonpoly_scheme.ndb_seq_num 
_pdbx_nonpoly_scheme.pdb_seq_num 
_pdbx_nonpoly_scheme.auth_seq_num 
_pdbx_nonpoly_scheme.pdb_mon_id 
_pdbx_nonpoly_scheme.auth_mon_id 
_pdbx_nonpoly_scheme.pdb_strand_id 
_pdbx_nonpoly_scheme.pdb_ins_code 
B 2 CA  1   701  1   CA  CA  A . 
C 3 GOL 1   702  1   GOL GOL A . 
D 4 HOH 1   801  1   HOH HOH A . 
D 4 HOH 2   802  2   HOH HOH A . 
D 4 HOH 3   803  3   HOH HOH A . 
D 4 HOH 4   804  4   HOH HOH A . 
D 4 HOH 5   805  5   HOH HOH A . 
D 4 HOH 6   806  6   HOH HOH A . 
D 4 HOH 7   807  7   HOH HOH A . 
D 4 HOH 8   808  8   HOH HOH A . 
D 4 HOH 9   809  9   HOH HOH A . 
D 4 HOH 10  810  10  HOH HOH A . 
D 4 HOH 11  811  11  HOH HOH A . 
D 4 HOH 12  812  12  HOH HOH A . 
D 4 HOH 13  813  13  HOH HOH A . 
D 4 HOH 14  814  14  HOH HOH A . 
D 4 HOH 15  815  15  HOH HOH A . 
D 4 HOH 16  816  16  HOH HOH A . 
D 4 HOH 17  817  17  HOH HOH A . 
D 4 HOH 18  818  18  HOH HOH A . 
D 4 HOH 19  819  19  HOH HOH A . 
D 4 HOH 20  820  20  HOH HOH A . 
D 4 HOH 21  821  21  HOH HOH A . 
D 4 HOH 22  822  22  HOH HOH A . 
D 4 HOH 23  823  23  HOH HOH A . 
D 4 HOH 24  824  24  HOH HOH A . 
D 4 HOH 25  825  25  HOH HOH A . 
D 4 HOH 26  826  26  HOH HOH A . 
D 4 HOH 27  827  27  HOH HOH A . 
D 4 HOH 28  828  28  HOH HOH A . 
D 4 HOH 29  829  29  HOH HOH A . 
D 4 HOH 30  830  30  HOH HOH A . 
D 4 HOH 31  831  31  HOH HOH A . 
D 4 HOH 32  832  32  HOH HOH A . 
D 4 HOH 33  833  33  HOH HOH A . 
D 4 HOH 34  834  34  HOH HOH A . 
D 4 HOH 35  835  35  HOH HOH A . 
D 4 HOH 36  836  36  HOH HOH A . 
D 4 HOH 37  837  37  HOH HOH A . 
D 4 HOH 38  838  38  HOH HOH A . 
D 4 HOH 39  839  39  HOH HOH A . 
D 4 HOH 40  840  40  HOH HOH A . 
D 4 HOH 41  841  41  HOH HOH A . 
D 4 HOH 42  842  42  HOH HOH A . 
D 4 HOH 43  843  43  HOH HOH A . 
D 4 HOH 44  844  44  HOH HOH A . 
D 4 HOH 45  845  45  HOH HOH A . 
D 4 HOH 46  846  46  HOH HOH A . 
D 4 HOH 47  847  47  HOH HOH A . 
D 4 HOH 48  848  48  HOH HOH A . 
D 4 HOH 49  849  49  HOH HOH A . 
D 4 HOH 50  850  50  HOH HOH A . 
D 4 HOH 51  851  51  HOH HOH A . 
D 4 HOH 52  852  52  HOH HOH A . 
D 4 HOH 53  853  53  HOH HOH A . 
D 4 HOH 54  854  54  HOH HOH A . 
D 4 HOH 55  855  55  HOH HOH A . 
D 4 HOH 56  856  56  HOH HOH A . 
D 4 HOH 57  857  57  HOH HOH A . 
D 4 HOH 58  858  58  HOH HOH A . 
D 4 HOH 59  859  59  HOH HOH A . 
D 4 HOH 60  860  60  HOH HOH A . 
D 4 HOH 61  861  61  HOH HOH A . 
D 4 HOH 62  862  62  HOH HOH A . 
D 4 HOH 63  863  63  HOH HOH A . 
D 4 HOH 64  864  64  HOH HOH A . 
D 4 HOH 65  865  65  HOH HOH A . 
D 4 HOH 66  866  66  HOH HOH A . 
D 4 HOH 67  867  67  HOH HOH A . 
D 4 HOH 68  868  68  HOH HOH A . 
D 4 HOH 69  869  69  HOH HOH A . 
D 4 HOH 70  870  70  HOH HOH A . 
D 4 HOH 71  871  71  HOH HOH A . 
D 4 HOH 72  872  72  HOH HOH A . 
D 4 HOH 73  873  73  HOH HOH A . 
D 4 HOH 74  874  74  HOH HOH A . 
D 4 HOH 75  875  75  HOH HOH A . 
D 4 HOH 76  876  76  HOH HOH A . 
D 4 HOH 77  877  77  HOH HOH A . 
D 4 HOH 78  878  78  HOH HOH A . 
D 4 HOH 79  879  79  HOH HOH A . 
D 4 HOH 80  880  80  HOH HOH A . 
D 4 HOH 81  881  81  HOH HOH A . 
D 4 HOH 82  882  82  HOH HOH A . 
D 4 HOH 83  883  83  HOH HOH A . 
D 4 HOH 84  884  84  HOH HOH A . 
D 4 HOH 85  885  85  HOH HOH A . 
D 4 HOH 86  886  86  HOH HOH A . 
D 4 HOH 87  887  87  HOH HOH A . 
D 4 HOH 88  888  88  HOH HOH A . 
D 4 HOH 89  889  89  HOH HOH A . 
D 4 HOH 90  890  90  HOH HOH A . 
D 4 HOH 91  891  91  HOH HOH A . 
D 4 HOH 92  892  92  HOH HOH A . 
D 4 HOH 93  893  93  HOH HOH A . 
D 4 HOH 94  894  94  HOH HOH A . 
D 4 HOH 95  895  95  HOH HOH A . 
D 4 HOH 96  896  96  HOH HOH A . 
D 4 HOH 97  897  97  HOH HOH A . 
D 4 HOH 98  898  98  HOH HOH A . 
D 4 HOH 99  899  99  HOH HOH A . 
D 4 HOH 100 900  100 HOH HOH A . 
D 4 HOH 101 901  101 HOH HOH A . 
D 4 HOH 102 902  102 HOH HOH A . 
D 4 HOH 103 903  103 HOH HOH A . 
D 4 HOH 104 904  104 HOH HOH A . 
D 4 HOH 105 905  105 HOH HOH A . 
D 4 HOH 106 906  106 HOH HOH A . 
D 4 HOH 107 907  107 HOH HOH A . 
D 4 HOH 108 908  108 HOH HOH A . 
D 4 HOH 109 909  109 HOH HOH A . 
D 4 HOH 110 910  110 HOH HOH A . 
D 4 HOH 111 911  111 HOH HOH A . 
D 4 HOH 112 912  112 HOH HOH A . 
D 4 HOH 113 913  113 HOH HOH A . 
D 4 HOH 114 914  114 HOH HOH A . 
D 4 HOH 115 915  115 HOH HOH A . 
D 4 HOH 116 916  116 HOH HOH A . 
D 4 HOH 117 917  117 HOH HOH A . 
D 4 HOH 118 918  118 HOH HOH A . 
D 4 HOH 119 919  119 HOH HOH A . 
D 4 HOH 120 920  120 HOH HOH A . 
D 4 HOH 121 921  121 HOH HOH A . 
D 4 HOH 122 922  122 HOH HOH A . 
D 4 HOH 123 923  123 HOH HOH A . 
D 4 HOH 124 924  124 HOH HOH A . 
D 4 HOH 125 925  125 HOH HOH A . 
D 4 HOH 126 926  126 HOH HOH A . 
D 4 HOH 127 927  127 HOH HOH A . 
D 4 HOH 128 928  128 HOH HOH A . 
D 4 HOH 129 929  129 HOH HOH A . 
D 4 HOH 130 930  130 HOH HOH A . 
D 4 HOH 131 931  131 HOH HOH A . 
D 4 HOH 132 932  132 HOH HOH A . 
D 4 HOH 133 933  133 HOH HOH A . 
D 4 HOH 134 934  134 HOH HOH A . 
D 4 HOH 135 935  135 HOH HOH A . 
D 4 HOH 136 936  136 HOH HOH A . 
D 4 HOH 137 937  137 HOH HOH A . 
D 4 HOH 138 938  138 HOH HOH A . 
D 4 HOH 139 939  139 HOH HOH A . 
D 4 HOH 140 940  140 HOH HOH A . 
D 4 HOH 141 941  141 HOH HOH A . 
D 4 HOH 142 942  142 HOH HOH A . 
D 4 HOH 143 943  143 HOH HOH A . 
D 4 HOH 144 944  144 HOH HOH A . 
D 4 HOH 145 945  145 HOH HOH A . 
D 4 HOH 146 946  146 HOH HOH A . 
D 4 HOH 147 947  147 HOH HOH A . 
D 4 HOH 148 948  148 HOH HOH A . 
D 4 HOH 149 949  149 HOH HOH A . 
D 4 HOH 150 950  150 HOH HOH A . 
D 4 HOH 151 951  151 HOH HOH A . 
D 4 HOH 152 952  152 HOH HOH A . 
D 4 HOH 153 953  153 HOH HOH A . 
D 4 HOH 154 954  154 HOH HOH A . 
D 4 HOH 155 955  155 HOH HOH A . 
D 4 HOH 156 956  156 HOH HOH A . 
D 4 HOH 157 957  157 HOH HOH A . 
D 4 HOH 158 958  158 HOH HOH A . 
D 4 HOH 159 959  159 HOH HOH A . 
D 4 HOH 160 960  160 HOH HOH A . 
D 4 HOH 161 961  161 HOH HOH A . 
D 4 HOH 162 962  162 HOH HOH A . 
D 4 HOH 163 963  163 HOH HOH A . 
D 4 HOH 164 964  164 HOH HOH A . 
D 4 HOH 165 965  165 HOH HOH A . 
D 4 HOH 166 966  166 HOH HOH A . 
D 4 HOH 167 967  167 HOH HOH A . 
D 4 HOH 168 968  168 HOH HOH A . 
D 4 HOH 169 969  169 HOH HOH A . 
D 4 HOH 170 970  170 HOH HOH A . 
D 4 HOH 171 971  171 HOH HOH A . 
D 4 HOH 172 972  172 HOH HOH A . 
D 4 HOH 173 973  173 HOH HOH A . 
D 4 HOH 174 974  174 HOH HOH A . 
D 4 HOH 175 975  175 HOH HOH A . 
D 4 HOH 176 976  176 HOH HOH A . 
D 4 HOH 177 977  177 HOH HOH A . 
D 4 HOH 178 978  178 HOH HOH A . 
D 4 HOH 179 979  179 HOH HOH A . 
D 4 HOH 180 980  180 HOH HOH A . 
D 4 HOH 181 981  181 HOH HOH A . 
D 4 HOH 182 982  182 HOH HOH A . 
D 4 HOH 183 983  183 HOH HOH A . 
D 4 HOH 184 984  184 HOH HOH A . 
D 4 HOH 185 985  185 HOH HOH A . 
D 4 HOH 186 986  186 HOH HOH A . 
D 4 HOH 187 987  187 HOH HOH A . 
D 4 HOH 188 988  188 HOH HOH A . 
D 4 HOH 189 989  189 HOH HOH A . 
D 4 HOH 190 990  190 HOH HOH A . 
D 4 HOH 191 991  191 HOH HOH A . 
D 4 HOH 192 992  192 HOH HOH A . 
D 4 HOH 193 993  193 HOH HOH A . 
D 4 HOH 194 994  194 HOH HOH A . 
D 4 HOH 195 995  195 HOH HOH A . 
D 4 HOH 196 996  196 HOH HOH A . 
D 4 HOH 197 997  197 HOH HOH A . 
D 4 HOH 198 998  198 HOH HOH A . 
D 4 HOH 199 999  199 HOH HOH A . 
D 4 HOH 200 1000 200 HOH HOH A . 
D 4 HOH 201 1001 201 HOH HOH A . 
D 4 HOH 202 1002 202 HOH HOH A . 
D 4 HOH 203 1003 203 HOH HOH A . 
D 4 HOH 204 1004 204 HOH HOH A . 
D 4 HOH 205 1005 205 HOH HOH A . 
D 4 HOH 206 1006 206 HOH HOH A . 
D 4 HOH 207 1007 207 HOH HOH A . 
D 4 HOH 208 1008 208 HOH HOH A . 
D 4 HOH 209 1009 209 HOH HOH A . 
D 4 HOH 210 1010 210 HOH HOH A . 
D 4 HOH 211 1011 211 HOH HOH A . 
D 4 HOH 212 1012 212 HOH HOH A . 
D 4 HOH 213 1013 213 HOH HOH A . 
D 4 HOH 214 1014 214 HOH HOH A . 
D 4 HOH 215 1015 215 HOH HOH A . 
D 4 HOH 216 1016 216 HOH HOH A . 
D 4 HOH 217 1017 217 HOH HOH A . 
D 4 HOH 218 1018 218 HOH HOH A . 
D 4 HOH 219 1019 219 HOH HOH A . 
D 4 HOH 220 1020 220 HOH HOH A . 
D 4 HOH 221 1021 221 HOH HOH A . 
D 4 HOH 222 1022 222 HOH HOH A . 
D 4 HOH 223 1023 223 HOH HOH A . 
D 4 HOH 224 1024 224 HOH HOH A . 
D 4 HOH 225 1025 225 HOH HOH A . 
D 4 HOH 226 1026 226 HOH HOH A . 
D 4 HOH 227 1027 227 HOH HOH A . 
D 4 HOH 228 1028 228 HOH HOH A . 
D 4 HOH 229 1029 229 HOH HOH A . 
D 4 HOH 230 1030 230 HOH HOH A . 
D 4 HOH 231 1031 231 HOH HOH A . 
D 4 HOH 232 1032 232 HOH HOH A . 
D 4 HOH 233 1033 233 HOH HOH A . 
D 4 HOH 234 1034 234 HOH HOH A . 
D 4 HOH 235 1035 235 HOH HOH A . 
D 4 HOH 236 1036 236 HOH HOH A . 
D 4 HOH 237 1037 237 HOH HOH A . 
D 4 HOH 238 1038 238 HOH HOH A . 
D 4 HOH 239 1039 239 HOH HOH A . 
D 4 HOH 240 1040 240 HOH HOH A . 
D 4 HOH 241 1041 241 HOH HOH A . 
D 4 HOH 242 1042 242 HOH HOH A . 
D 4 HOH 243 1043 243 HOH HOH A . 
D 4 HOH 244 1044 244 HOH HOH A . 
D 4 HOH 245 1045 245 HOH HOH A . 
D 4 HOH 246 1046 246 HOH HOH A . 
D 4 HOH 247 1047 247 HOH HOH A . 
D 4 HOH 248 1048 248 HOH HOH A . 
D 4 HOH 249 1049 249 HOH HOH A . 
D 4 HOH 250 1050 250 HOH HOH A . 
D 4 HOH 251 1051 251 HOH HOH A . 
D 4 HOH 252 1052 252 HOH HOH A . 
D 4 HOH 253 1053 253 HOH HOH A . 
D 4 HOH 254 1054 254 HOH HOH A . 
D 4 HOH 255 1055 255 HOH HOH A . 
D 4 HOH 256 1056 256 HOH HOH A . 
D 4 HOH 257 1057 257 HOH HOH A . 
D 4 HOH 258 1058 258 HOH HOH A . 
D 4 HOH 259 1059 259 HOH HOH A . 
D 4 HOH 260 1060 260 HOH HOH A . 
D 4 HOH 261 1061 261 HOH HOH A . 
D 4 HOH 262 1062 262 HOH HOH A . 
D 4 HOH 263 1063 263 HOH HOH A . 
D 4 HOH 264 1064 264 HOH HOH A . 
D 4 HOH 265 1065 265 HOH HOH A . 
D 4 HOH 266 1066 266 HOH HOH A . 
D 4 HOH 267 1067 267 HOH HOH A . 
# 
_pdbx_struct_assembly.id                   1 
_pdbx_struct_assembly.details              author_and_software_defined_assembly 
_pdbx_struct_assembly.method_details       PISA 
_pdbx_struct_assembly.oligomeric_details   monomeric 
_pdbx_struct_assembly.oligomeric_count     1 
# 
_pdbx_struct_assembly_gen.assembly_id       1 
_pdbx_struct_assembly_gen.oper_expression   1 
_pdbx_struct_assembly_gen.asym_id_list      A,B,C,D 
# 
_pdbx_struct_oper_list.id                   1 
_pdbx_struct_oper_list.type                 'identity operation' 
_pdbx_struct_oper_list.name                 1_555 
_pdbx_struct_oper_list.symmetry_operation   x,y,z 
_pdbx_struct_oper_list.matrix[1][1]         1.0000000000 
_pdbx_struct_oper_list.matrix[1][2]         0.0000000000 
_pdbx_struct_oper_list.matrix[1][3]         0.0000000000 
_pdbx_struct_oper_list.vector[1]            0.0000000000 
_pdbx_struct_oper_list.matrix[2][1]         0.0000000000 
_pdbx_struct_oper_list.matrix[2][2]         1.0000000000 
_pdbx_struct_oper_list.matrix[2][3]         0.0000000000 
_pdbx_struct_oper_list.vector[2]            0.0000000000 
_pdbx_struct_oper_list.matrix[3][1]         0.0000000000 
_pdbx_struct_oper_list.matrix[3][2]         0.0000000000 
_pdbx_struct_oper_list.matrix[3][3]         1.0000000000 
_pdbx_struct_oper_list.vector[3]            0.0000000000 
# 
loop_
_pdbx_struct_conn_angle.id 
_pdbx_struct_conn_angle.ptnr1_label_atom_id 
_pdbx_struct_conn_angle.ptnr1_label_alt_id 
_pdbx_struct_conn_angle.ptnr1_label_asym_id 
_pdbx_struct_conn_angle.ptnr1_label_comp_id 
_pdbx_struct_conn_angle.ptnr1_label_seq_id 
_pdbx_struct_conn_angle.ptnr1_auth_atom_id 
_pdbx_struct_conn_angle.ptnr1_auth_asym_id 
_pdbx_struct_conn_angle.ptnr1_auth_comp_id 
_pdbx_struct_conn_angle.ptnr1_auth_seq_id 
_pdbx_struct_conn_angle.ptnr1_PDB_ins_code 
_pdbx_struct_conn_angle.ptnr1_symmetry 
_pdbx_struct_conn_angle.ptnr2_label_atom_id 
_pdbx_struct_conn_angle.ptnr2_label_alt_id 
_pdbx_struct_conn_angle.ptnr2_label_asym_id 
_pdbx_struct_conn_angle.ptnr2_label_comp_id 
_pdbx_struct_conn_angle.ptnr2_label_seq_id 
_pdbx_struct_conn_angle.ptnr2_auth_atom_id 
_pdbx_struct_conn_angle.ptnr2_auth_asym_id 
_pdbx_struct_conn_angle.ptnr2_auth_comp_id 
_pdbx_struct_conn_angle.ptnr2_auth_seq_id 
_pdbx_struct_conn_angle.ptnr2_PDB_ins_code 
_pdbx_struct_conn_angle.ptnr2_symmetry 
_pdbx_struct_conn_angle.ptnr3_label_atom_id 
_pdbx_struct_conn_angle.ptnr3_label_alt_id 
_pdbx_struct_conn_angle.ptnr3_label_asym_id 
_pdbx_struct_conn_angle.ptnr3_label_comp_id 
_pdbx_struct_conn_angle.ptnr3_label_seq_id 
_pdbx_struct_conn_angle.ptnr3_auth_atom_id 
_pdbx_struct_conn_angle.ptnr3_auth_asym_id 
_pdbx_struct_conn_angle.ptnr3_auth_comp_id 
_pdbx_struct_conn_angle.ptnr3_auth_seq_id 
_pdbx_struct_conn_angle.ptnr3_PDB_ins_code 
_pdbx_struct_conn_angle.ptnr3_symmetry 
_pdbx_struct_conn_angle.value 
_pdbx_struct_conn_angle.value_esd 
1  OD2 ? A ASP 114 ? A ASP 573 ? 1_555 CA ? B CA . ? A CA 701 ? 1_555 OD1 ? A ASP 114 ? A ASP 573 ? 1_555 52.8  ? 
2  OD2 ? A ASP 114 ? A ASP 573 ? 1_555 CA ? B CA . ? A CA 701 ? 1_555 O   ? A LYS 116 ? A LYS 575 ? 1_555 130.9 ? 
3  OD1 ? A ASP 114 ? A ASP 573 ? 1_555 CA ? B CA . ? A CA 701 ? 1_555 O   ? A LYS 116 ? A LYS 575 ? 1_555 82.2  ? 
4  OD2 ? A ASP 114 ? A ASP 573 ? 1_555 CA ? B CA . ? A CA 701 ? 1_555 OD1 ? A ASP 142 ? A ASP 601 ? 1_555 137.6 ? 
5  OD1 ? A ASP 114 ? A ASP 573 ? 1_555 CA ? B CA . ? A CA 701 ? 1_555 OD1 ? A ASP 142 ? A ASP 601 ? 1_555 162.4 ? 
6  O   ? A LYS 116 ? A LYS 575 ? 1_555 CA ? B CA . ? A CA 701 ? 1_555 OD1 ? A ASP 142 ? A ASP 601 ? 1_555 91.2  ? 
7  OD2 ? A ASP 114 ? A ASP 573 ? 1_555 CA ? B CA . ? A CA 701 ? 1_555 OD2 ? A ASP 142 ? A ASP 601 ? 1_555 85.4  ? 
8  OD1 ? A ASP 114 ? A ASP 573 ? 1_555 CA ? B CA . ? A CA 701 ? 1_555 OD2 ? A ASP 142 ? A ASP 601 ? 1_555 132.5 ? 
9  O   ? A LYS 116 ? A LYS 575 ? 1_555 CA ? B CA . ? A CA 701 ? 1_555 OD2 ? A ASP 142 ? A ASP 601 ? 1_555 143.6 ? 
10 OD1 ? A ASP 142 ? A ASP 601 ? 1_555 CA ? B CA . ? A CA 701 ? 1_555 OD2 ? A ASP 142 ? A ASP 601 ? 1_555 52.4  ? 
11 OD2 ? A ASP 114 ? A ASP 573 ? 1_555 CA ? B CA . ? A CA 701 ? 1_555 OD1 ? A ASN 143 ? A ASN 602 ? 1_555 97.3  ? 
12 OD1 ? A ASP 114 ? A ASP 573 ? 1_555 CA ? B CA . ? A CA 701 ? 1_555 OD1 ? A ASN 143 ? A ASN 602 ? 1_555 78.6  ? 
13 O   ? A LYS 116 ? A LYS 575 ? 1_555 CA ? B CA . ? A CA 701 ? 1_555 OD1 ? A ASN 143 ? A ASN 602 ? 1_555 91.1  ? 
14 OD1 ? A ASP 142 ? A ASP 601 ? 1_555 CA ? B CA . ? A CA 701 ? 1_555 OD1 ? A ASN 143 ? A ASN 602 ? 1_555 85.3  ? 
15 OD2 ? A ASP 142 ? A ASP 601 ? 1_555 CA ? B CA . ? A CA 701 ? 1_555 OD1 ? A ASN 143 ? A ASN 602 ? 1_555 86.9  ? 
16 OD2 ? A ASP 114 ? A ASP 573 ? 1_555 CA ? B CA . ? A CA 701 ? 1_555 OD2 ? A ASP 186 ? A ASP 645 ? 1_555 83.3  ? 
17 OD1 ? A ASP 114 ? A ASP 573 ? 1_555 CA ? B CA . ? A CA 701 ? 1_555 OD2 ? A ASP 186 ? A ASP 645 ? 1_555 97.5  ? 
18 O   ? A LYS 116 ? A LYS 575 ? 1_555 CA ? B CA . ? A CA 701 ? 1_555 OD2 ? A ASP 186 ? A ASP 645 ? 1_555 84.5  ? 
19 OD1 ? A ASP 142 ? A ASP 601 ? 1_555 CA ? B CA . ? A CA 701 ? 1_555 OD2 ? A ASP 186 ? A ASP 645 ? 1_555 98.0  ? 
20 OD2 ? A ASP 142 ? A ASP 601 ? 1_555 CA ? B CA . ? A CA 701 ? 1_555 OD2 ? A ASP 186 ? A ASP 645 ? 1_555 98.6  ? 
21 OD1 ? A ASN 143 ? A ASN 602 ? 1_555 CA ? B CA . ? A CA 701 ? 1_555 OD2 ? A ASP 186 ? A ASP 645 ? 1_555 174.5 ? 
# 
loop_
_pdbx_audit_revision_history.ordinal 
_pdbx_audit_revision_history.data_content_type 
_pdbx_audit_revision_history.major_revision 
_pdbx_audit_revision_history.minor_revision 
_pdbx_audit_revision_history.revision_date 
1 'Structure model' 1 0 2014-06-18 
2 'Structure model' 1 1 2023-11-08 
# 
_pdbx_audit_revision_details.ordinal             1 
_pdbx_audit_revision_details.revision_ordinal    1 
_pdbx_audit_revision_details.data_content_type   'Structure model' 
_pdbx_audit_revision_details.provider            repository 
_pdbx_audit_revision_details.type                'Initial release' 
_pdbx_audit_revision_details.description         ? 
_pdbx_audit_revision_details.details             ? 
# 
loop_
_pdbx_audit_revision_group.ordinal 
_pdbx_audit_revision_group.revision_ordinal 
_pdbx_audit_revision_group.data_content_type 
_pdbx_audit_revision_group.group 
1 2 'Structure model' 'Data collection'        
2 2 'Structure model' 'Database references'    
3 2 'Structure model' 'Derived calculations'   
4 2 'Structure model' 'Refinement description' 
# 
loop_
_pdbx_audit_revision_category.ordinal 
_pdbx_audit_revision_category.revision_ordinal 
_pdbx_audit_revision_category.data_content_type 
_pdbx_audit_revision_category.category 
1 2 'Structure model' chem_comp_atom                
2 2 'Structure model' chem_comp_bond                
3 2 'Structure model' database_2                    
4 2 'Structure model' pdbx_initial_refinement_model 
5 2 'Structure model' pdbx_struct_conn_angle        
6 2 'Structure model' struct_conn                   
7 2 'Structure model' struct_ref_seq_dif            
8 2 'Structure model' struct_site                   
# 
loop_
_pdbx_audit_revision_item.ordinal 
_pdbx_audit_revision_item.revision_ordinal 
_pdbx_audit_revision_item.data_content_type 
_pdbx_audit_revision_item.item 
1  2 'Structure model' '_database_2.pdbx_DOI'                        
2  2 'Structure model' '_database_2.pdbx_database_accession'         
3  2 'Structure model' '_pdbx_struct_conn_angle.ptnr1_auth_comp_id'  
4  2 'Structure model' '_pdbx_struct_conn_angle.ptnr1_auth_seq_id'   
5  2 'Structure model' '_pdbx_struct_conn_angle.ptnr1_label_atom_id' 
6  2 'Structure model' '_pdbx_struct_conn_angle.ptnr1_label_comp_id' 
7  2 'Structure model' '_pdbx_struct_conn_angle.ptnr1_label_seq_id'  
8  2 'Structure model' '_pdbx_struct_conn_angle.ptnr3_auth_comp_id'  
9  2 'Structure model' '_pdbx_struct_conn_angle.ptnr3_auth_seq_id'   
10 2 'Structure model' '_pdbx_struct_conn_angle.ptnr3_label_atom_id' 
11 2 'Structure model' '_pdbx_struct_conn_angle.ptnr3_label_comp_id' 
12 2 'Structure model' '_pdbx_struct_conn_angle.ptnr3_label_seq_id'  
13 2 'Structure model' '_pdbx_struct_conn_angle.value'               
14 2 'Structure model' '_struct_conn.pdbx_dist_value'                
15 2 'Structure model' '_struct_conn.ptnr1_auth_comp_id'             
16 2 'Structure model' '_struct_conn.ptnr1_auth_seq_id'              
17 2 'Structure model' '_struct_conn.ptnr1_label_atom_id'            
18 2 'Structure model' '_struct_conn.ptnr1_label_comp_id'            
19 2 'Structure model' '_struct_conn.ptnr1_label_seq_id'             
20 2 'Structure model' '_struct_ref_seq_dif.details'                 
21 2 'Structure model' '_struct_site.pdbx_auth_asym_id'              
22 2 'Structure model' '_struct_site.pdbx_auth_comp_id'              
23 2 'Structure model' '_struct_site.pdbx_auth_seq_id'               
# 
loop_
_software.name 
_software.classification 
_software.version 
_software.citation_id 
_software.pdbx_ordinal 
HKL-2000 'data collection' .        ? 1 
MOLREP   phasing           .        ? 2 
REFMAC   refinement        5.6.0117 ? 3 
HKL-2000 'data reduction'  .        ? 4 
SCALA    'data scaling'    .        ? 5 
# 
_pdbx_validate_torsion.id              1 
_pdbx_validate_torsion.PDB_model_num   1 
_pdbx_validate_torsion.auth_comp_id    ASP 
_pdbx_validate_torsion.auth_asym_id    A 
_pdbx_validate_torsion.auth_seq_id     521 
_pdbx_validate_torsion.PDB_ins_code    ? 
_pdbx_validate_torsion.label_alt_id    ? 
_pdbx_validate_torsion.phi             84.57 
_pdbx_validate_torsion.psi             -9.86 
# 
loop_
_pdbx_unobs_or_zero_occ_residues.id 
_pdbx_unobs_or_zero_occ_residues.PDB_model_num 
_pdbx_unobs_or_zero_occ_residues.polymer_flag 
_pdbx_unobs_or_zero_occ_residues.occupancy_flag 
_pdbx_unobs_or_zero_occ_residues.auth_asym_id 
_pdbx_unobs_or_zero_occ_residues.auth_comp_id 
_pdbx_unobs_or_zero_occ_residues.auth_seq_id 
_pdbx_unobs_or_zero_occ_residues.PDB_ins_code 
_pdbx_unobs_or_zero_occ_residues.label_asym_id 
_pdbx_unobs_or_zero_occ_residues.label_comp_id 
_pdbx_unobs_or_zero_occ_residues.label_seq_id 
1  1 Y 1 A MET 460 ? A MET 1  
2  1 Y 1 A GLY 461 ? A GLY 2  
3  1 Y 1 A SER 462 ? A SER 3  
4  1 Y 1 A SER 463 ? A SER 4  
5  1 Y 1 A HIS 464 ? A HIS 5  
6  1 Y 1 A HIS 465 ? A HIS 6  
7  1 Y 1 A HIS 466 ? A HIS 7  
8  1 Y 1 A HIS 467 ? A HIS 8  
9  1 Y 1 A HIS 468 ? A HIS 9  
10 1 Y 1 A HIS 469 ? A HIS 10 
11 1 Y 1 A SER 470 ? A SER 11 
12 1 Y 1 A SER 471 ? A SER 12 
13 1 Y 1 A GLY 472 ? A GLY 13 
14 1 Y 1 A LEU 473 ? A LEU 14 
15 1 Y 1 A VAL 474 ? A VAL 15 
16 1 Y 1 A PRO 475 ? A PRO 16 
17 1 Y 1 A ARG 476 ? A ARG 17 
18 1 Y 1 A GLY 477 ? A GLY 18 
19 1 Y 1 A SER 478 ? A SER 19 
20 1 Y 1 A HIS 479 ? A HIS 20 
21 1 Y 1 A MET 480 ? A MET 21 
22 1 Y 1 A ALA 481 ? A ALA 22 
23 1 Y 1 A SER 482 ? A SER 23 
24 1 Y 1 A MET 483 ? A MET 24 
25 1 Y 1 A THR 484 ? A THR 25 
26 1 Y 1 A GLY 485 ? A GLY 26 
27 1 Y 1 A GLY 486 ? A GLY 27 
28 1 Y 1 A GLN 487 ? A GLN 28 
29 1 Y 1 A GLN 488 ? A GLN 29 
30 1 Y 1 A MET 489 ? A MET 30 
31 1 Y 1 A GLY 490 ? A GLY 31 
32 1 Y 1 A ARG 491 ? A ARG 32 
33 1 Y 1 A GLY 492 ? A GLY 33 
34 1 Y 1 A SER 493 ? A SER 34 
35 1 Y 1 A SER 494 ? A SER 35 
# 
loop_
_chem_comp_atom.comp_id 
_chem_comp_atom.atom_id 
_chem_comp_atom.type_symbol 
_chem_comp_atom.pdbx_aromatic_flag 
_chem_comp_atom.pdbx_stereo_config 
_chem_comp_atom.pdbx_ordinal 
ALA N    N  N N 1   
ALA CA   C  N S 2   
ALA C    C  N N 3   
ALA O    O  N N 4   
ALA CB   C  N N 5   
ALA OXT  O  N N 6   
ALA H    H  N N 7   
ALA H2   H  N N 8   
ALA HA   H  N N 9   
ALA HB1  H  N N 10  
ALA HB2  H  N N 11  
ALA HB3  H  N N 12  
ALA HXT  H  N N 13  
ARG N    N  N N 14  
ARG CA   C  N S 15  
ARG C    C  N N 16  
ARG O    O  N N 17  
ARG CB   C  N N 18  
ARG CG   C  N N 19  
ARG CD   C  N N 20  
ARG NE   N  N N 21  
ARG CZ   C  N N 22  
ARG NH1  N  N N 23  
ARG NH2  N  N N 24  
ARG OXT  O  N N 25  
ARG H    H  N N 26  
ARG H2   H  N N 27  
ARG HA   H  N N 28  
ARG HB2  H  N N 29  
ARG HB3  H  N N 30  
ARG HG2  H  N N 31  
ARG HG3  H  N N 32  
ARG HD2  H  N N 33  
ARG HD3  H  N N 34  
ARG HE   H  N N 35  
ARG HH11 H  N N 36  
ARG HH12 H  N N 37  
ARG HH21 H  N N 38  
ARG HH22 H  N N 39  
ARG HXT  H  N N 40  
ASN N    N  N N 41  
ASN CA   C  N S 42  
ASN C    C  N N 43  
ASN O    O  N N 44  
ASN CB   C  N N 45  
ASN CG   C  N N 46  
ASN OD1  O  N N 47  
ASN ND2  N  N N 48  
ASN OXT  O  N N 49  
ASN H    H  N N 50  
ASN H2   H  N N 51  
ASN HA   H  N N 52  
ASN HB2  H  N N 53  
ASN HB3  H  N N 54  
ASN HD21 H  N N 55  
ASN HD22 H  N N 56  
ASN HXT  H  N N 57  
ASP N    N  N N 58  
ASP CA   C  N S 59  
ASP C    C  N N 60  
ASP O    O  N N 61  
ASP CB   C  N N 62  
ASP CG   C  N N 63  
ASP OD1  O  N N 64  
ASP OD2  O  N N 65  
ASP OXT  O  N N 66  
ASP H    H  N N 67  
ASP H2   H  N N 68  
ASP HA   H  N N 69  
ASP HB2  H  N N 70  
ASP HB3  H  N N 71  
ASP HD2  H  N N 72  
ASP HXT  H  N N 73  
CA  CA   CA N N 74  
GLN N    N  N N 75  
GLN CA   C  N S 76  
GLN C    C  N N 77  
GLN O    O  N N 78  
GLN CB   C  N N 79  
GLN CG   C  N N 80  
GLN CD   C  N N 81  
GLN OE1  O  N N 82  
GLN NE2  N  N N 83  
GLN OXT  O  N N 84  
GLN H    H  N N 85  
GLN H2   H  N N 86  
GLN HA   H  N N 87  
GLN HB2  H  N N 88  
GLN HB3  H  N N 89  
GLN HG2  H  N N 90  
GLN HG3  H  N N 91  
GLN HE21 H  N N 92  
GLN HE22 H  N N 93  
GLN HXT  H  N N 94  
GLU N    N  N N 95  
GLU CA   C  N S 96  
GLU C    C  N N 97  
GLU O    O  N N 98  
GLU CB   C  N N 99  
GLU CG   C  N N 100 
GLU CD   C  N N 101 
GLU OE1  O  N N 102 
GLU OE2  O  N N 103 
GLU OXT  O  N N 104 
GLU H    H  N N 105 
GLU H2   H  N N 106 
GLU HA   H  N N 107 
GLU HB2  H  N N 108 
GLU HB3  H  N N 109 
GLU HG2  H  N N 110 
GLU HG3  H  N N 111 
GLU HE2  H  N N 112 
GLU HXT  H  N N 113 
GLY N    N  N N 114 
GLY CA   C  N N 115 
GLY C    C  N N 116 
GLY O    O  N N 117 
GLY OXT  O  N N 118 
GLY H    H  N N 119 
GLY H2   H  N N 120 
GLY HA2  H  N N 121 
GLY HA3  H  N N 122 
GLY HXT  H  N N 123 
GOL C1   C  N N 124 
GOL O1   O  N N 125 
GOL C2   C  N N 126 
GOL O2   O  N N 127 
GOL C3   C  N N 128 
GOL O3   O  N N 129 
GOL H11  H  N N 130 
GOL H12  H  N N 131 
GOL HO1  H  N N 132 
GOL H2   H  N N 133 
GOL HO2  H  N N 134 
GOL H31  H  N N 135 
GOL H32  H  N N 136 
GOL HO3  H  N N 137 
HIS N    N  N N 138 
HIS CA   C  N S 139 
HIS C    C  N N 140 
HIS O    O  N N 141 
HIS CB   C  N N 142 
HIS CG   C  Y N 143 
HIS ND1  N  Y N 144 
HIS CD2  C  Y N 145 
HIS CE1  C  Y N 146 
HIS NE2  N  Y N 147 
HIS OXT  O  N N 148 
HIS H    H  N N 149 
HIS H2   H  N N 150 
HIS HA   H  N N 151 
HIS HB2  H  N N 152 
HIS HB3  H  N N 153 
HIS HD1  H  N N 154 
HIS HD2  H  N N 155 
HIS HE1  H  N N 156 
HIS HE2  H  N N 157 
HIS HXT  H  N N 158 
HOH O    O  N N 159 
HOH H1   H  N N 160 
HOH H2   H  N N 161 
ILE N    N  N N 162 
ILE CA   C  N S 163 
ILE C    C  N N 164 
ILE O    O  N N 165 
ILE CB   C  N S 166 
ILE CG1  C  N N 167 
ILE CG2  C  N N 168 
ILE CD1  C  N N 169 
ILE OXT  O  N N 170 
ILE H    H  N N 171 
ILE H2   H  N N 172 
ILE HA   H  N N 173 
ILE HB   H  N N 174 
ILE HG12 H  N N 175 
ILE HG13 H  N N 176 
ILE HG21 H  N N 177 
ILE HG22 H  N N 178 
ILE HG23 H  N N 179 
ILE HD11 H  N N 180 
ILE HD12 H  N N 181 
ILE HD13 H  N N 182 
ILE HXT  H  N N 183 
LEU N    N  N N 184 
LEU CA   C  N S 185 
LEU C    C  N N 186 
LEU O    O  N N 187 
LEU CB   C  N N 188 
LEU CG   C  N N 189 
LEU CD1  C  N N 190 
LEU CD2  C  N N 191 
LEU OXT  O  N N 192 
LEU H    H  N N 193 
LEU H2   H  N N 194 
LEU HA   H  N N 195 
LEU HB2  H  N N 196 
LEU HB3  H  N N 197 
LEU HG   H  N N 198 
LEU HD11 H  N N 199 
LEU HD12 H  N N 200 
LEU HD13 H  N N 201 
LEU HD21 H  N N 202 
LEU HD22 H  N N 203 
LEU HD23 H  N N 204 
LEU HXT  H  N N 205 
LYS N    N  N N 206 
LYS CA   C  N S 207 
LYS C    C  N N 208 
LYS O    O  N N 209 
LYS CB   C  N N 210 
LYS CG   C  N N 211 
LYS CD   C  N N 212 
LYS CE   C  N N 213 
LYS NZ   N  N N 214 
LYS OXT  O  N N 215 
LYS H    H  N N 216 
LYS H2   H  N N 217 
LYS HA   H  N N 218 
LYS HB2  H  N N 219 
LYS HB3  H  N N 220 
LYS HG2  H  N N 221 
LYS HG3  H  N N 222 
LYS HD2  H  N N 223 
LYS HD3  H  N N 224 
LYS HE2  H  N N 225 
LYS HE3  H  N N 226 
LYS HZ1  H  N N 227 
LYS HZ2  H  N N 228 
LYS HZ3  H  N N 229 
LYS HXT  H  N N 230 
MET N    N  N N 231 
MET CA   C  N S 232 
MET C    C  N N 233 
MET O    O  N N 234 
MET CB   C  N N 235 
MET CG   C  N N 236 
MET SD   S  N N 237 
MET CE   C  N N 238 
MET OXT  O  N N 239 
MET H    H  N N 240 
MET H2   H  N N 241 
MET HA   H  N N 242 
MET HB2  H  N N 243 
MET HB3  H  N N 244 
MET HG2  H  N N 245 
MET HG3  H  N N 246 
MET HE1  H  N N 247 
MET HE2  H  N N 248 
MET HE3  H  N N 249 
MET HXT  H  N N 250 
PHE N    N  N N 251 
PHE CA   C  N S 252 
PHE C    C  N N 253 
PHE O    O  N N 254 
PHE CB   C  N N 255 
PHE CG   C  Y N 256 
PHE CD1  C  Y N 257 
PHE CD2  C  Y N 258 
PHE CE1  C  Y N 259 
PHE CE2  C  Y N 260 
PHE CZ   C  Y N 261 
PHE OXT  O  N N 262 
PHE H    H  N N 263 
PHE H2   H  N N 264 
PHE HA   H  N N 265 
PHE HB2  H  N N 266 
PHE HB3  H  N N 267 
PHE HD1  H  N N 268 
PHE HD2  H  N N 269 
PHE HE1  H  N N 270 
PHE HE2  H  N N 271 
PHE HZ   H  N N 272 
PHE HXT  H  N N 273 
PRO N    N  N N 274 
PRO CA   C  N S 275 
PRO C    C  N N 276 
PRO O    O  N N 277 
PRO CB   C  N N 278 
PRO CG   C  N N 279 
PRO CD   C  N N 280 
PRO OXT  O  N N 281 
PRO H    H  N N 282 
PRO HA   H  N N 283 
PRO HB2  H  N N 284 
PRO HB3  H  N N 285 
PRO HG2  H  N N 286 
PRO HG3  H  N N 287 
PRO HD2  H  N N 288 
PRO HD3  H  N N 289 
PRO HXT  H  N N 290 
SER N    N  N N 291 
SER CA   C  N S 292 
SER C    C  N N 293 
SER O    O  N N 294 
SER CB   C  N N 295 
SER OG   O  N N 296 
SER OXT  O  N N 297 
SER H    H  N N 298 
SER H2   H  N N 299 
SER HA   H  N N 300 
SER HB2  H  N N 301 
SER HB3  H  N N 302 
SER HG   H  N N 303 
SER HXT  H  N N 304 
THR N    N  N N 305 
THR CA   C  N S 306 
THR C    C  N N 307 
THR O    O  N N 308 
THR CB   C  N R 309 
THR OG1  O  N N 310 
THR CG2  C  N N 311 
THR OXT  O  N N 312 
THR H    H  N N 313 
THR H2   H  N N 314 
THR HA   H  N N 315 
THR HB   H  N N 316 
THR HG1  H  N N 317 
THR HG21 H  N N 318 
THR HG22 H  N N 319 
THR HG23 H  N N 320 
THR HXT  H  N N 321 
TYR N    N  N N 322 
TYR CA   C  N S 323 
TYR C    C  N N 324 
TYR O    O  N N 325 
TYR CB   C  N N 326 
TYR CG   C  Y N 327 
TYR CD1  C  Y N 328 
TYR CD2  C  Y N 329 
TYR CE1  C  Y N 330 
TYR CE2  C  Y N 331 
TYR CZ   C  Y N 332 
TYR OH   O  N N 333 
TYR OXT  O  N N 334 
TYR H    H  N N 335 
TYR H2   H  N N 336 
TYR HA   H  N N 337 
TYR HB2  H  N N 338 
TYR HB3  H  N N 339 
TYR HD1  H  N N 340 
TYR HD2  H  N N 341 
TYR HE1  H  N N 342 
TYR HE2  H  N N 343 
TYR HH   H  N N 344 
TYR HXT  H  N N 345 
VAL N    N  N N 346 
VAL CA   C  N S 347 
VAL C    C  N N 348 
VAL O    O  N N 349 
VAL CB   C  N N 350 
VAL CG1  C  N N 351 
VAL CG2  C  N N 352 
VAL OXT  O  N N 353 
VAL H    H  N N 354 
VAL H2   H  N N 355 
VAL HA   H  N N 356 
VAL HB   H  N N 357 
VAL HG11 H  N N 358 
VAL HG12 H  N N 359 
VAL HG13 H  N N 360 
VAL HG21 H  N N 361 
VAL HG22 H  N N 362 
VAL HG23 H  N N 363 
VAL HXT  H  N N 364 
# 
loop_
_chem_comp_bond.comp_id 
_chem_comp_bond.atom_id_1 
_chem_comp_bond.atom_id_2 
_chem_comp_bond.value_order 
_chem_comp_bond.pdbx_aromatic_flag 
_chem_comp_bond.pdbx_stereo_config 
_chem_comp_bond.pdbx_ordinal 
ALA N   CA   sing N N 1   
ALA N   H    sing N N 2   
ALA N   H2   sing N N 3   
ALA CA  C    sing N N 4   
ALA CA  CB   sing N N 5   
ALA CA  HA   sing N N 6   
ALA C   O    doub N N 7   
ALA C   OXT  sing N N 8   
ALA CB  HB1  sing N N 9   
ALA CB  HB2  sing N N 10  
ALA CB  HB3  sing N N 11  
ALA OXT HXT  sing N N 12  
ARG N   CA   sing N N 13  
ARG N   H    sing N N 14  
ARG N   H2   sing N N 15  
ARG CA  C    sing N N 16  
ARG CA  CB   sing N N 17  
ARG CA  HA   sing N N 18  
ARG C   O    doub N N 19  
ARG C   OXT  sing N N 20  
ARG CB  CG   sing N N 21  
ARG CB  HB2  sing N N 22  
ARG CB  HB3  sing N N 23  
ARG CG  CD   sing N N 24  
ARG CG  HG2  sing N N 25  
ARG CG  HG3  sing N N 26  
ARG CD  NE   sing N N 27  
ARG CD  HD2  sing N N 28  
ARG CD  HD3  sing N N 29  
ARG NE  CZ   sing N N 30  
ARG NE  HE   sing N N 31  
ARG CZ  NH1  sing N N 32  
ARG CZ  NH2  doub N N 33  
ARG NH1 HH11 sing N N 34  
ARG NH1 HH12 sing N N 35  
ARG NH2 HH21 sing N N 36  
ARG NH2 HH22 sing N N 37  
ARG OXT HXT  sing N N 38  
ASN N   CA   sing N N 39  
ASN N   H    sing N N 40  
ASN N   H2   sing N N 41  
ASN CA  C    sing N N 42  
ASN CA  CB   sing N N 43  
ASN CA  HA   sing N N 44  
ASN C   O    doub N N 45  
ASN C   OXT  sing N N 46  
ASN CB  CG   sing N N 47  
ASN CB  HB2  sing N N 48  
ASN CB  HB3  sing N N 49  
ASN CG  OD1  doub N N 50  
ASN CG  ND2  sing N N 51  
ASN ND2 HD21 sing N N 52  
ASN ND2 HD22 sing N N 53  
ASN OXT HXT  sing N N 54  
ASP N   CA   sing N N 55  
ASP N   H    sing N N 56  
ASP N   H2   sing N N 57  
ASP CA  C    sing N N 58  
ASP CA  CB   sing N N 59  
ASP CA  HA   sing N N 60  
ASP C   O    doub N N 61  
ASP C   OXT  sing N N 62  
ASP CB  CG   sing N N 63  
ASP CB  HB2  sing N N 64  
ASP CB  HB3  sing N N 65  
ASP CG  OD1  doub N N 66  
ASP CG  OD2  sing N N 67  
ASP OD2 HD2  sing N N 68  
ASP OXT HXT  sing N N 69  
GLN N   CA   sing N N 70  
GLN N   H    sing N N 71  
GLN N   H2   sing N N 72  
GLN CA  C    sing N N 73  
GLN CA  CB   sing N N 74  
GLN CA  HA   sing N N 75  
GLN C   O    doub N N 76  
GLN C   OXT  sing N N 77  
GLN CB  CG   sing N N 78  
GLN CB  HB2  sing N N 79  
GLN CB  HB3  sing N N 80  
GLN CG  CD   sing N N 81  
GLN CG  HG2  sing N N 82  
GLN CG  HG3  sing N N 83  
GLN CD  OE1  doub N N 84  
GLN CD  NE2  sing N N 85  
GLN NE2 HE21 sing N N 86  
GLN NE2 HE22 sing N N 87  
GLN OXT HXT  sing N N 88  
GLU N   CA   sing N N 89  
GLU N   H    sing N N 90  
GLU N   H2   sing N N 91  
GLU CA  C    sing N N 92  
GLU CA  CB   sing N N 93  
GLU CA  HA   sing N N 94  
GLU C   O    doub N N 95  
GLU C   OXT  sing N N 96  
GLU CB  CG   sing N N 97  
GLU CB  HB2  sing N N 98  
GLU CB  HB3  sing N N 99  
GLU CG  CD   sing N N 100 
GLU CG  HG2  sing N N 101 
GLU CG  HG3  sing N N 102 
GLU CD  OE1  doub N N 103 
GLU CD  OE2  sing N N 104 
GLU OE2 HE2  sing N N 105 
GLU OXT HXT  sing N N 106 
GLY N   CA   sing N N 107 
GLY N   H    sing N N 108 
GLY N   H2   sing N N 109 
GLY CA  C    sing N N 110 
GLY CA  HA2  sing N N 111 
GLY CA  HA3  sing N N 112 
GLY C   O    doub N N 113 
GLY C   OXT  sing N N 114 
GLY OXT HXT  sing N N 115 
GOL C1  O1   sing N N 116 
GOL C1  C2   sing N N 117 
GOL C1  H11  sing N N 118 
GOL C1  H12  sing N N 119 
GOL O1  HO1  sing N N 120 
GOL C2  O2   sing N N 121 
GOL C2  C3   sing N N 122 
GOL C2  H2   sing N N 123 
GOL O2  HO2  sing N N 124 
GOL C3  O3   sing N N 125 
GOL C3  H31  sing N N 126 
GOL C3  H32  sing N N 127 
GOL O3  HO3  sing N N 128 
HIS N   CA   sing N N 129 
HIS N   H    sing N N 130 
HIS N   H2   sing N N 131 
HIS CA  C    sing N N 132 
HIS CA  CB   sing N N 133 
HIS CA  HA   sing N N 134 
HIS C   O    doub N N 135 
HIS C   OXT  sing N N 136 
HIS CB  CG   sing N N 137 
HIS CB  HB2  sing N N 138 
HIS CB  HB3  sing N N 139 
HIS CG  ND1  sing Y N 140 
HIS CG  CD2  doub Y N 141 
HIS ND1 CE1  doub Y N 142 
HIS ND1 HD1  sing N N 143 
HIS CD2 NE2  sing Y N 144 
HIS CD2 HD2  sing N N 145 
HIS CE1 NE2  sing Y N 146 
HIS CE1 HE1  sing N N 147 
HIS NE2 HE2  sing N N 148 
HIS OXT HXT  sing N N 149 
HOH O   H1   sing N N 150 
HOH O   H2   sing N N 151 
ILE N   CA   sing N N 152 
ILE N   H    sing N N 153 
ILE N   H2   sing N N 154 
ILE CA  C    sing N N 155 
ILE CA  CB   sing N N 156 
ILE CA  HA   sing N N 157 
ILE C   O    doub N N 158 
ILE C   OXT  sing N N 159 
ILE CB  CG1  sing N N 160 
ILE CB  CG2  sing N N 161 
ILE CB  HB   sing N N 162 
ILE CG1 CD1  sing N N 163 
ILE CG1 HG12 sing N N 164 
ILE CG1 HG13 sing N N 165 
ILE CG2 HG21 sing N N 166 
ILE CG2 HG22 sing N N 167 
ILE CG2 HG23 sing N N 168 
ILE CD1 HD11 sing N N 169 
ILE CD1 HD12 sing N N 170 
ILE CD1 HD13 sing N N 171 
ILE OXT HXT  sing N N 172 
LEU N   CA   sing N N 173 
LEU N   H    sing N N 174 
LEU N   H2   sing N N 175 
LEU CA  C    sing N N 176 
LEU CA  CB   sing N N 177 
LEU CA  HA   sing N N 178 
LEU C   O    doub N N 179 
LEU C   OXT  sing N N 180 
LEU CB  CG   sing N N 181 
LEU CB  HB2  sing N N 182 
LEU CB  HB3  sing N N 183 
LEU CG  CD1  sing N N 184 
LEU CG  CD2  sing N N 185 
LEU CG  HG   sing N N 186 
LEU CD1 HD11 sing N N 187 
LEU CD1 HD12 sing N N 188 
LEU CD1 HD13 sing N N 189 
LEU CD2 HD21 sing N N 190 
LEU CD2 HD22 sing N N 191 
LEU CD2 HD23 sing N N 192 
LEU OXT HXT  sing N N 193 
LYS N   CA   sing N N 194 
LYS N   H    sing N N 195 
LYS N   H2   sing N N 196 
LYS CA  C    sing N N 197 
LYS CA  CB   sing N N 198 
LYS CA  HA   sing N N 199 
LYS C   O    doub N N 200 
LYS C   OXT  sing N N 201 
LYS CB  CG   sing N N 202 
LYS CB  HB2  sing N N 203 
LYS CB  HB3  sing N N 204 
LYS CG  CD   sing N N 205 
LYS CG  HG2  sing N N 206 
LYS CG  HG3  sing N N 207 
LYS CD  CE   sing N N 208 
LYS CD  HD2  sing N N 209 
LYS CD  HD3  sing N N 210 
LYS CE  NZ   sing N N 211 
LYS CE  HE2  sing N N 212 
LYS CE  HE3  sing N N 213 
LYS NZ  HZ1  sing N N 214 
LYS NZ  HZ2  sing N N 215 
LYS NZ  HZ3  sing N N 216 
LYS OXT HXT  sing N N 217 
MET N   CA   sing N N 218 
MET N   H    sing N N 219 
MET N   H2   sing N N 220 
MET CA  C    sing N N 221 
MET CA  CB   sing N N 222 
MET CA  HA   sing N N 223 
MET C   O    doub N N 224 
MET C   OXT  sing N N 225 
MET CB  CG   sing N N 226 
MET CB  HB2  sing N N 227 
MET CB  HB3  sing N N 228 
MET CG  SD   sing N N 229 
MET CG  HG2  sing N N 230 
MET CG  HG3  sing N N 231 
MET SD  CE   sing N N 232 
MET CE  HE1  sing N N 233 
MET CE  HE2  sing N N 234 
MET CE  HE3  sing N N 235 
MET OXT HXT  sing N N 236 
PHE N   CA   sing N N 237 
PHE N   H    sing N N 238 
PHE N   H2   sing N N 239 
PHE CA  C    sing N N 240 
PHE CA  CB   sing N N 241 
PHE CA  HA   sing N N 242 
PHE C   O    doub N N 243 
PHE C   OXT  sing N N 244 
PHE CB  CG   sing N N 245 
PHE CB  HB2  sing N N 246 
PHE CB  HB3  sing N N 247 
PHE CG  CD1  doub Y N 248 
PHE CG  CD2  sing Y N 249 
PHE CD1 CE1  sing Y N 250 
PHE CD1 HD1  sing N N 251 
PHE CD2 CE2  doub Y N 252 
PHE CD2 HD2  sing N N 253 
PHE CE1 CZ   doub Y N 254 
PHE CE1 HE1  sing N N 255 
PHE CE2 CZ   sing Y N 256 
PHE CE2 HE2  sing N N 257 
PHE CZ  HZ   sing N N 258 
PHE OXT HXT  sing N N 259 
PRO N   CA   sing N N 260 
PRO N   CD   sing N N 261 
PRO N   H    sing N N 262 
PRO CA  C    sing N N 263 
PRO CA  CB   sing N N 264 
PRO CA  HA   sing N N 265 
PRO C   O    doub N N 266 
PRO C   OXT  sing N N 267 
PRO CB  CG   sing N N 268 
PRO CB  HB2  sing N N 269 
PRO CB  HB3  sing N N 270 
PRO CG  CD   sing N N 271 
PRO CG  HG2  sing N N 272 
PRO CG  HG3  sing N N 273 
PRO CD  HD2  sing N N 274 
PRO CD  HD3  sing N N 275 
PRO OXT HXT  sing N N 276 
SER N   CA   sing N N 277 
SER N   H    sing N N 278 
SER N   H2   sing N N 279 
SER CA  C    sing N N 280 
SER CA  CB   sing N N 281 
SER CA  HA   sing N N 282 
SER C   O    doub N N 283 
SER C   OXT  sing N N 284 
SER CB  OG   sing N N 285 
SER CB  HB2  sing N N 286 
SER CB  HB3  sing N N 287 
SER OG  HG   sing N N 288 
SER OXT HXT  sing N N 289 
THR N   CA   sing N N 290 
THR N   H    sing N N 291 
THR N   H2   sing N N 292 
THR CA  C    sing N N 293 
THR CA  CB   sing N N 294 
THR CA  HA   sing N N 295 
THR C   O    doub N N 296 
THR C   OXT  sing N N 297 
THR CB  OG1  sing N N 298 
THR CB  CG2  sing N N 299 
THR CB  HB   sing N N 300 
THR OG1 HG1  sing N N 301 
THR CG2 HG21 sing N N 302 
THR CG2 HG22 sing N N 303 
THR CG2 HG23 sing N N 304 
THR OXT HXT  sing N N 305 
TYR N   CA   sing N N 306 
TYR N   H    sing N N 307 
TYR N   H2   sing N N 308 
TYR CA  C    sing N N 309 
TYR CA  CB   sing N N 310 
TYR CA  HA   sing N N 311 
TYR C   O    doub N N 312 
TYR C   OXT  sing N N 313 
TYR CB  CG   sing N N 314 
TYR CB  HB2  sing N N 315 
TYR CB  HB3  sing N N 316 
TYR CG  CD1  doub Y N 317 
TYR CG  CD2  sing Y N 318 
TYR CD1 CE1  sing Y N 319 
TYR CD1 HD1  sing N N 320 
TYR CD2 CE2  doub Y N 321 
TYR CD2 HD2  sing N N 322 
TYR CE1 CZ   doub Y N 323 
TYR CE1 HE1  sing N N 324 
TYR CE2 CZ   sing Y N 325 
TYR CE2 HE2  sing N N 326 
TYR CZ  OH   sing N N 327 
TYR OH  HH   sing N N 328 
TYR OXT HXT  sing N N 329 
VAL N   CA   sing N N 330 
VAL N   H    sing N N 331 
VAL N   H2   sing N N 332 
VAL CA  C    sing N N 333 
VAL CA  CB   sing N N 334 
VAL CA  HA   sing N N 335 
VAL C   O    doub N N 336 
VAL C   OXT  sing N N 337 
VAL CB  CG1  sing N N 338 
VAL CB  CG2  sing N N 339 
VAL CB  HB   sing N N 340 
VAL CG1 HG11 sing N N 341 
VAL CG1 HG12 sing N N 342 
VAL CG1 HG13 sing N N 343 
VAL CG2 HG21 sing N N 344 
VAL CG2 HG22 sing N N 345 
VAL CG2 HG23 sing N N 346 
VAL OXT HXT  sing N N 347 
# 
loop_
_pdbx_entity_nonpoly.entity_id 
_pdbx_entity_nonpoly.name 
_pdbx_entity_nonpoly.comp_id 
2 'CALCIUM ION' CA  
3 GLYCEROL      GOL 
4 water         HOH 
# 
_pdbx_initial_refinement_model.id               1 
_pdbx_initial_refinement_model.entity_id_list   ? 
_pdbx_initial_refinement_model.type             'experimental model' 
_pdbx_initial_refinement_model.source_name      PDB 
_pdbx_initial_refinement_model.accession_code   4M01 
_pdbx_initial_refinement_model.details          ? 
# 
